data_8DQA
# 
_entry.id   8DQA 
# 
_audit_conform.dict_name       mmcif_pdbx.dic 
_audit_conform.dict_version    5.395 
_audit_conform.dict_location   http://mmcif.pdb.org/dictionaries/ascii/mmcif_pdbx.dic 
# 
loop_
_database_2.database_id 
_database_2.database_code 
_database_2.pdbx_database_accession 
_database_2.pdbx_DOI 
PDB   8DQA         pdb_00008dqa 10.2210/pdb8dqa/pdb 
WWPDB D_1000265898 ?            ?                   
# 
loop_
_pdbx_audit_revision_history.ordinal 
_pdbx_audit_revision_history.data_content_type 
_pdbx_audit_revision_history.major_revision 
_pdbx_audit_revision_history.minor_revision 
_pdbx_audit_revision_history.revision_date 
1 'Structure model' 1 0 2023-07-26 
2 'Structure model' 1 1 2024-05-22 
3 'Structure model' 1 2 2024-07-03 
# 
_pdbx_audit_revision_details.ordinal             1 
_pdbx_audit_revision_details.revision_ordinal    1 
_pdbx_audit_revision_details.data_content_type   'Structure model' 
_pdbx_audit_revision_details.provider            repository 
_pdbx_audit_revision_details.type                'Initial release' 
_pdbx_audit_revision_details.description         ? 
_pdbx_audit_revision_details.details             ? 
# 
loop_
_pdbx_audit_revision_group.ordinal 
_pdbx_audit_revision_group.revision_ordinal 
_pdbx_audit_revision_group.data_content_type 
_pdbx_audit_revision_group.group 
1 2 'Structure model' 'Data collection'     
2 3 'Structure model' 'Database references' 
# 
loop_
_pdbx_audit_revision_category.ordinal 
_pdbx_audit_revision_category.revision_ordinal 
_pdbx_audit_revision_category.data_content_type 
_pdbx_audit_revision_category.category 
1 2 'Structure model' chem_comp_atom  
2 2 'Structure model' chem_comp_bond  
3 3 'Structure model' citation        
4 3 'Structure model' citation_author 
# 
loop_
_pdbx_audit_revision_item.ordinal 
_pdbx_audit_revision_item.revision_ordinal 
_pdbx_audit_revision_item.data_content_type 
_pdbx_audit_revision_item.item 
1  3 'Structure model' '_citation.country'                 
2  3 'Structure model' '_citation.journal_abbrev'          
3  3 'Structure model' '_citation.journal_id_CSD'          
4  3 'Structure model' '_citation.journal_id_ISSN'         
5  3 'Structure model' '_citation.journal_volume'          
6  3 'Structure model' '_citation.page_first'              
7  3 'Structure model' '_citation.page_last'               
8  3 'Structure model' '_citation.pdbx_database_id_DOI'    
9  3 'Structure model' '_citation.pdbx_database_id_PubMed' 
10 3 'Structure model' '_citation.title'                   
11 3 'Structure model' '_citation.year'                    
# 
_pdbx_database_status.status_code                     REL 
_pdbx_database_status.status_code_sf                  REL 
_pdbx_database_status.status_code_mr                  ? 
_pdbx_database_status.entry_id                        8DQA 
_pdbx_database_status.recvd_initial_deposition_date   2022-07-18 
_pdbx_database_status.SG_entry                        N 
_pdbx_database_status.deposit_site                    RCSB 
_pdbx_database_status.process_site                    RCSB 
_pdbx_database_status.status_code_cs                  ? 
_pdbx_database_status.status_code_nmr_data            ? 
_pdbx_database_status.methods_development_category    ? 
_pdbx_database_status.pdb_format_compatible           Y 
# 
_pdbx_contact_author.id                 3 
_pdbx_contact_author.email              elias.lolis@yale.edu 
_pdbx_contact_author.name_first         Elias 
_pdbx_contact_author.name_last          Lolis 
_pdbx_contact_author.name_mi            J 
_pdbx_contact_author.role               'principal investigator/group leader' 
_pdbx_contact_author.identifier_ORCID   0000-0002-7902-7868 
# 
loop_
_audit_author.name 
_audit_author.pdbx_ordinal 
_audit_author.identifier_ORCID 
'Manjula, R.' 1 ? 
'Basquin, J.' 2 ? 
'Lolis, E.'   3 ? 
# 
_citation.abstract                  ? 
_citation.abstract_id_CAS           ? 
_citation.book_id_ISBN              ? 
_citation.book_publisher            ? 
_citation.book_publisher_city       ? 
_citation.book_title                ? 
_citation.coordinate_linkage        ? 
_citation.country                   US 
_citation.database_id_Medline       ? 
_citation.details                   ? 
_citation.id                        primary 
_citation.journal_abbrev            Sci.Signal. 
_citation.journal_id_ASTM           ? 
_citation.journal_id_CSD            ? 
_citation.journal_id_ISSN           1937-9145 
_citation.journal_full              ? 
_citation.journal_issue             ? 
_citation.journal_volume            16 
_citation.language                  ? 
_citation.page_first                eadg2621 
_citation.page_last                 eadg2621 
_citation.title                     
'Plant MDL proteins synergize with the cytokine MIF at CXCR2 and CXCR4 receptors in human cells.' 
_citation.year                      2023 
_citation.database_id_CSD           ? 
_citation.pdbx_database_id_DOI      10.1126/scisignal.adg2621 
_citation.pdbx_database_id_PubMed   37988455 
_citation.pdbx_database_id_patent   ? 
_citation.unpublished_flag          ? 
# 
loop_
_citation_author.citation_id 
_citation_author.name 
_citation_author.ordinal 
_citation_author.identifier_ORCID 
primary 'Spiller, L.'    1  0000-0002-7214-1983 
primary 'Manjula, R.'    2  0000-0002-2237-2599 
primary 'Leissing, F.'   3  0000-0002-9746-7162 
primary 'Basquin, J.'    4  ?                   
primary 'Bourilhon, P.'  5  0000-0002-0693-4467 
primary 'Sinitski, D.'   6  ?                   
primary 'Brandhofer, M.' 7  0000-0002-1629-8353 
primary 'Levecque, S.'   8  0000-0002-2056-1193 
primary 'Gerra, S.'      9  0009-0005-6061-5124 
primary 'Sabelleck, B.'  10 0000-0003-4552-7589 
primary 'Zhang, L.'      11 0000-0001-8463-2141 
primary 'Feederle, R.'   12 0000-0002-3981-367X 
primary 'Flatley, A.'    13 0000-0001-7822-132X 
primary 'Hoffmann, A.'   14 ?                   
primary 'Panstruga, R.'  15 0000-0002-3756-8957 
primary 'Bernhagen, J.'  16 0000-0003-2996-2652 
primary 'Lolis, E.'      17 0000-0002-7902-7868 
# 
loop_
_entity.id 
_entity.type 
_entity.src_method 
_entity.pdbx_description 
_entity.formula_weight 
_entity.pdbx_number_of_molecules 
_entity.pdbx_ec 
_entity.pdbx_mutation 
_entity.pdbx_fragment 
_entity.details 
1 polymer man 'LS1-like protein' 10912.660 1  ? ? ? ? 
2 water   nat water              18.015    32 ? ? ? ? 
# 
_entity_poly.entity_id                      1 
_entity_poly.type                           'polypeptide(L)' 
_entity_poly.nstd_linkage                   no 
_entity_poly.nstd_monomer                   no 
_entity_poly.pdbx_seq_one_letter_code       
;PCLYITTNVNFDGVNTDPFYSEVTKAVASIVGRPQNLVMVVLKGSVEIVFGGNKEAAAYAEIVSMGGITKQVKRELIATV
GSILHTHFSIHPTRFIFKVF
;
_entity_poly.pdbx_seq_one_letter_code_can   
;PCLYITTNVNFDGVNTDPFYSEVTKAVASIVGRPQNLVMVVLKGSVEIVFGGNKEAAAYAEIVSMGGITKQVKRELIATV
GSILHTHFSIHPTRFIFKVF
;
_entity_poly.pdbx_strand_id                 A 
_entity_poly.pdbx_target_identifier         ? 
# 
_pdbx_entity_nonpoly.entity_id   2 
_pdbx_entity_nonpoly.name        water 
_pdbx_entity_nonpoly.comp_id     HOH 
# 
loop_
_entity_poly_seq.entity_id 
_entity_poly_seq.num 
_entity_poly_seq.mon_id 
_entity_poly_seq.hetero 
1 1   PRO n 
1 2   CYS n 
1 3   LEU n 
1 4   TYR n 
1 5   ILE n 
1 6   THR n 
1 7   THR n 
1 8   ASN n 
1 9   VAL n 
1 10  ASN n 
1 11  PHE n 
1 12  ASP n 
1 13  GLY n 
1 14  VAL n 
1 15  ASN n 
1 16  THR n 
1 17  ASP n 
1 18  PRO n 
1 19  PHE n 
1 20  TYR n 
1 21  SER n 
1 22  GLU n 
1 23  VAL n 
1 24  THR n 
1 25  LYS n 
1 26  ALA n 
1 27  VAL n 
1 28  ALA n 
1 29  SER n 
1 30  ILE n 
1 31  VAL n 
1 32  GLY n 
1 33  ARG n 
1 34  PRO n 
1 35  GLN n 
1 36  ASN n 
1 37  LEU n 
1 38  VAL n 
1 39  MET n 
1 40  VAL n 
1 41  VAL n 
1 42  LEU n 
1 43  LYS n 
1 44  GLY n 
1 45  SER n 
1 46  VAL n 
1 47  GLU n 
1 48  ILE n 
1 49  VAL n 
1 50  PHE n 
1 51  GLY n 
1 52  GLY n 
1 53  ASN n 
1 54  LYS n 
1 55  GLU n 
1 56  ALA n 
1 57  ALA n 
1 58  ALA n 
1 59  TYR n 
1 60  ALA n 
1 61  GLU n 
1 62  ILE n 
1 63  VAL n 
1 64  SER n 
1 65  MET n 
1 66  GLY n 
1 67  GLY n 
1 68  ILE n 
1 69  THR n 
1 70  LYS n 
1 71  GLN n 
1 72  VAL n 
1 73  LYS n 
1 74  ARG n 
1 75  GLU n 
1 76  LEU n 
1 77  ILE n 
1 78  ALA n 
1 79  THR n 
1 80  VAL n 
1 81  GLY n 
1 82  SER n 
1 83  ILE n 
1 84  LEU n 
1 85  HIS n 
1 86  THR n 
1 87  HIS n 
1 88  PHE n 
1 89  SER n 
1 90  ILE n 
1 91  HIS n 
1 92  PRO n 
1 93  THR n 
1 94  ARG n 
1 95  PHE n 
1 96  ILE n 
1 97  PHE n 
1 98  LYS n 
1 99  VAL n 
1 100 PHE n 
# 
_entity_src_gen.entity_id                          1 
_entity_src_gen.pdbx_src_id                        1 
_entity_src_gen.pdbx_alt_source_flag               sample 
_entity_src_gen.pdbx_seq_type                      'Biological sequence' 
_entity_src_gen.pdbx_beg_seq_num                   1 
_entity_src_gen.pdbx_end_seq_num                   100 
_entity_src_gen.gene_src_common_name               'thale cress' 
_entity_src_gen.gene_src_genus                     ? 
_entity_src_gen.pdbx_gene_src_gene                 'T18N14.40, At3g51660' 
_entity_src_gen.gene_src_species                   ? 
_entity_src_gen.gene_src_strain                    ? 
_entity_src_gen.gene_src_tissue                    ? 
_entity_src_gen.gene_src_tissue_fraction           ? 
_entity_src_gen.gene_src_details                   ? 
_entity_src_gen.pdbx_gene_src_fragment             ? 
_entity_src_gen.pdbx_gene_src_scientific_name      'Arabidopsis thaliana' 
_entity_src_gen.pdbx_gene_src_ncbi_taxonomy_id     3702 
_entity_src_gen.pdbx_gene_src_variant              ? 
_entity_src_gen.pdbx_gene_src_cell_line            ? 
_entity_src_gen.pdbx_gene_src_atcc                 ? 
_entity_src_gen.pdbx_gene_src_organ                ? 
_entity_src_gen.pdbx_gene_src_organelle            ? 
_entity_src_gen.pdbx_gene_src_cell                 ? 
_entity_src_gen.pdbx_gene_src_cellular_location    ? 
_entity_src_gen.host_org_common_name               ? 
_entity_src_gen.pdbx_host_org_scientific_name      'Escherichia coli BL21' 
_entity_src_gen.pdbx_host_org_ncbi_taxonomy_id     511693 
_entity_src_gen.host_org_genus                     ? 
_entity_src_gen.pdbx_host_org_gene                 ? 
_entity_src_gen.pdbx_host_org_organ                ? 
_entity_src_gen.host_org_species                   ? 
_entity_src_gen.pdbx_host_org_tissue               ? 
_entity_src_gen.pdbx_host_org_tissue_fraction      ? 
_entity_src_gen.pdbx_host_org_strain               ? 
_entity_src_gen.pdbx_host_org_variant              ? 
_entity_src_gen.pdbx_host_org_cell_line            ? 
_entity_src_gen.pdbx_host_org_atcc                 ? 
_entity_src_gen.pdbx_host_org_culture_collection   ? 
_entity_src_gen.pdbx_host_org_cell                 ? 
_entity_src_gen.pdbx_host_org_organelle            ? 
_entity_src_gen.pdbx_host_org_cellular_location    ? 
_entity_src_gen.pdbx_host_org_vector_type          ? 
_entity_src_gen.pdbx_host_org_vector               ? 
_entity_src_gen.host_org_details                   ? 
_entity_src_gen.expression_system_id               ? 
_entity_src_gen.plasmid_name                       ? 
_entity_src_gen.plasmid_details                    ? 
_entity_src_gen.pdbx_description                   ? 
# 
loop_
_chem_comp.id 
_chem_comp.type 
_chem_comp.mon_nstd_flag 
_chem_comp.name 
_chem_comp.pdbx_synonyms 
_chem_comp.formula 
_chem_comp.formula_weight 
ALA 'L-peptide linking' y ALANINE         ? 'C3 H7 N O2'     89.093  
ARG 'L-peptide linking' y ARGININE        ? 'C6 H15 N4 O2 1' 175.209 
ASN 'L-peptide linking' y ASPARAGINE      ? 'C4 H8 N2 O3'    132.118 
ASP 'L-peptide linking' y 'ASPARTIC ACID' ? 'C4 H7 N O4'     133.103 
CYS 'L-peptide linking' y CYSTEINE        ? 'C3 H7 N O2 S'   121.158 
GLN 'L-peptide linking' y GLUTAMINE       ? 'C5 H10 N2 O3'   146.144 
GLU 'L-peptide linking' y 'GLUTAMIC ACID' ? 'C5 H9 N O4'     147.129 
GLY 'peptide linking'   y GLYCINE         ? 'C2 H5 N O2'     75.067  
HIS 'L-peptide linking' y HISTIDINE       ? 'C6 H10 N3 O2 1' 156.162 
HOH non-polymer         . WATER           ? 'H2 O'           18.015  
ILE 'L-peptide linking' y ISOLEUCINE      ? 'C6 H13 N O2'    131.173 
LEU 'L-peptide linking' y LEUCINE         ? 'C6 H13 N O2'    131.173 
LYS 'L-peptide linking' y LYSINE          ? 'C6 H15 N2 O2 1' 147.195 
MET 'L-peptide linking' y METHIONINE      ? 'C5 H11 N O2 S'  149.211 
PHE 'L-peptide linking' y PHENYLALANINE   ? 'C9 H11 N O2'    165.189 
PRO 'L-peptide linking' y PROLINE         ? 'C5 H9 N O2'     115.130 
SER 'L-peptide linking' y SERINE          ? 'C3 H7 N O3'     105.093 
THR 'L-peptide linking' y THREONINE       ? 'C4 H9 N O3'     119.119 
TYR 'L-peptide linking' y TYROSINE        ? 'C9 H11 N O3'    181.189 
VAL 'L-peptide linking' y VALINE          ? 'C5 H11 N O2'    117.146 
# 
loop_
_pdbx_poly_seq_scheme.asym_id 
_pdbx_poly_seq_scheme.entity_id 
_pdbx_poly_seq_scheme.seq_id 
_pdbx_poly_seq_scheme.mon_id 
_pdbx_poly_seq_scheme.ndb_seq_num 
_pdbx_poly_seq_scheme.pdb_seq_num 
_pdbx_poly_seq_scheme.auth_seq_num 
_pdbx_poly_seq_scheme.pdb_mon_id 
_pdbx_poly_seq_scheme.auth_mon_id 
_pdbx_poly_seq_scheme.pdb_strand_id 
_pdbx_poly_seq_scheme.pdb_ins_code 
_pdbx_poly_seq_scheme.hetero 
A 1 1   PRO 1   1   1   PRO PRO A . n 
A 1 2   CYS 2   2   2   CYS CYS A . n 
A 1 3   LEU 3   3   3   LEU LEU A . n 
A 1 4   TYR 4   4   4   TYR TYR A . n 
A 1 5   ILE 5   5   5   ILE ILE A . n 
A 1 6   THR 6   6   6   THR THR A . n 
A 1 7   THR 7   7   7   THR THR A . n 
A 1 8   ASN 8   8   8   ASN ASN A . n 
A 1 9   VAL 9   9   9   VAL VAL A . n 
A 1 10  ASN 10  10  10  ASN ASN A . n 
A 1 11  PHE 11  11  11  PHE PHE A . n 
A 1 12  ASP 12  12  12  ASP ASP A . n 
A 1 13  GLY 13  13  13  GLY GLY A . n 
A 1 14  VAL 14  14  14  VAL VAL A . n 
A 1 15  ASN 15  15  15  ASN ASN A . n 
A 1 16  THR 16  16  16  THR THR A . n 
A 1 17  ASP 17  17  17  ASP ASP A . n 
A 1 18  PRO 18  18  18  PRO PRO A . n 
A 1 19  PHE 19  19  19  PHE PHE A . n 
A 1 20  TYR 20  20  20  TYR TYR A . n 
A 1 21  SER 21  21  21  SER SER A . n 
A 1 22  GLU 22  22  22  GLU GLU A . n 
A 1 23  VAL 23  23  23  VAL VAL A . n 
A 1 24  THR 24  24  24  THR THR A . n 
A 1 25  LYS 25  25  25  LYS LYS A . n 
A 1 26  ALA 26  26  26  ALA ALA A . n 
A 1 27  VAL 27  27  27  VAL VAL A . n 
A 1 28  ALA 28  28  28  ALA ALA A . n 
A 1 29  SER 29  29  29  SER SER A . n 
A 1 30  ILE 30  30  30  ILE ILE A . n 
A 1 31  VAL 31  31  31  VAL VAL A . n 
A 1 32  GLY 32  32  32  GLY GLY A . n 
A 1 33  ARG 33  33  33  ARG ARG A . n 
A 1 34  PRO 34  34  34  PRO PRO A . n 
A 1 35  GLN 35  35  35  GLN GLN A . n 
A 1 36  ASN 36  36  36  ASN ASN A . n 
A 1 37  LEU 37  37  37  LEU LEU A . n 
A 1 38  VAL 38  38  38  VAL VAL A . n 
A 1 39  MET 39  39  39  MET MET A . n 
A 1 40  VAL 40  40  40  VAL VAL A . n 
A 1 41  VAL 41  41  41  VAL VAL A . n 
A 1 42  LEU 42  42  42  LEU LEU A . n 
A 1 43  LYS 43  43  43  LYS LYS A . n 
A 1 44  GLY 44  44  44  GLY GLY A . n 
A 1 45  SER 45  45  45  SER SER A . n 
A 1 46  VAL 46  46  46  VAL VAL A . n 
A 1 47  GLU 47  47  47  GLU GLU A . n 
A 1 48  ILE 48  48  48  ILE ILE A . n 
A 1 49  VAL 49  49  49  VAL VAL A . n 
A 1 50  PHE 50  50  50  PHE PHE A . n 
A 1 51  GLY 51  51  51  GLY GLY A . n 
A 1 52  GLY 52  52  52  GLY GLY A . n 
A 1 53  ASN 53  53  53  ASN ASN A . n 
A 1 54  LYS 54  54  54  LYS LYS A . n 
A 1 55  GLU 55  55  55  GLU GLU A . n 
A 1 56  ALA 56  56  56  ALA ALA A . n 
A 1 57  ALA 57  57  57  ALA ALA A . n 
A 1 58  ALA 58  58  58  ALA ALA A . n 
A 1 59  TYR 59  59  59  TYR TYR A . n 
A 1 60  ALA 60  60  60  ALA ALA A . n 
A 1 61  GLU 61  61  61  GLU GLU A . n 
A 1 62  ILE 62  62  62  ILE ILE A . n 
A 1 63  VAL 63  63  63  VAL VAL A . n 
A 1 64  SER 64  64  64  SER SER A . n 
A 1 65  MET 65  65  65  MET MET A . n 
A 1 66  GLY 66  66  66  GLY GLY A . n 
A 1 67  GLY 67  67  67  GLY GLY A . n 
A 1 68  ILE 68  68  68  ILE ILE A . n 
A 1 69  THR 69  69  69  THR THR A . n 
A 1 70  LYS 70  70  70  LYS LYS A . n 
A 1 71  GLN 71  71  71  GLN GLN A . n 
A 1 72  VAL 72  72  72  VAL VAL A . n 
A 1 73  LYS 73  73  73  LYS LYS A . n 
A 1 74  ARG 74  74  74  ARG ARG A . n 
A 1 75  GLU 75  75  75  GLU GLU A . n 
A 1 76  LEU 76  76  76  LEU LEU A . n 
A 1 77  ILE 77  77  77  ILE ILE A . n 
A 1 78  ALA 78  78  78  ALA ALA A . n 
A 1 79  THR 79  79  79  THR THR A . n 
A 1 80  VAL 80  80  80  VAL VAL A . n 
A 1 81  GLY 81  81  81  GLY GLY A . n 
A 1 82  SER 82  82  82  SER SER A . n 
A 1 83  ILE 83  83  83  ILE ILE A . n 
A 1 84  LEU 84  84  84  LEU LEU A . n 
A 1 85  HIS 85  85  85  HIS HIS A . n 
A 1 86  THR 86  86  86  THR THR A . n 
A 1 87  HIS 87  87  87  HIS HIS A . n 
A 1 88  PHE 88  88  88  PHE PHE A . n 
A 1 89  SER 89  89  89  SER SER A . n 
A 1 90  ILE 90  90  90  ILE ILE A . n 
A 1 91  HIS 91  91  91  HIS HIS A . n 
A 1 92  PRO 92  92  92  PRO PRO A . n 
A 1 93  THR 93  93  93  THR THR A . n 
A 1 94  ARG 94  94  94  ARG ARG A . n 
A 1 95  PHE 95  95  95  PHE PHE A . n 
A 1 96  ILE 96  96  96  ILE ILE A . n 
A 1 97  PHE 97  97  97  PHE PHE A . n 
A 1 98  LYS 98  98  98  LYS LYS A . n 
A 1 99  VAL 99  99  99  VAL VAL A . n 
A 1 100 PHE 100 100 100 PHE PHE A . n 
# 
loop_
_pdbx_nonpoly_scheme.asym_id 
_pdbx_nonpoly_scheme.entity_id 
_pdbx_nonpoly_scheme.mon_id 
_pdbx_nonpoly_scheme.ndb_seq_num 
_pdbx_nonpoly_scheme.pdb_seq_num 
_pdbx_nonpoly_scheme.auth_seq_num 
_pdbx_nonpoly_scheme.pdb_mon_id 
_pdbx_nonpoly_scheme.auth_mon_id 
_pdbx_nonpoly_scheme.pdb_strand_id 
_pdbx_nonpoly_scheme.pdb_ins_code 
B 2 HOH 1  201 12 HOH HOH A . 
B 2 HOH 2  202 2  HOH HOH A . 
B 2 HOH 3  203 1  HOH HOH A . 
B 2 HOH 4  204 4  HOH HOH A . 
B 2 HOH 5  205 9  HOH HOH A . 
B 2 HOH 6  206 3  HOH HOH A . 
B 2 HOH 7  207 15 HOH HOH A . 
B 2 HOH 8  208 20 HOH HOH A . 
B 2 HOH 9  209 31 HOH HOH A . 
B 2 HOH 10 210 18 HOH HOH A . 
B 2 HOH 11 211 13 HOH HOH A . 
B 2 HOH 12 212 37 HOH HOH A . 
B 2 HOH 13 213 10 HOH HOH A . 
B 2 HOH 14 214 5  HOH HOH A . 
B 2 HOH 15 215 17 HOH HOH A . 
B 2 HOH 16 216 11 HOH HOH A . 
B 2 HOH 17 217 6  HOH HOH A . 
B 2 HOH 18 218 36 HOH HOH A . 
B 2 HOH 19 219 7  HOH HOH A . 
B 2 HOH 20 220 38 HOH HOH A . 
B 2 HOH 21 221 16 HOH HOH A . 
B 2 HOH 22 222 19 HOH HOH A . 
B 2 HOH 23 223 25 HOH HOH A . 
B 2 HOH 24 224 28 HOH HOH A . 
B 2 HOH 25 225 32 HOH HOH A . 
B 2 HOH 26 226 21 HOH HOH A . 
B 2 HOH 27 227 39 HOH HOH A . 
B 2 HOH 28 228 26 HOH HOH A . 
B 2 HOH 29 229 14 HOH HOH A . 
B 2 HOH 30 230 22 HOH HOH A . 
B 2 HOH 31 231 40 HOH HOH A . 
B 2 HOH 32 232 8  HOH HOH A . 
# 
loop_
_pdbx_unobs_or_zero_occ_atoms.id 
_pdbx_unobs_or_zero_occ_atoms.PDB_model_num 
_pdbx_unobs_or_zero_occ_atoms.polymer_flag 
_pdbx_unobs_or_zero_occ_atoms.occupancy_flag 
_pdbx_unobs_or_zero_occ_atoms.auth_asym_id 
_pdbx_unobs_or_zero_occ_atoms.auth_comp_id 
_pdbx_unobs_or_zero_occ_atoms.auth_seq_id 
_pdbx_unobs_or_zero_occ_atoms.PDB_ins_code 
_pdbx_unobs_or_zero_occ_atoms.auth_atom_id 
_pdbx_unobs_or_zero_occ_atoms.label_alt_id 
_pdbx_unobs_or_zero_occ_atoms.label_asym_id 
_pdbx_unobs_or_zero_occ_atoms.label_comp_id 
_pdbx_unobs_or_zero_occ_atoms.label_seq_id 
_pdbx_unobs_or_zero_occ_atoms.label_atom_id 
1  1 Y 1 A LYS 25  ? CG  ? A LYS 25  CG  
2  1 Y 1 A LYS 25  ? CD  ? A LYS 25  CD  
3  1 Y 1 A LYS 25  ? CE  ? A LYS 25  CE  
4  1 Y 1 A LYS 25  ? NZ  ? A LYS 25  NZ  
5  1 Y 1 A MET 65  ? CG  ? A MET 65  CG  
6  1 Y 1 A MET 65  ? SD  ? A MET 65  SD  
7  1 Y 1 A MET 65  ? CE  ? A MET 65  CE  
8  1 Y 1 A LYS 70  ? CD  ? A LYS 70  CD  
9  1 Y 1 A LYS 70  ? CE  ? A LYS 70  CE  
10 1 Y 1 A LYS 70  ? NZ  ? A LYS 70  NZ  
11 1 Y 1 A PHE 100 ? CG  ? A PHE 100 CG  
12 1 Y 1 A PHE 100 ? CD1 ? A PHE 100 CD1 
13 1 Y 1 A PHE 100 ? CD2 ? A PHE 100 CD2 
14 1 Y 1 A PHE 100 ? CE1 ? A PHE 100 CE1 
15 1 Y 1 A PHE 100 ? CE2 ? A PHE 100 CE2 
16 1 Y 1 A PHE 100 ? CZ  ? A PHE 100 CZ  
# 
loop_
_software.citation_id 
_software.classification 
_software.compiler_name 
_software.compiler_version 
_software.contact_author 
_software.contact_author_email 
_software.date 
_software.description 
_software.dependencies 
_software.hardware 
_software.language 
_software.location 
_software.mods 
_software.name 
_software.os 
_software.os_version 
_software.type 
_software.version 
_software.pdbx_ordinal 
? refinement       ? ? ? ? ? ? ? ? ? ? ? PHENIX ? ? ? '(1.18_3845: ???)' 1 
? 'data reduction' ? ? ? ? ? ? ? ? ? ? ? XDS    ? ? ? .                  2 
? 'data scaling'   ? ? ? ? ? ? ? ? ? ? ? XDS    ? ? ? .                  3 
? phasing          ? ? ? ? ? ? ? ? ? ? ? PHENIX ? ? ? .                  4 
# 
_cell.angle_alpha                  90.00 
_cell.angle_alpha_esd              ? 
_cell.angle_beta                   90.00 
_cell.angle_beta_esd               ? 
_cell.angle_gamma                  90.00 
_cell.angle_gamma_esd              ? 
_cell.entry_id                     8DQA 
_cell.details                      ? 
_cell.formula_units_Z              ? 
_cell.length_a                     89.499 
_cell.length_a_esd                 ? 
_cell.length_b                     89.499 
_cell.length_b_esd                 ? 
_cell.length_c                     89.499 
_cell.length_c_esd                 ? 
_cell.volume                       ? 
_cell.volume_esd                   ? 
_cell.Z_PDB                        24 
_cell.reciprocal_angle_alpha       ? 
_cell.reciprocal_angle_beta        ? 
_cell.reciprocal_angle_gamma       ? 
_cell.reciprocal_angle_alpha_esd   ? 
_cell.reciprocal_angle_beta_esd    ? 
_cell.reciprocal_angle_gamma_esd   ? 
_cell.reciprocal_length_a          ? 
_cell.reciprocal_length_b          ? 
_cell.reciprocal_length_c          ? 
_cell.reciprocal_length_a_esd      ? 
_cell.reciprocal_length_b_esd      ? 
_cell.reciprocal_length_c_esd      ? 
_cell.pdbx_unique_axis             ? 
_cell.pdbx_esd_method              ? 
# 
_symmetry.entry_id                         8DQA 
_symmetry.cell_setting                     ? 
_symmetry.Int_Tables_number                197 
_symmetry.space_group_name_Hall            ? 
_symmetry.space_group_name_H-M             'I 2 3' 
_symmetry.pdbx_full_space_group_name_H-M   ? 
# 
_exptl.absorpt_coefficient_mu     ? 
_exptl.absorpt_correction_T_max   ? 
_exptl.absorpt_correction_T_min   ? 
_exptl.absorpt_correction_type    ? 
_exptl.absorpt_process_details    ? 
_exptl.entry_id                   8DQA 
_exptl.crystals_number            1 
_exptl.details                    ? 
_exptl.method                     'X-RAY DIFFRACTION' 
_exptl.method_details             ? 
# 
_exptl_crystal.colour                       ? 
_exptl_crystal.density_diffrn               ? 
_exptl_crystal.density_Matthews             2.74 
_exptl_crystal.density_method               ? 
_exptl_crystal.density_percent_sol          55.06 
_exptl_crystal.description                  ? 
_exptl_crystal.F_000                        ? 
_exptl_crystal.id                           1 
_exptl_crystal.preparation                  ? 
_exptl_crystal.size_max                     ? 
_exptl_crystal.size_mid                     ? 
_exptl_crystal.size_min                     ? 
_exptl_crystal.size_rad                     ? 
_exptl_crystal.colour_lustre                ? 
_exptl_crystal.colour_modifier              ? 
_exptl_crystal.colour_primary               ? 
_exptl_crystal.density_meas                 ? 
_exptl_crystal.density_meas_esd             ? 
_exptl_crystal.density_meas_gt              ? 
_exptl_crystal.density_meas_lt              ? 
_exptl_crystal.density_meas_temp            ? 
_exptl_crystal.density_meas_temp_esd        ? 
_exptl_crystal.density_meas_temp_gt         ? 
_exptl_crystal.density_meas_temp_lt         ? 
_exptl_crystal.pdbx_crystal_image_url       ? 
_exptl_crystal.pdbx_crystal_image_format    ? 
_exptl_crystal.pdbx_mosaicity               ? 
_exptl_crystal.pdbx_mosaicity_esd           ? 
_exptl_crystal.pdbx_mosaic_method           ? 
_exptl_crystal.pdbx_mosaic_block_size       ? 
_exptl_crystal.pdbx_mosaic_block_size_esd   ? 
# 
_exptl_crystal_grow.apparatus       ? 
_exptl_crystal_grow.atmosphere      ? 
_exptl_crystal_grow.crystal_id      1 
_exptl_crystal_grow.details         ? 
_exptl_crystal_grow.method          'VAPOR DIFFUSION, SITTING DROP' 
_exptl_crystal_grow.method_ref      ? 
_exptl_crystal_grow.pH              ? 
_exptl_crystal_grow.pressure        ? 
_exptl_crystal_grow.pressure_esd    ? 
_exptl_crystal_grow.seeding         ? 
_exptl_crystal_grow.seeding_ref     ? 
_exptl_crystal_grow.temp            293 
_exptl_crystal_grow.temp_details    ? 
_exptl_crystal_grow.temp_esd        ? 
_exptl_crystal_grow.time            ? 
_exptl_crystal_grow.pdbx_details    '50 mM MES, pH 6.0, 4% MPD, 0.2 M ammonium acetate, 30% PEG3350' 
_exptl_crystal_grow.pdbx_pH_range   ? 
# 
_diffrn.ambient_environment              ? 
_diffrn.ambient_temp                     100 
_diffrn.ambient_temp_details             ? 
_diffrn.ambient_temp_esd                 ? 
_diffrn.crystal_id                       1 
_diffrn.crystal_support                  ? 
_diffrn.crystal_treatment                ? 
_diffrn.details                          ? 
_diffrn.id                               1 
_diffrn.ambient_pressure                 ? 
_diffrn.ambient_pressure_esd             ? 
_diffrn.ambient_pressure_gt              ? 
_diffrn.ambient_pressure_lt              ? 
_diffrn.ambient_temp_gt                  ? 
_diffrn.ambient_temp_lt                  ? 
_diffrn.pdbx_serial_crystal_experiment   N 
# 
_diffrn_detector.details                      ? 
_diffrn_detector.detector                     PIXEL 
_diffrn_detector.diffrn_id                    1 
_diffrn_detector.type                         'DECTRIS EIGER2 S 16M' 
_diffrn_detector.area_resol_mean              ? 
_diffrn_detector.dtime                        ? 
_diffrn_detector.pdbx_frames_total            ? 
_diffrn_detector.pdbx_collection_time_total   ? 
_diffrn_detector.pdbx_collection_date         2021-03-06 
_diffrn_detector.pdbx_frequency               ? 
# 
_diffrn_radiation.collimation                      ? 
_diffrn_radiation.diffrn_id                        1 
_diffrn_radiation.filter_edge                      ? 
_diffrn_radiation.inhomogeneity                    ? 
_diffrn_radiation.monochromator                    ? 
_diffrn_radiation.polarisn_norm                    ? 
_diffrn_radiation.polarisn_ratio                   ? 
_diffrn_radiation.probe                            ? 
_diffrn_radiation.type                             ? 
_diffrn_radiation.xray_symbol                      ? 
_diffrn_radiation.wavelength_id                    1 
_diffrn_radiation.pdbx_monochromatic_or_laue_m_l   M 
_diffrn_radiation.pdbx_wavelength_list             ? 
_diffrn_radiation.pdbx_wavelength                  ? 
_diffrn_radiation.pdbx_diffrn_protocol             'SINGLE WAVELENGTH' 
_diffrn_radiation.pdbx_analyzer                    ? 
_diffrn_radiation.pdbx_scattering_type             x-ray 
# 
_diffrn_radiation_wavelength.id           1 
_diffrn_radiation_wavelength.wavelength   1.0 
_diffrn_radiation_wavelength.wt           1.0 
# 
_diffrn_source.current                     ? 
_diffrn_source.details                     ? 
_diffrn_source.diffrn_id                   1 
_diffrn_source.power                       ? 
_diffrn_source.size                        ? 
_diffrn_source.source                      SYNCHROTRON 
_diffrn_source.target                      ? 
_diffrn_source.type                        'SLS BEAMLINE X10SA' 
_diffrn_source.voltage                     ? 
_diffrn_source.take-off_angle              ? 
_diffrn_source.pdbx_wavelength_list        1.0 
_diffrn_source.pdbx_wavelength             ? 
_diffrn_source.pdbx_synchrotron_beamline   X10SA 
_diffrn_source.pdbx_synchrotron_site       SLS 
# 
_reflns.B_iso_Wilson_estimate                          40.22 
_reflns.entry_id                                       8DQA 
_reflns.data_reduction_details                         ? 
_reflns.data_reduction_method                          ? 
_reflns.d_resolution_high                              2.0 
_reflns.d_resolution_low                               44.75 
_reflns.details                                        ? 
_reflns.limit_h_max                                    ? 
_reflns.limit_h_min                                    ? 
_reflns.limit_k_max                                    ? 
_reflns.limit_k_min                                    ? 
_reflns.limit_l_max                                    ? 
_reflns.limit_l_min                                    ? 
_reflns.number_all                                     ? 
_reflns.number_obs                                     8229 
_reflns.observed_criterion                             ? 
_reflns.observed_criterion_F_max                       ? 
_reflns.observed_criterion_F_min                       ? 
_reflns.observed_criterion_I_max                       ? 
_reflns.observed_criterion_I_min                       ? 
_reflns.observed_criterion_sigma_F                     ? 
_reflns.observed_criterion_sigma_I                     ? 
_reflns.percent_possible_obs                           99.96 
_reflns.R_free_details                                 ? 
_reflns.Rmerge_F_all                                   ? 
_reflns.Rmerge_F_obs                                   ? 
_reflns.Friedel_coverage                               ? 
_reflns.number_gt                                      ? 
_reflns.threshold_expression                           ? 
_reflns.pdbx_redundancy                                12.8 
_reflns.pdbx_Rmerge_I_obs                              ? 
_reflns.pdbx_Rmerge_I_all                              ? 
_reflns.pdbx_Rsym_value                                ? 
_reflns.pdbx_netI_over_av_sigmaI                       ? 
_reflns.pdbx_netI_over_sigmaI                          35.38 
_reflns.pdbx_res_netI_over_av_sigmaI_2                 ? 
_reflns.pdbx_res_netI_over_sigmaI_2                    ? 
_reflns.pdbx_chi_squared                               ? 
_reflns.pdbx_scaling_rejects                           ? 
_reflns.pdbx_d_res_high_opt                            ? 
_reflns.pdbx_d_res_low_opt                             ? 
_reflns.pdbx_d_res_opt_method                          ? 
_reflns.phase_calculation_details                      ? 
_reflns.pdbx_Rrim_I_all                                ? 
_reflns.pdbx_Rpim_I_all                                ? 
_reflns.pdbx_d_opt                                     ? 
_reflns.pdbx_number_measured_all                       ? 
_reflns.pdbx_diffrn_id                                 1 
_reflns.pdbx_ordinal                                   1 
_reflns.pdbx_CC_half                                   1 
_reflns.pdbx_CC_star                                   ? 
_reflns.pdbx_R_split                                   ? 
_reflns.pdbx_aniso_diffraction_limit_axis_1_ortho[1]   ? 
_reflns.pdbx_aniso_diffraction_limit_axis_1_ortho[2]   ? 
_reflns.pdbx_aniso_diffraction_limit_axis_1_ortho[3]   ? 
_reflns.pdbx_aniso_diffraction_limit_axis_2_ortho[1]   ? 
_reflns.pdbx_aniso_diffraction_limit_axis_2_ortho[2]   ? 
_reflns.pdbx_aniso_diffraction_limit_axis_2_ortho[3]   ? 
_reflns.pdbx_aniso_diffraction_limit_axis_3_ortho[1]   ? 
_reflns.pdbx_aniso_diffraction_limit_axis_3_ortho[2]   ? 
_reflns.pdbx_aniso_diffraction_limit_axis_3_ortho[3]   ? 
_reflns.pdbx_aniso_diffraction_limit_1                 ? 
_reflns.pdbx_aniso_diffraction_limit_2                 ? 
_reflns.pdbx_aniso_diffraction_limit_3                 ? 
_reflns.pdbx_aniso_B_tensor_eigenvector_1_ortho[1]     ? 
_reflns.pdbx_aniso_B_tensor_eigenvector_1_ortho[2]     ? 
_reflns.pdbx_aniso_B_tensor_eigenvector_1_ortho[3]     ? 
_reflns.pdbx_aniso_B_tensor_eigenvector_2_ortho[1]     ? 
_reflns.pdbx_aniso_B_tensor_eigenvector_2_ortho[2]     ? 
_reflns.pdbx_aniso_B_tensor_eigenvector_2_ortho[3]     ? 
_reflns.pdbx_aniso_B_tensor_eigenvector_3_ortho[1]     ? 
_reflns.pdbx_aniso_B_tensor_eigenvector_3_ortho[2]     ? 
_reflns.pdbx_aniso_B_tensor_eigenvector_3_ortho[3]     ? 
_reflns.pdbx_aniso_B_tensor_eigenvalue_1               ? 
_reflns.pdbx_aniso_B_tensor_eigenvalue_2               ? 
_reflns.pdbx_aniso_B_tensor_eigenvalue_3               ? 
_reflns.pdbx_orthogonalization_convention              ? 
_reflns.pdbx_percent_possible_ellipsoidal              ? 
_reflns.pdbx_percent_possible_spherical                ? 
_reflns.pdbx_percent_possible_ellipsoidal_anomalous    ? 
_reflns.pdbx_percent_possible_spherical_anomalous      ? 
_reflns.pdbx_redundancy_anomalous                      ? 
_reflns.pdbx_CC_half_anomalous                         ? 
_reflns.pdbx_absDiff_over_sigma_anomalous              ? 
_reflns.pdbx_percent_possible_anomalous                ? 
_reflns.pdbx_observed_signal_threshold                 ? 
_reflns.pdbx_signal_type                               ? 
_reflns.pdbx_signal_details                            ? 
_reflns.pdbx_signal_software_id                        ? 
_reflns.pdbx_CC_split_method                           ? 
# 
_reflns_shell.d_res_high                                    2.0 
_reflns_shell.d_res_low                                     2.072 
_reflns_shell.meanI_over_sigI_all                           ? 
_reflns_shell.meanI_over_sigI_obs                           4.35 
_reflns_shell.number_measured_all                           ? 
_reflns_shell.number_measured_obs                           ? 
_reflns_shell.number_possible                               ? 
_reflns_shell.number_unique_all                             ? 
_reflns_shell.number_unique_obs                             804 
_reflns_shell.percent_possible_all                          100 
_reflns_shell.percent_possible_obs                          ? 
_reflns_shell.Rmerge_F_all                                  ? 
_reflns_shell.Rmerge_F_obs                                  ? 
_reflns_shell.Rmerge_I_all                                  ? 
_reflns_shell.Rmerge_I_obs                                  ? 
_reflns_shell.meanI_over_sigI_gt                            ? 
_reflns_shell.meanI_over_uI_all                             ? 
_reflns_shell.meanI_over_uI_gt                              ? 
_reflns_shell.number_measured_gt                            ? 
_reflns_shell.number_unique_gt                              ? 
_reflns_shell.percent_possible_gt                           ? 
_reflns_shell.Rmerge_F_gt                                   ? 
_reflns_shell.Rmerge_I_gt                                   ? 
_reflns_shell.pdbx_redundancy                               12.2 
_reflns_shell.pdbx_Rsym_value                               ? 
_reflns_shell.pdbx_chi_squared                              ? 
_reflns_shell.pdbx_netI_over_sigmaI_all                     ? 
_reflns_shell.pdbx_netI_over_sigmaI_obs                     ? 
_reflns_shell.pdbx_Rrim_I_all                               ? 
_reflns_shell.pdbx_Rpim_I_all                               ? 
_reflns_shell.pdbx_rejects                                  ? 
_reflns_shell.pdbx_ordinal                                  1 
_reflns_shell.pdbx_diffrn_id                                1 
_reflns_shell.pdbx_CC_half                                  0.923 
_reflns_shell.pdbx_CC_star                                  ? 
_reflns_shell.pdbx_R_split                                  ? 
_reflns_shell.pdbx_percent_possible_ellipsoidal             ? 
_reflns_shell.pdbx_percent_possible_spherical               ? 
_reflns_shell.pdbx_percent_possible_ellipsoidal_anomalous   ? 
_reflns_shell.pdbx_percent_possible_spherical_anomalous     ? 
_reflns_shell.pdbx_redundancy_anomalous                     ? 
_reflns_shell.pdbx_CC_half_anomalous                        ? 
_reflns_shell.pdbx_absDiff_over_sigma_anomalous             ? 
_reflns_shell.pdbx_percent_possible_anomalous               ? 
# 
_refine.aniso_B[1][1]                            ? 
_refine.aniso_B[1][2]                            ? 
_refine.aniso_B[1][3]                            ? 
_refine.aniso_B[2][2]                            ? 
_refine.aniso_B[2][3]                            ? 
_refine.aniso_B[3][3]                            ? 
_refine.B_iso_max                                ? 
_refine.B_iso_mean                               ? 
_refine.B_iso_min                                ? 
_refine.correlation_coeff_Fo_to_Fc               ? 
_refine.correlation_coeff_Fo_to_Fc_free          ? 
_refine.details                                  ? 
_refine.diff_density_max                         ? 
_refine.diff_density_max_esd                     ? 
_refine.diff_density_min                         ? 
_refine.diff_density_min_esd                     ? 
_refine.diff_density_rms                         ? 
_refine.diff_density_rms_esd                     ? 
_refine.entry_id                                 8DQA 
_refine.pdbx_refine_id                           'X-RAY DIFFRACTION' 
_refine.ls_abs_structure_details                 ? 
_refine.ls_abs_structure_Flack                   ? 
_refine.ls_abs_structure_Flack_esd               ? 
_refine.ls_abs_structure_Rogers                  ? 
_refine.ls_abs_structure_Rogers_esd              ? 
_refine.ls_d_res_high                            2.00 
_refine.ls_d_res_low                             44.75 
_refine.ls_extinction_coef                       ? 
_refine.ls_extinction_coef_esd                   ? 
_refine.ls_extinction_expression                 ? 
_refine.ls_extinction_method                     ? 
_refine.ls_goodness_of_fit_all                   ? 
_refine.ls_goodness_of_fit_all_esd               ? 
_refine.ls_goodness_of_fit_obs                   ? 
_refine.ls_goodness_of_fit_obs_esd               ? 
_refine.ls_hydrogen_treatment                    ? 
_refine.ls_matrix_type                           ? 
_refine.ls_number_constraints                    ? 
_refine.ls_number_parameters                     ? 
_refine.ls_number_reflns_all                     ? 
_refine.ls_number_reflns_obs                     8226 
_refine.ls_number_reflns_R_free                  375 
_refine.ls_number_reflns_R_work                  ? 
_refine.ls_number_restraints                     ? 
_refine.ls_percent_reflns_obs                    99.96 
_refine.ls_percent_reflns_R_free                 4.56 
_refine.ls_R_factor_all                          ? 
_refine.ls_R_factor_obs                          0.1962 
_refine.ls_R_factor_R_free                       0.2246 
_refine.ls_R_factor_R_free_error                 ? 
_refine.ls_R_factor_R_free_error_details         ? 
_refine.ls_R_factor_R_work                       0.1949 
_refine.ls_R_Fsqd_factor_obs                     ? 
_refine.ls_R_I_factor_obs                        ? 
_refine.ls_redundancy_reflns_all                 ? 
_refine.ls_redundancy_reflns_obs                 ? 
_refine.ls_restrained_S_all                      ? 
_refine.ls_restrained_S_obs                      ? 
_refine.ls_shift_over_esd_max                    ? 
_refine.ls_shift_over_esd_mean                   ? 
_refine.ls_structure_factor_coef                 ? 
_refine.ls_weighting_details                     ? 
_refine.ls_weighting_scheme                      ? 
_refine.ls_wR_factor_all                         ? 
_refine.ls_wR_factor_obs                         ? 
_refine.ls_wR_factor_R_free                      ? 
_refine.ls_wR_factor_R_work                      ? 
_refine.occupancy_max                            ? 
_refine.occupancy_min                            ? 
_refine.solvent_model_details                    'FLAT BULK SOLVENT MODEL' 
_refine.solvent_model_param_bsol                 ? 
_refine.solvent_model_param_ksol                 ? 
_refine.pdbx_R_complete                          ? 
_refine.ls_R_factor_gt                           ? 
_refine.ls_goodness_of_fit_gt                    ? 
_refine.ls_goodness_of_fit_ref                   ? 
_refine.ls_shift_over_su_max                     ? 
_refine.ls_shift_over_su_max_lt                  ? 
_refine.ls_shift_over_su_mean                    ? 
_refine.ls_shift_over_su_mean_lt                 ? 
_refine.pdbx_ls_sigma_I                          ? 
_refine.pdbx_ls_sigma_F                          1.35 
_refine.pdbx_ls_sigma_Fsqd                       ? 
_refine.pdbx_data_cutoff_high_absF               ? 
_refine.pdbx_data_cutoff_high_rms_absF           ? 
_refine.pdbx_data_cutoff_low_absF                ? 
_refine.pdbx_isotropic_thermal_model             ? 
_refine.pdbx_ls_cross_valid_method               'FREE R-VALUE' 
_refine.pdbx_method_to_determine_struct          'MOLECULAR REPLACEMENT' 
_refine.pdbx_starting_model                      'PDB entry 7MRV' 
_refine.pdbx_stereochemistry_target_values       ML 
_refine.pdbx_R_Free_selection_details            ? 
_refine.pdbx_stereochem_target_val_spec_case     ? 
_refine.pdbx_overall_ESU_R                       ? 
_refine.pdbx_overall_ESU_R_Free                  ? 
_refine.pdbx_solvent_vdw_probe_radii             1.11 
_refine.pdbx_solvent_ion_probe_radii             ? 
_refine.pdbx_solvent_shrinkage_radii             0.90 
_refine.pdbx_real_space_R                        ? 
_refine.pdbx_density_correlation                 ? 
_refine.pdbx_pd_number_of_powder_patterns        ? 
_refine.pdbx_pd_number_of_points                 ? 
_refine.pdbx_pd_meas_number_of_points            ? 
_refine.pdbx_pd_proc_ls_prof_R_factor            ? 
_refine.pdbx_pd_proc_ls_prof_wR_factor           ? 
_refine.pdbx_pd_Marquardt_correlation_coeff      ? 
_refine.pdbx_pd_Fsqrd_R_factor                   ? 
_refine.pdbx_pd_ls_matrix_band_width             ? 
_refine.pdbx_overall_phase_error                 36.57 
_refine.pdbx_overall_SU_R_free_Cruickshank_DPI   ? 
_refine.pdbx_overall_SU_R_free_Blow_DPI          ? 
_refine.pdbx_overall_SU_R_Blow_DPI               ? 
_refine.pdbx_TLS_residual_ADP_flag               ? 
_refine.pdbx_diffrn_id                           1 
_refine.overall_SU_B                             ? 
_refine.overall_SU_ML                            0.00 
_refine.overall_SU_R_Cruickshank_DPI             ? 
_refine.overall_SU_R_free                        ? 
_refine.overall_FOM_free_R_set                   ? 
_refine.overall_FOM_work_R_set                   ? 
_refine.pdbx_average_fsc_overall                 ? 
_refine.pdbx_average_fsc_work                    ? 
_refine.pdbx_average_fsc_free                    ? 
# 
_refine_hist.pdbx_refine_id                   'X-RAY DIFFRACTION' 
_refine_hist.cycle_id                         LAST 
_refine_hist.details                          ? 
_refine_hist.d_res_high                       2.00 
_refine_hist.d_res_low                        44.75 
_refine_hist.number_atoms_solvent             32 
_refine_hist.number_atoms_total               784 
_refine_hist.number_reflns_all                ? 
_refine_hist.number_reflns_obs                ? 
_refine_hist.number_reflns_R_free             ? 
_refine_hist.number_reflns_R_work             ? 
_refine_hist.R_factor_all                     ? 
_refine_hist.R_factor_obs                     ? 
_refine_hist.R_factor_R_free                  ? 
_refine_hist.R_factor_R_work                  ? 
_refine_hist.pdbx_number_residues_total       ? 
_refine_hist.pdbx_B_iso_mean_ligand           ? 
_refine_hist.pdbx_B_iso_mean_solvent          ? 
_refine_hist.pdbx_number_atoms_protein        752 
_refine_hist.pdbx_number_atoms_nucleic_acid   0 
_refine_hist.pdbx_number_atoms_ligand         0 
_refine_hist.pdbx_number_atoms_lipid          ? 
_refine_hist.pdbx_number_atoms_carb           ? 
_refine_hist.pdbx_pseudo_atom_details         ? 
# 
loop_
_refine_ls_restr.pdbx_refine_id 
_refine_ls_restr.criterion 
_refine_ls_restr.dev_ideal 
_refine_ls_restr.dev_ideal_target 
_refine_ls_restr.number 
_refine_ls_restr.rejects 
_refine_ls_restr.type 
_refine_ls_restr.weight 
_refine_ls_restr.pdbx_restraint_function 
'X-RAY DIFFRACTION' ? 0.002 ? 767  ? f_bond_d           ? ? 
'X-RAY DIFFRACTION' ? 0.481 ? 1044 ? f_angle_d          ? ? 
'X-RAY DIFFRACTION' ? 4.059 ? 105  ? f_dihedral_angle_d ? ? 
'X-RAY DIFFRACTION' ? 0.050 ? 128  ? f_chiral_restr     ? ? 
'X-RAY DIFFRACTION' ? 0.003 ? 131  ? f_plane_restr      ? ? 
# 
loop_
_refine_ls_shell.pdbx_refine_id 
_refine_ls_shell.d_res_high 
_refine_ls_shell.d_res_low 
_refine_ls_shell.number_reflns_all 
_refine_ls_shell.number_reflns_obs 
_refine_ls_shell.number_reflns_R_free 
_refine_ls_shell.number_reflns_R_work 
_refine_ls_shell.percent_reflns_obs 
_refine_ls_shell.percent_reflns_R_free 
_refine_ls_shell.R_factor_all 
_refine_ls_shell.R_factor_obs 
_refine_ls_shell.R_factor_R_free 
_refine_ls_shell.R_factor_R_free_error 
_refine_ls_shell.R_factor_R_work 
_refine_ls_shell.redundancy_reflns_all 
_refine_ls_shell.redundancy_reflns_obs 
_refine_ls_shell.wR_factor_all 
_refine_ls_shell.wR_factor_obs 
_refine_ls_shell.wR_factor_R_free 
_refine_ls_shell.wR_factor_R_work 
_refine_ls_shell.pdbx_R_complete 
_refine_ls_shell.pdbx_total_number_of_bins_used 
_refine_ls_shell.pdbx_phase_error 
_refine_ls_shell.pdbx_fsc_work 
_refine_ls_shell.pdbx_fsc_free 
'X-RAY DIFFRACTION' 2.00 2.29  . . 123 2581 100.00 . . . 0.2940 . 0.2691 . . . . . . . . . . . 
'X-RAY DIFFRACTION' 2.29 2.88  . . 138 2582 100.00 . . . 0.2502 . 0.2369 . . . . . . . . . . . 
'X-RAY DIFFRACTION' 2.89 44.75 . . 114 2688 100.00 . . . 0.2067 . 0.1714 . . . . . . . . . . . 
# 
_struct.entry_id                     8DQA 
_struct.title                        'Structure of A. thaliana MIF/D-DT-like protein-3 (MDL3)' 
_struct.pdbx_model_details           ? 
_struct.pdbx_formula_weight          ? 
_struct.pdbx_formula_weight_method   ? 
_struct.pdbx_model_type_details      ? 
_struct.pdbx_CASP_flag               N 
# 
_struct_keywords.entry_id        8DQA 
_struct_keywords.text            CYTOKINE 
_struct_keywords.pdbx_keywords   CYTOKINE 
# 
loop_
_struct_asym.id 
_struct_asym.pdbx_blank_PDB_chainid_flag 
_struct_asym.pdbx_modified 
_struct_asym.entity_id 
_struct_asym.details 
A N N 1 ? 
B N N 2 ? 
# 
_struct_ref.id                         1 
_struct_ref.db_name                    UNP 
_struct_ref.db_code                    Q9SCU2_ARATH 
_struct_ref.pdbx_db_accession          Q9SCU2 
_struct_ref.pdbx_db_isoform            ? 
_struct_ref.entity_id                  1 
_struct_ref.pdbx_seq_one_letter_code   
;PCLYITTNVNFDGVNTDPFYSEVTKAVASIVGRPQNLVMVVLKGSVEIVFGGNKEAAAYAEIVSMGGITKQVKRELIATV
GSILHTHFSIHPTRFIFKVF
;
_struct_ref.pdbx_align_begin           24 
# 
_struct_ref_seq.align_id                      1 
_struct_ref_seq.ref_id                        1 
_struct_ref_seq.pdbx_PDB_id_code              8DQA 
_struct_ref_seq.pdbx_strand_id                A 
_struct_ref_seq.seq_align_beg                 1 
_struct_ref_seq.pdbx_seq_align_beg_ins_code   ? 
_struct_ref_seq.seq_align_end                 100 
_struct_ref_seq.pdbx_seq_align_end_ins_code   ? 
_struct_ref_seq.pdbx_db_accession             Q9SCU2 
_struct_ref_seq.db_align_beg                  24 
_struct_ref_seq.pdbx_db_align_beg_ins_code    ? 
_struct_ref_seq.db_align_end                  123 
_struct_ref_seq.pdbx_db_align_end_ins_code    ? 
_struct_ref_seq.pdbx_auth_seq_align_beg       1 
_struct_ref_seq.pdbx_auth_seq_align_end       100 
# 
_pdbx_struct_assembly.id                   1 
_pdbx_struct_assembly.details              author_and_software_defined_assembly 
_pdbx_struct_assembly.method_details       PISA 
_pdbx_struct_assembly.oligomeric_details   trimeric 
_pdbx_struct_assembly.oligomeric_count     3 
# 
loop_
_pdbx_struct_assembly_prop.biol_id 
_pdbx_struct_assembly_prop.type 
_pdbx_struct_assembly_prop.value 
_pdbx_struct_assembly_prop.details 
1 'ABSA (A^2)' 4060  ? 
1 MORE         -19   ? 
1 'SSA (A^2)'  12700 ? 
# 
_pdbx_struct_assembly_gen.assembly_id       1 
_pdbx_struct_assembly_gen.oper_expression   1,2,3 
_pdbx_struct_assembly_gen.asym_id_list      A,B 
# 
_pdbx_struct_assembly_auth_evidence.id                     1 
_pdbx_struct_assembly_auth_evidence.assembly_id            1 
_pdbx_struct_assembly_auth_evidence.experimental_support   'gel filtration' 
_pdbx_struct_assembly_auth_evidence.details                ? 
# 
loop_
_pdbx_struct_oper_list.id 
_pdbx_struct_oper_list.type 
_pdbx_struct_oper_list.name 
_pdbx_struct_oper_list.symmetry_operation 
_pdbx_struct_oper_list.matrix[1][1] 
_pdbx_struct_oper_list.matrix[1][2] 
_pdbx_struct_oper_list.matrix[1][3] 
_pdbx_struct_oper_list.vector[1] 
_pdbx_struct_oper_list.matrix[2][1] 
_pdbx_struct_oper_list.matrix[2][2] 
_pdbx_struct_oper_list.matrix[2][3] 
_pdbx_struct_oper_list.vector[2] 
_pdbx_struct_oper_list.matrix[3][1] 
_pdbx_struct_oper_list.matrix[3][2] 
_pdbx_struct_oper_list.matrix[3][3] 
_pdbx_struct_oper_list.vector[3] 
1 'identity operation'         1_555  x,y,z       1.0000000000  0.0000000000  0.0000000000  0.0000000000  0.0000000000  1.0000000000 0.0000000000 0.0000000000   0.0000000000  0.0000000000 1.0000000000 0.0000000000  
2 'crystal symmetry operation' 8_656  -z+1,x,-y+1 -0.4007012627 0.2721013585  -0.8748710469 20.0552415303 -0.8324918439 0.2906381913 0.4716850343 -2.4838271515  0.3826170773  0.9173277999 0.1100630714 10.9188218975 
3 'crystal symmetry operation' 11_566 y,-z+1,-x+1 -0.4007012627 -0.8324918439 0.3826170773  1.7906670381  0.2721013585  0.2906381913 0.9173277999 -14.7513023036 -0.8748710469 0.4716850343 0.1100630714 17.5155751745 
# 
loop_
_struct_conf.conf_type_id 
_struct_conf.id 
_struct_conf.pdbx_PDB_helix_id 
_struct_conf.beg_label_comp_id 
_struct_conf.beg_label_asym_id 
_struct_conf.beg_label_seq_id 
_struct_conf.pdbx_beg_PDB_ins_code 
_struct_conf.end_label_comp_id 
_struct_conf.end_label_asym_id 
_struct_conf.end_label_seq_id 
_struct_conf.pdbx_end_PDB_ins_code 
_struct_conf.beg_auth_comp_id 
_struct_conf.beg_auth_asym_id 
_struct_conf.beg_auth_seq_id 
_struct_conf.end_auth_comp_id 
_struct_conf.end_auth_asym_id 
_struct_conf.end_auth_seq_id 
_struct_conf.pdbx_PDB_helix_class 
_struct_conf.details 
_struct_conf.pdbx_PDB_helix_length 
HELX_P HELX_P1 AA1 THR A 16 ? GLY A 32 ? THR A 16 GLY A 32 1 ? 17 
HELX_P HELX_P2 AA2 PRO A 34 ? VAL A 38 ? PRO A 34 VAL A 38 5 ? 5  
HELX_P HELX_P3 AA3 THR A 69 ? SER A 89 ? THR A 69 SER A 89 1 ? 21 
HELX_P HELX_P4 AA4 HIS A 91 ? THR A 93 ? HIS A 91 THR A 93 5 ? 3  
# 
_struct_conf_type.id          HELX_P 
_struct_conf_type.criteria    ? 
_struct_conf_type.reference   ? 
# 
_struct_sheet.id               AA1 
_struct_sheet.type             ? 
_struct_sheet.number_strands   4 
_struct_sheet.details          ? 
# 
loop_
_struct_sheet_order.sheet_id 
_struct_sheet_order.range_id_1 
_struct_sheet_order.range_id_2 
_struct_sheet_order.offset 
_struct_sheet_order.sense 
AA1 1 2 ? parallel      
AA1 2 3 ? anti-parallel 
AA1 3 4 ? parallel      
# 
loop_
_struct_sheet_range.sheet_id 
_struct_sheet_range.id 
_struct_sheet_range.beg_label_comp_id 
_struct_sheet_range.beg_label_asym_id 
_struct_sheet_range.beg_label_seq_id 
_struct_sheet_range.pdbx_beg_PDB_ins_code 
_struct_sheet_range.end_label_comp_id 
_struct_sheet_range.end_label_asym_id 
_struct_sheet_range.end_label_seq_id 
_struct_sheet_range.pdbx_end_PDB_ins_code 
_struct_sheet_range.beg_auth_comp_id 
_struct_sheet_range.beg_auth_asym_id 
_struct_sheet_range.beg_auth_seq_id 
_struct_sheet_range.end_auth_comp_id 
_struct_sheet_range.end_auth_asym_id 
_struct_sheet_range.end_auth_seq_id 
AA1 1 MET A 39 ? LYS A 43  ? MET A 39 LYS A 43  
AA1 2 CYS A 2  ? THR A 7   ? CYS A 2  THR A 7   
AA1 3 ALA A 58 ? VAL A 63  ? ALA A 58 VAL A 63  
AA1 4 PHE A 95 ? PHE A 100 ? PHE A 95 PHE A 100 
# 
loop_
_pdbx_struct_sheet_hbond.sheet_id 
_pdbx_struct_sheet_hbond.range_id_1 
_pdbx_struct_sheet_hbond.range_id_2 
_pdbx_struct_sheet_hbond.range_1_label_atom_id 
_pdbx_struct_sheet_hbond.range_1_label_comp_id 
_pdbx_struct_sheet_hbond.range_1_label_asym_id 
_pdbx_struct_sheet_hbond.range_1_label_seq_id 
_pdbx_struct_sheet_hbond.range_1_PDB_ins_code 
_pdbx_struct_sheet_hbond.range_1_auth_atom_id 
_pdbx_struct_sheet_hbond.range_1_auth_comp_id 
_pdbx_struct_sheet_hbond.range_1_auth_asym_id 
_pdbx_struct_sheet_hbond.range_1_auth_seq_id 
_pdbx_struct_sheet_hbond.range_2_label_atom_id 
_pdbx_struct_sheet_hbond.range_2_label_comp_id 
_pdbx_struct_sheet_hbond.range_2_label_asym_id 
_pdbx_struct_sheet_hbond.range_2_label_seq_id 
_pdbx_struct_sheet_hbond.range_2_PDB_ins_code 
_pdbx_struct_sheet_hbond.range_2_auth_atom_id 
_pdbx_struct_sheet_hbond.range_2_auth_comp_id 
_pdbx_struct_sheet_hbond.range_2_auth_asym_id 
_pdbx_struct_sheet_hbond.range_2_auth_seq_id 
AA1 1 2 O VAL A 41 ? O VAL A 41 N ILE A 5  ? N ILE A 5  
AA1 2 3 N TYR A 4  ? N TYR A 4  O GLU A 61 ? O GLU A 61 
AA1 3 4 N ALA A 60 ? N ALA A 60 O LYS A 98 ? O LYS A 98 
# 
_pdbx_struct_special_symmetry.id              1 
_pdbx_struct_special_symmetry.PDB_model_num   1 
_pdbx_struct_special_symmetry.auth_asym_id    A 
_pdbx_struct_special_symmetry.auth_comp_id    HOH 
_pdbx_struct_special_symmetry.auth_seq_id     224 
_pdbx_struct_special_symmetry.PDB_ins_code    ? 
_pdbx_struct_special_symmetry.label_asym_id   B 
_pdbx_struct_special_symmetry.label_comp_id   HOH 
_pdbx_struct_special_symmetry.label_seq_id    . 
# 
loop_
_chem_comp_atom.comp_id 
_chem_comp_atom.atom_id 
_chem_comp_atom.type_symbol 
_chem_comp_atom.pdbx_aromatic_flag 
_chem_comp_atom.pdbx_stereo_config 
_chem_comp_atom.pdbx_ordinal 
ALA N    N N N 1   
ALA CA   C N S 2   
ALA C    C N N 3   
ALA O    O N N 4   
ALA CB   C N N 5   
ALA OXT  O N N 6   
ALA H    H N N 7   
ALA H2   H N N 8   
ALA HA   H N N 9   
ALA HB1  H N N 10  
ALA HB2  H N N 11  
ALA HB3  H N N 12  
ALA HXT  H N N 13  
ARG N    N N N 14  
ARG CA   C N S 15  
ARG C    C N N 16  
ARG O    O N N 17  
ARG CB   C N N 18  
ARG CG   C N N 19  
ARG CD   C N N 20  
ARG NE   N N N 21  
ARG CZ   C N N 22  
ARG NH1  N N N 23  
ARG NH2  N N N 24  
ARG OXT  O N N 25  
ARG H    H N N 26  
ARG H2   H N N 27  
ARG HA   H N N 28  
ARG HB2  H N N 29  
ARG HB3  H N N 30  
ARG HG2  H N N 31  
ARG HG3  H N N 32  
ARG HD2  H N N 33  
ARG HD3  H N N 34  
ARG HE   H N N 35  
ARG HH11 H N N 36  
ARG HH12 H N N 37  
ARG HH21 H N N 38  
ARG HH22 H N N 39  
ARG HXT  H N N 40  
ASN N    N N N 41  
ASN CA   C N S 42  
ASN C    C N N 43  
ASN O    O N N 44  
ASN CB   C N N 45  
ASN CG   C N N 46  
ASN OD1  O N N 47  
ASN ND2  N N N 48  
ASN OXT  O N N 49  
ASN H    H N N 50  
ASN H2   H N N 51  
ASN HA   H N N 52  
ASN HB2  H N N 53  
ASN HB3  H N N 54  
ASN HD21 H N N 55  
ASN HD22 H N N 56  
ASN HXT  H N N 57  
ASP N    N N N 58  
ASP CA   C N S 59  
ASP C    C N N 60  
ASP O    O N N 61  
ASP CB   C N N 62  
ASP CG   C N N 63  
ASP OD1  O N N 64  
ASP OD2  O N N 65  
ASP OXT  O N N 66  
ASP H    H N N 67  
ASP H2   H N N 68  
ASP HA   H N N 69  
ASP HB2  H N N 70  
ASP HB3  H N N 71  
ASP HD2  H N N 72  
ASP HXT  H N N 73  
CYS N    N N N 74  
CYS CA   C N R 75  
CYS C    C N N 76  
CYS O    O N N 77  
CYS CB   C N N 78  
CYS SG   S N N 79  
CYS OXT  O N N 80  
CYS H    H N N 81  
CYS H2   H N N 82  
CYS HA   H N N 83  
CYS HB2  H N N 84  
CYS HB3  H N N 85  
CYS HG   H N N 86  
CYS HXT  H N N 87  
GLN N    N N N 88  
GLN CA   C N S 89  
GLN C    C N N 90  
GLN O    O N N 91  
GLN CB   C N N 92  
GLN CG   C N N 93  
GLN CD   C N N 94  
GLN OE1  O N N 95  
GLN NE2  N N N 96  
GLN OXT  O N N 97  
GLN H    H N N 98  
GLN H2   H N N 99  
GLN HA   H N N 100 
GLN HB2  H N N 101 
GLN HB3  H N N 102 
GLN HG2  H N N 103 
GLN HG3  H N N 104 
GLN HE21 H N N 105 
GLN HE22 H N N 106 
GLN HXT  H N N 107 
GLU N    N N N 108 
GLU CA   C N S 109 
GLU C    C N N 110 
GLU O    O N N 111 
GLU CB   C N N 112 
GLU CG   C N N 113 
GLU CD   C N N 114 
GLU OE1  O N N 115 
GLU OE2  O N N 116 
GLU OXT  O N N 117 
GLU H    H N N 118 
GLU H2   H N N 119 
GLU HA   H N N 120 
GLU HB2  H N N 121 
GLU HB3  H N N 122 
GLU HG2  H N N 123 
GLU HG3  H N N 124 
GLU HE2  H N N 125 
GLU HXT  H N N 126 
GLY N    N N N 127 
GLY CA   C N N 128 
GLY C    C N N 129 
GLY O    O N N 130 
GLY OXT  O N N 131 
GLY H    H N N 132 
GLY H2   H N N 133 
GLY HA2  H N N 134 
GLY HA3  H N N 135 
GLY HXT  H N N 136 
HIS N    N N N 137 
HIS CA   C N S 138 
HIS C    C N N 139 
HIS O    O N N 140 
HIS CB   C N N 141 
HIS CG   C Y N 142 
HIS ND1  N Y N 143 
HIS CD2  C Y N 144 
HIS CE1  C Y N 145 
HIS NE2  N Y N 146 
HIS OXT  O N N 147 
HIS H    H N N 148 
HIS H2   H N N 149 
HIS HA   H N N 150 
HIS HB2  H N N 151 
HIS HB3  H N N 152 
HIS HD1  H N N 153 
HIS HD2  H N N 154 
HIS HE1  H N N 155 
HIS HE2  H N N 156 
HIS HXT  H N N 157 
HOH O    O N N 158 
HOH H1   H N N 159 
HOH H2   H N N 160 
ILE N    N N N 161 
ILE CA   C N S 162 
ILE C    C N N 163 
ILE O    O N N 164 
ILE CB   C N S 165 
ILE CG1  C N N 166 
ILE CG2  C N N 167 
ILE CD1  C N N 168 
ILE OXT  O N N 169 
ILE H    H N N 170 
ILE H2   H N N 171 
ILE HA   H N N 172 
ILE HB   H N N 173 
ILE HG12 H N N 174 
ILE HG13 H N N 175 
ILE HG21 H N N 176 
ILE HG22 H N N 177 
ILE HG23 H N N 178 
ILE HD11 H N N 179 
ILE HD12 H N N 180 
ILE HD13 H N N 181 
ILE HXT  H N N 182 
LEU N    N N N 183 
LEU CA   C N S 184 
LEU C    C N N 185 
LEU O    O N N 186 
LEU CB   C N N 187 
LEU CG   C N N 188 
LEU CD1  C N N 189 
LEU CD2  C N N 190 
LEU OXT  O N N 191 
LEU H    H N N 192 
LEU H2   H N N 193 
LEU HA   H N N 194 
LEU HB2  H N N 195 
LEU HB3  H N N 196 
LEU HG   H N N 197 
LEU HD11 H N N 198 
LEU HD12 H N N 199 
LEU HD13 H N N 200 
LEU HD21 H N N 201 
LEU HD22 H N N 202 
LEU HD23 H N N 203 
LEU HXT  H N N 204 
LYS N    N N N 205 
LYS CA   C N S 206 
LYS C    C N N 207 
LYS O    O N N 208 
LYS CB   C N N 209 
LYS CG   C N N 210 
LYS CD   C N N 211 
LYS CE   C N N 212 
LYS NZ   N N N 213 
LYS OXT  O N N 214 
LYS H    H N N 215 
LYS H2   H N N 216 
LYS HA   H N N 217 
LYS HB2  H N N 218 
LYS HB3  H N N 219 
LYS HG2  H N N 220 
LYS HG3  H N N 221 
LYS HD2  H N N 222 
LYS HD3  H N N 223 
LYS HE2  H N N 224 
LYS HE3  H N N 225 
LYS HZ1  H N N 226 
LYS HZ2  H N N 227 
LYS HZ3  H N N 228 
LYS HXT  H N N 229 
MET N    N N N 230 
MET CA   C N S 231 
MET C    C N N 232 
MET O    O N N 233 
MET CB   C N N 234 
MET CG   C N N 235 
MET SD   S N N 236 
MET CE   C N N 237 
MET OXT  O N N 238 
MET H    H N N 239 
MET H2   H N N 240 
MET HA   H N N 241 
MET HB2  H N N 242 
MET HB3  H N N 243 
MET HG2  H N N 244 
MET HG3  H N N 245 
MET HE1  H N N 246 
MET HE2  H N N 247 
MET HE3  H N N 248 
MET HXT  H N N 249 
PHE N    N N N 250 
PHE CA   C N S 251 
PHE C    C N N 252 
PHE O    O N N 253 
PHE CB   C N N 254 
PHE CG   C Y N 255 
PHE CD1  C Y N 256 
PHE CD2  C Y N 257 
PHE CE1  C Y N 258 
PHE CE2  C Y N 259 
PHE CZ   C Y N 260 
PHE OXT  O N N 261 
PHE H    H N N 262 
PHE H2   H N N 263 
PHE HA   H N N 264 
PHE HB2  H N N 265 
PHE HB3  H N N 266 
PHE HD1  H N N 267 
PHE HD2  H N N 268 
PHE HE1  H N N 269 
PHE HE2  H N N 270 
PHE HZ   H N N 271 
PHE HXT  H N N 272 
PRO N    N N N 273 
PRO CA   C N S 274 
PRO C    C N N 275 
PRO O    O N N 276 
PRO CB   C N N 277 
PRO CG   C N N 278 
PRO CD   C N N 279 
PRO OXT  O N N 280 
PRO H    H N N 281 
PRO HA   H N N 282 
PRO HB2  H N N 283 
PRO HB3  H N N 284 
PRO HG2  H N N 285 
PRO HG3  H N N 286 
PRO HD2  H N N 287 
PRO HD3  H N N 288 
PRO HXT  H N N 289 
SER N    N N N 290 
SER CA   C N S 291 
SER C    C N N 292 
SER O    O N N 293 
SER CB   C N N 294 
SER OG   O N N 295 
SER OXT  O N N 296 
SER H    H N N 297 
SER H2   H N N 298 
SER HA   H N N 299 
SER HB2  H N N 300 
SER HB3  H N N 301 
SER HG   H N N 302 
SER HXT  H N N 303 
THR N    N N N 304 
THR CA   C N S 305 
THR C    C N N 306 
THR O    O N N 307 
THR CB   C N R 308 
THR OG1  O N N 309 
THR CG2  C N N 310 
THR OXT  O N N 311 
THR H    H N N 312 
THR H2   H N N 313 
THR HA   H N N 314 
THR HB   H N N 315 
THR HG1  H N N 316 
THR HG21 H N N 317 
THR HG22 H N N 318 
THR HG23 H N N 319 
THR HXT  H N N 320 
TYR N    N N N 321 
TYR CA   C N S 322 
TYR C    C N N 323 
TYR O    O N N 324 
TYR CB   C N N 325 
TYR CG   C Y N 326 
TYR CD1  C Y N 327 
TYR CD2  C Y N 328 
TYR CE1  C Y N 329 
TYR CE2  C Y N 330 
TYR CZ   C Y N 331 
TYR OH   O N N 332 
TYR OXT  O N N 333 
TYR H    H N N 334 
TYR H2   H N N 335 
TYR HA   H N N 336 
TYR HB2  H N N 337 
TYR HB3  H N N 338 
TYR HD1  H N N 339 
TYR HD2  H N N 340 
TYR HE1  H N N 341 
TYR HE2  H N N 342 
TYR HH   H N N 343 
TYR HXT  H N N 344 
VAL N    N N N 345 
VAL CA   C N S 346 
VAL C    C N N 347 
VAL O    O N N 348 
VAL CB   C N N 349 
VAL CG1  C N N 350 
VAL CG2  C N N 351 
VAL OXT  O N N 352 
VAL H    H N N 353 
VAL H2   H N N 354 
VAL HA   H N N 355 
VAL HB   H N N 356 
VAL HG11 H N N 357 
VAL HG12 H N N 358 
VAL HG13 H N N 359 
VAL HG21 H N N 360 
VAL HG22 H N N 361 
VAL HG23 H N N 362 
VAL HXT  H N N 363 
# 
loop_
_chem_comp_bond.comp_id 
_chem_comp_bond.atom_id_1 
_chem_comp_bond.atom_id_2 
_chem_comp_bond.value_order 
_chem_comp_bond.pdbx_aromatic_flag 
_chem_comp_bond.pdbx_stereo_config 
_chem_comp_bond.pdbx_ordinal 
ALA N   CA   sing N N 1   
ALA N   H    sing N N 2   
ALA N   H2   sing N N 3   
ALA CA  C    sing N N 4   
ALA CA  CB   sing N N 5   
ALA CA  HA   sing N N 6   
ALA C   O    doub N N 7   
ALA C   OXT  sing N N 8   
ALA CB  HB1  sing N N 9   
ALA CB  HB2  sing N N 10  
ALA CB  HB3  sing N N 11  
ALA OXT HXT  sing N N 12  
ARG N   CA   sing N N 13  
ARG N   H    sing N N 14  
ARG N   H2   sing N N 15  
ARG CA  C    sing N N 16  
ARG CA  CB   sing N N 17  
ARG CA  HA   sing N N 18  
ARG C   O    doub N N 19  
ARG C   OXT  sing N N 20  
ARG CB  CG   sing N N 21  
ARG CB  HB2  sing N N 22  
ARG CB  HB3  sing N N 23  
ARG CG  CD   sing N N 24  
ARG CG  HG2  sing N N 25  
ARG CG  HG3  sing N N 26  
ARG CD  NE   sing N N 27  
ARG CD  HD2  sing N N 28  
ARG CD  HD3  sing N N 29  
ARG NE  CZ   sing N N 30  
ARG NE  HE   sing N N 31  
ARG CZ  NH1  sing N N 32  
ARG CZ  NH2  doub N N 33  
ARG NH1 HH11 sing N N 34  
ARG NH1 HH12 sing N N 35  
ARG NH2 HH21 sing N N 36  
ARG NH2 HH22 sing N N 37  
ARG OXT HXT  sing N N 38  
ASN N   CA   sing N N 39  
ASN N   H    sing N N 40  
ASN N   H2   sing N N 41  
ASN CA  C    sing N N 42  
ASN CA  CB   sing N N 43  
ASN CA  HA   sing N N 44  
ASN C   O    doub N N 45  
ASN C   OXT  sing N N 46  
ASN CB  CG   sing N N 47  
ASN CB  HB2  sing N N 48  
ASN CB  HB3  sing N N 49  
ASN CG  OD1  doub N N 50  
ASN CG  ND2  sing N N 51  
ASN ND2 HD21 sing N N 52  
ASN ND2 HD22 sing N N 53  
ASN OXT HXT  sing N N 54  
ASP N   CA   sing N N 55  
ASP N   H    sing N N 56  
ASP N   H2   sing N N 57  
ASP CA  C    sing N N 58  
ASP CA  CB   sing N N 59  
ASP CA  HA   sing N N 60  
ASP C   O    doub N N 61  
ASP C   OXT  sing N N 62  
ASP CB  CG   sing N N 63  
ASP CB  HB2  sing N N 64  
ASP CB  HB3  sing N N 65  
ASP CG  OD1  doub N N 66  
ASP CG  OD2  sing N N 67  
ASP OD2 HD2  sing N N 68  
ASP OXT HXT  sing N N 69  
CYS N   CA   sing N N 70  
CYS N   H    sing N N 71  
CYS N   H2   sing N N 72  
CYS CA  C    sing N N 73  
CYS CA  CB   sing N N 74  
CYS CA  HA   sing N N 75  
CYS C   O    doub N N 76  
CYS C   OXT  sing N N 77  
CYS CB  SG   sing N N 78  
CYS CB  HB2  sing N N 79  
CYS CB  HB3  sing N N 80  
CYS SG  HG   sing N N 81  
CYS OXT HXT  sing N N 82  
GLN N   CA   sing N N 83  
GLN N   H    sing N N 84  
GLN N   H2   sing N N 85  
GLN CA  C    sing N N 86  
GLN CA  CB   sing N N 87  
GLN CA  HA   sing N N 88  
GLN C   O    doub N N 89  
GLN C   OXT  sing N N 90  
GLN CB  CG   sing N N 91  
GLN CB  HB2  sing N N 92  
GLN CB  HB3  sing N N 93  
GLN CG  CD   sing N N 94  
GLN CG  HG2  sing N N 95  
GLN CG  HG3  sing N N 96  
GLN CD  OE1  doub N N 97  
GLN CD  NE2  sing N N 98  
GLN NE2 HE21 sing N N 99  
GLN NE2 HE22 sing N N 100 
GLN OXT HXT  sing N N 101 
GLU N   CA   sing N N 102 
GLU N   H    sing N N 103 
GLU N   H2   sing N N 104 
GLU CA  C    sing N N 105 
GLU CA  CB   sing N N 106 
GLU CA  HA   sing N N 107 
GLU C   O    doub N N 108 
GLU C   OXT  sing N N 109 
GLU CB  CG   sing N N 110 
GLU CB  HB2  sing N N 111 
GLU CB  HB3  sing N N 112 
GLU CG  CD   sing N N 113 
GLU CG  HG2  sing N N 114 
GLU CG  HG3  sing N N 115 
GLU CD  OE1  doub N N 116 
GLU CD  OE2  sing N N 117 
GLU OE2 HE2  sing N N 118 
GLU OXT HXT  sing N N 119 
GLY N   CA   sing N N 120 
GLY N   H    sing N N 121 
GLY N   H2   sing N N 122 
GLY CA  C    sing N N 123 
GLY CA  HA2  sing N N 124 
GLY CA  HA3  sing N N 125 
GLY C   O    doub N N 126 
GLY C   OXT  sing N N 127 
GLY OXT HXT  sing N N 128 
HIS N   CA   sing N N 129 
HIS N   H    sing N N 130 
HIS N   H2   sing N N 131 
HIS CA  C    sing N N 132 
HIS CA  CB   sing N N 133 
HIS CA  HA   sing N N 134 
HIS C   O    doub N N 135 
HIS C   OXT  sing N N 136 
HIS CB  CG   sing N N 137 
HIS CB  HB2  sing N N 138 
HIS CB  HB3  sing N N 139 
HIS CG  ND1  sing Y N 140 
HIS CG  CD2  doub Y N 141 
HIS ND1 CE1  doub Y N 142 
HIS ND1 HD1  sing N N 143 
HIS CD2 NE2  sing Y N 144 
HIS CD2 HD2  sing N N 145 
HIS CE1 NE2  sing Y N 146 
HIS CE1 HE1  sing N N 147 
HIS NE2 HE2  sing N N 148 
HIS OXT HXT  sing N N 149 
HOH O   H1   sing N N 150 
HOH O   H2   sing N N 151 
ILE N   CA   sing N N 152 
ILE N   H    sing N N 153 
ILE N   H2   sing N N 154 
ILE CA  C    sing N N 155 
ILE CA  CB   sing N N 156 
ILE CA  HA   sing N N 157 
ILE C   O    doub N N 158 
ILE C   OXT  sing N N 159 
ILE CB  CG1  sing N N 160 
ILE CB  CG2  sing N N 161 
ILE CB  HB   sing N N 162 
ILE CG1 CD1  sing N N 163 
ILE CG1 HG12 sing N N 164 
ILE CG1 HG13 sing N N 165 
ILE CG2 HG21 sing N N 166 
ILE CG2 HG22 sing N N 167 
ILE CG2 HG23 sing N N 168 
ILE CD1 HD11 sing N N 169 
ILE CD1 HD12 sing N N 170 
ILE CD1 HD13 sing N N 171 
ILE OXT HXT  sing N N 172 
LEU N   CA   sing N N 173 
LEU N   H    sing N N 174 
LEU N   H2   sing N N 175 
LEU CA  C    sing N N 176 
LEU CA  CB   sing N N 177 
LEU CA  HA   sing N N 178 
LEU C   O    doub N N 179 
LEU C   OXT  sing N N 180 
LEU CB  CG   sing N N 181 
LEU CB  HB2  sing N N 182 
LEU CB  HB3  sing N N 183 
LEU CG  CD1  sing N N 184 
LEU CG  CD2  sing N N 185 
LEU CG  HG   sing N N 186 
LEU CD1 HD11 sing N N 187 
LEU CD1 HD12 sing N N 188 
LEU CD1 HD13 sing N N 189 
LEU CD2 HD21 sing N N 190 
LEU CD2 HD22 sing N N 191 
LEU CD2 HD23 sing N N 192 
LEU OXT HXT  sing N N 193 
LYS N   CA   sing N N 194 
LYS N   H    sing N N 195 
LYS N   H2   sing N N 196 
LYS CA  C    sing N N 197 
LYS CA  CB   sing N N 198 
LYS CA  HA   sing N N 199 
LYS C   O    doub N N 200 
LYS C   OXT  sing N N 201 
LYS CB  CG   sing N N 202 
LYS CB  HB2  sing N N 203 
LYS CB  HB3  sing N N 204 
LYS CG  CD   sing N N 205 
LYS CG  HG2  sing N N 206 
LYS CG  HG3  sing N N 207 
LYS CD  CE   sing N N 208 
LYS CD  HD2  sing N N 209 
LYS CD  HD3  sing N N 210 
LYS CE  NZ   sing N N 211 
LYS CE  HE2  sing N N 212 
LYS CE  HE3  sing N N 213 
LYS NZ  HZ1  sing N N 214 
LYS NZ  HZ2  sing N N 215 
LYS NZ  HZ3  sing N N 216 
LYS OXT HXT  sing N N 217 
MET N   CA   sing N N 218 
MET N   H    sing N N 219 
MET N   H2   sing N N 220 
MET CA  C    sing N N 221 
MET CA  CB   sing N N 222 
MET CA  HA   sing N N 223 
MET C   O    doub N N 224 
MET C   OXT  sing N N 225 
MET CB  CG   sing N N 226 
MET CB  HB2  sing N N 227 
MET CB  HB3  sing N N 228 
MET CG  SD   sing N N 229 
MET CG  HG2  sing N N 230 
MET CG  HG3  sing N N 231 
MET SD  CE   sing N N 232 
MET CE  HE1  sing N N 233 
MET CE  HE2  sing N N 234 
MET CE  HE3  sing N N 235 
MET OXT HXT  sing N N 236 
PHE N   CA   sing N N 237 
PHE N   H    sing N N 238 
PHE N   H2   sing N N 239 
PHE CA  C    sing N N 240 
PHE CA  CB   sing N N 241 
PHE CA  HA   sing N N 242 
PHE C   O    doub N N 243 
PHE C   OXT  sing N N 244 
PHE CB  CG   sing N N 245 
PHE CB  HB2  sing N N 246 
PHE CB  HB3  sing N N 247 
PHE CG  CD1  doub Y N 248 
PHE CG  CD2  sing Y N 249 
PHE CD1 CE1  sing Y N 250 
PHE CD1 HD1  sing N N 251 
PHE CD2 CE2  doub Y N 252 
PHE CD2 HD2  sing N N 253 
PHE CE1 CZ   doub Y N 254 
PHE CE1 HE1  sing N N 255 
PHE CE2 CZ   sing Y N 256 
PHE CE2 HE2  sing N N 257 
PHE CZ  HZ   sing N N 258 
PHE OXT HXT  sing N N 259 
PRO N   CA   sing N N 260 
PRO N   CD   sing N N 261 
PRO N   H    sing N N 262 
PRO CA  C    sing N N 263 
PRO CA  CB   sing N N 264 
PRO CA  HA   sing N N 265 
PRO C   O    doub N N 266 
PRO C   OXT  sing N N 267 
PRO CB  CG   sing N N 268 
PRO CB  HB2  sing N N 269 
PRO CB  HB3  sing N N 270 
PRO CG  CD   sing N N 271 
PRO CG  HG2  sing N N 272 
PRO CG  HG3  sing N N 273 
PRO CD  HD2  sing N N 274 
PRO CD  HD3  sing N N 275 
PRO OXT HXT  sing N N 276 
SER N   CA   sing N N 277 
SER N   H    sing N N 278 
SER N   H2   sing N N 279 
SER CA  C    sing N N 280 
SER CA  CB   sing N N 281 
SER CA  HA   sing N N 282 
SER C   O    doub N N 283 
SER C   OXT  sing N N 284 
SER CB  OG   sing N N 285 
SER CB  HB2  sing N N 286 
SER CB  HB3  sing N N 287 
SER OG  HG   sing N N 288 
SER OXT HXT  sing N N 289 
THR N   CA   sing N N 290 
THR N   H    sing N N 291 
THR N   H2   sing N N 292 
THR CA  C    sing N N 293 
THR CA  CB   sing N N 294 
THR CA  HA   sing N N 295 
THR C   O    doub N N 296 
THR C   OXT  sing N N 297 
THR CB  OG1  sing N N 298 
THR CB  CG2  sing N N 299 
THR CB  HB   sing N N 300 
THR OG1 HG1  sing N N 301 
THR CG2 HG21 sing N N 302 
THR CG2 HG22 sing N N 303 
THR CG2 HG23 sing N N 304 
THR OXT HXT  sing N N 305 
TYR N   CA   sing N N 306 
TYR N   H    sing N N 307 
TYR N   H2   sing N N 308 
TYR CA  C    sing N N 309 
TYR CA  CB   sing N N 310 
TYR CA  HA   sing N N 311 
TYR C   O    doub N N 312 
TYR C   OXT  sing N N 313 
TYR CB  CG   sing N N 314 
TYR CB  HB2  sing N N 315 
TYR CB  HB3  sing N N 316 
TYR CG  CD1  doub Y N 317 
TYR CG  CD2  sing Y N 318 
TYR CD1 CE1  sing Y N 319 
TYR CD1 HD1  sing N N 320 
TYR CD2 CE2  doub Y N 321 
TYR CD2 HD2  sing N N 322 
TYR CE1 CZ   doub Y N 323 
TYR CE1 HE1  sing N N 324 
TYR CE2 CZ   sing Y N 325 
TYR CE2 HE2  sing N N 326 
TYR CZ  OH   sing N N 327 
TYR OH  HH   sing N N 328 
TYR OXT HXT  sing N N 329 
VAL N   CA   sing N N 330 
VAL N   H    sing N N 331 
VAL N   H2   sing N N 332 
VAL CA  C    sing N N 333 
VAL CA  CB   sing N N 334 
VAL CA  HA   sing N N 335 
VAL C   O    doub N N 336 
VAL C   OXT  sing N N 337 
VAL CB  CG1  sing N N 338 
VAL CB  CG2  sing N N 339 
VAL CB  HB   sing N N 340 
VAL CG1 HG11 sing N N 341 
VAL CG1 HG12 sing N N 342 
VAL CG1 HG13 sing N N 343 
VAL CG2 HG21 sing N N 344 
VAL CG2 HG22 sing N N 345 
VAL CG2 HG23 sing N N 346 
VAL OXT HXT  sing N N 347 
# 
_pdbx_audit_support.funding_organization   'Not funded' 
_pdbx_audit_support.country                ? 
_pdbx_audit_support.grant_number           ? 
_pdbx_audit_support.ordinal                1 
# 
_atom_sites.entry_id                    8DQA 
_atom_sites.Cartn_transf_matrix[1][1]   ? 
_atom_sites.Cartn_transf_matrix[1][2]   ? 
_atom_sites.Cartn_transf_matrix[1][3]   ? 
_atom_sites.Cartn_transf_matrix[2][1]   ? 
_atom_sites.Cartn_transf_matrix[2][2]   ? 
_atom_sites.Cartn_transf_matrix[2][3]   ? 
_atom_sites.Cartn_transf_matrix[3][1]   ? 
_atom_sites.Cartn_transf_matrix[3][2]   ? 
_atom_sites.Cartn_transf_matrix[3][3]   ? 
_atom_sites.Cartn_transf_vector[1]      ? 
_atom_sites.Cartn_transf_vector[2]      ? 
_atom_sites.Cartn_transf_vector[3]      ? 
_atom_sites.fract_transf_matrix[1][1]   0.00641677 
_atom_sites.fract_transf_matrix[1][2]   0.00388579 
_atom_sites.fract_transf_matrix[1][3]   0.00828020 
_atom_sites.fract_transf_matrix[2][1]   -0.00875798 
_atom_sites.fract_transf_matrix[2][2]   -0.00030690 
_atom_sites.fract_transf_matrix[2][3]   0.00693105 
_atom_sites.fract_transf_matrix[3][1]   0.00263795 
_atom_sites.fract_transf_matrix[3][2]   -0.01047102 
_atom_sites.fract_transf_matrix[3][3]   0.00286963 
_atom_sites.fract_transf_vector[1]      0.208147 
_atom_sites.fract_transf_vector[2]      0.307349 
_atom_sites.fract_transf_vector[3]      0.582377 
_atom_sites.solution_primary            ? 
_atom_sites.solution_secondary          ? 
_atom_sites.solution_hydrogens          ? 
_atom_sites.special_details             ? 
# 
loop_
_atom_type.symbol 
C 
H 
N 
O 
S 
# 
loop_
_atom_site.group_PDB 
_atom_site.id 
_atom_site.type_symbol 
_atom_site.label_atom_id 
_atom_site.label_alt_id 
_atom_site.label_comp_id 
_atom_site.label_asym_id 
_atom_site.label_entity_id 
_atom_site.label_seq_id 
_atom_site.pdbx_PDB_ins_code 
_atom_site.Cartn_x 
_atom_site.Cartn_y 
_atom_site.Cartn_z 
_atom_site.occupancy 
_atom_site.B_iso_or_equiv 
_atom_site.pdbx_formal_charge 
_atom_site.auth_seq_id 
_atom_site.auth_comp_id 
_atom_site.auth_asym_id 
_atom_site.auth_atom_id 
_atom_site.pdbx_PDB_model_num 
ATOM   1    N N    . PRO A 1 1   ? -5.212  -12.394 1.491   1.00 48.56  ? 1   PRO A N    1 
ATOM   2    C CA   . PRO A 1 1   ? -4.039  -11.536 1.288   1.00 45.28  ? 1   PRO A CA   1 
ATOM   3    C C    . PRO A 1 1   ? -3.933  -10.419 2.321   1.00 44.79  ? 1   PRO A C    1 
ATOM   4    O O    . PRO A 1 1   ? -4.945  -9.803  2.657   1.00 48.68  ? 1   PRO A O    1 
ATOM   5    C CB   . PRO A 1 1   ? -4.272  -10.963 -0.111  1.00 45.23  ? 1   PRO A CB   1 
ATOM   6    C CG   . PRO A 1 1   ? -5.752  -10.909 -0.239  1.00 47.39  ? 1   PRO A CG   1 
ATOM   7    C CD   . PRO A 1 1   ? -6.286  -12.099 0.526   1.00 50.31  ? 1   PRO A CD   1 
ATOM   8    H HA   . PRO A 1 1   ? -3.222  -12.058 1.300   1.00 54.77  ? 1   PRO A HA   1 
ATOM   9    N N    . CYS A 1 2   ? -2.722  -10.163 2.814   1.00 44.17  ? 2   CYS A N    1 
ATOM   10   C CA   . CYS A 1 2   ? -2.481  -9.109  3.791   1.00 35.28  ? 2   CYS A CA   1 
ATOM   11   C C    . CYS A 1 2   ? -1.544  -8.072  3.190   1.00 37.08  ? 2   CYS A C    1 
ATOM   12   O O    . CYS A 1 2   ? -0.440  -8.408  2.750   1.00 40.74  ? 2   CYS A O    1 
ATOM   13   C CB   . CYS A 1 2   ? -1.879  -9.664  5.082   1.00 32.68  ? 2   CYS A CB   1 
ATOM   14   S SG   . CYS A 1 2   ? -1.444  -8.374  6.267   1.00 38.64  ? 2   CYS A SG   1 
ATOM   15   H H    . CYS A 1 2   ? -2.014  -10.596 2.594   1.00 53.44  ? 2   CYS A H    1 
ATOM   16   H HA   . CYS A 1 2   ? -3.327  -8.681  3.999   1.00 42.77  ? 2   CYS A HA   1 
ATOM   17   H HB2  . CYS A 1 2   ? -2.526  -10.253 5.502   1.00 39.65  ? 2   CYS A HB2  1 
ATOM   18   H HB3  . CYS A 1 2   ? -1.073  -10.158 4.866   1.00 39.65  ? 2   CYS A HB3  1 
ATOM   19   H HG   . CYS A 1 2   ? -1.072  -8.888  7.285   1.00 46.80  ? 2   CYS A HG   1 
ATOM   20   N N    . LEU A 1 3   ? -1.981  -6.815  3.185   1.00 38.21  ? 3   LEU A N    1 
ATOM   21   C CA   . LEU A 1 3   ? -1.172  -5.690  2.728   1.00 33.95  ? 3   LEU A CA   1 
ATOM   22   C C    . LEU A 1 3   ? -0.694  -4.930  3.961   1.00 29.32  ? 3   LEU A C    1 
ATOM   23   O O    . LEU A 1 3   ? -1.495  -4.308  4.665   1.00 34.38  ? 3   LEU A O    1 
ATOM   24   C CB   . LEU A 1 3   ? -1.978  -4.798  1.788   1.00 33.67  ? 3   LEU A CB   1 
ATOM   25   C CG   . LEU A 1 3   ? -1.334  -3.488  1.333   1.00 36.30  ? 3   LEU A CG   1 
ATOM   26   C CD1  . LEU A 1 3   ? -0.129  -3.748  0.449   1.00 34.31  ? 3   LEU A CD1  1 
ATOM   27   C CD2  . LEU A 1 3   ? -2.358  -2.625  0.604   1.00 30.74  ? 3   LEU A CD2  1 
ATOM   28   H H    . LEU A 1 3   ? -2.765  -6.582  3.451   1.00 46.29  ? 3   LEU A H    1 
ATOM   29   H HA   . LEU A 1 3   ? -0.395  -6.009  2.240   1.00 41.17  ? 3   LEU A HA   1 
ATOM   30   H HB2  . LEU A 1 3   ? -2.172  -5.308  0.986   1.00 40.84  ? 3   LEU A HB2  1 
ATOM   31   H HB3  . LEU A 1 3   ? -2.804  -4.562  2.239   1.00 40.84  ? 3   LEU A HB3  1 
ATOM   32   H HG   . LEU A 1 3   ? -1.023  -3.005  2.113   1.00 43.99  ? 3   LEU A HG   1 
ATOM   33   H HD11 . LEU A 1 3   ? 0.265   -2.899  0.195   1.00 41.60  ? 3   LEU A HD11 1 
ATOM   34   H HD12 . LEU A 1 3   ? 0.517   -4.278  0.944   1.00 41.60  ? 3   LEU A HD12 1 
ATOM   35   H HD13 . LEU A 1 3   ? -0.415  -4.230  -0.343  1.00 41.60  ? 3   LEU A HD13 1 
ATOM   36   H HD21 . LEU A 1 3   ? -1.914  -1.838  0.253   1.00 37.32  ? 3   LEU A HD21 1 
ATOM   37   H HD22 . LEU A 1 3   ? -2.744  -3.139  -0.123  1.00 37.32  ? 3   LEU A HD22 1 
ATOM   38   H HD23 . LEU A 1 3   ? -3.051  -2.363  1.229   1.00 37.32  ? 3   LEU A HD23 1 
ATOM   39   N N    . TYR A 1 4   ? 0.607   -4.993  4.225   1.00 31.53  ? 4   TYR A N    1 
ATOM   40   C CA   . TYR A 1 4   ? 1.232   -4.380  5.394   1.00 33.07  ? 4   TYR A CA   1 
ATOM   41   C C    . TYR A 1 4   ? 1.996   -3.147  4.936   1.00 34.64  ? 4   TYR A C    1 
ATOM   42   O O    . TYR A 1 4   ? 2.949   -3.261  4.159   1.00 35.39  ? 4   TYR A O    1 
ATOM   43   C CB   . TYR A 1 4   ? 2.161   -5.384  6.079   1.00 31.86  ? 4   TYR A CB   1 
ATOM   44   C CG   . TYR A 1 4   ? 2.589   -5.032  7.489   1.00 32.40  ? 4   TYR A CG   1 
ATOM   45   C CD1  . TYR A 1 4   ? 2.426   -5.940  8.528   1.00 33.10  ? 4   TYR A CD1  1 
ATOM   46   C CD2  . TYR A 1 4   ? 3.182   -3.809  7.777   1.00 41.27  ? 4   TYR A CD2  1 
ATOM   47   C CE1  . TYR A 1 4   ? 2.826   -5.634  9.814   1.00 36.78  ? 4   TYR A CE1  1 
ATOM   48   C CE2  . TYR A 1 4   ? 3.583   -3.494  9.062   1.00 39.72  ? 4   TYR A CE2  1 
ATOM   49   C CZ   . TYR A 1 4   ? 3.403   -4.411  10.076  1.00 38.68  ? 4   TYR A CZ   1 
ATOM   50   O OH   . TYR A 1 4   ? 3.800   -4.105  11.356  1.00 44.14  ? 4   TYR A OH   1 
ATOM   51   H H    . TYR A 1 4   ? 1.172   -5.401  3.721   1.00 38.27  ? 4   TYR A H    1 
ATOM   52   H HA   . TYR A 1 4   ? 0.559   -4.100  6.034   1.00 40.12  ? 4   TYR A HA   1 
ATOM   53   N N    . ILE A 1 5   ? 1.581   -1.974  5.416   1.00 35.74  ? 5   ILE A N    1 
ATOM   54   C CA   . ILE A 1 5   ? 2.119   -0.700  4.955   1.00 33.15  ? 5   ILE A CA   1 
ATOM   55   C C    . ILE A 1 5   ? 2.751   0.032   6.129   1.00 34.29  ? 5   ILE A C    1 
ATOM   56   O O    . ILE A 1 5   ? 2.120   0.191   7.182   1.00 36.15  ? 5   ILE A O    1 
ATOM   57   C CB   . ILE A 1 5   ? 1.033   0.175   4.302   1.00 34.45  ? 5   ILE A CB   1 
ATOM   58   C CG1  . ILE A 1 5   ? 0.348   -0.584  3.167   1.00 33.71  ? 5   ILE A CG1  1 
ATOM   59   C CG2  . ILE A 1 5   ? 1.634   1.478   3.787   1.00 32.47  ? 5   ILE A CG2  1 
ATOM   60   C CD1  . ILE A 1 5   ? -0.917  0.083   2.657   1.00 37.49  ? 5   ILE A CD1  1 
ATOM   61   H H    . ILE A 1 5   ? 0.978   -1.893  6.023   1.00 43.32  ? 5   ILE A H    1 
ATOM   62   H HA   . ILE A 1 5   ? 2.814   -0.878  4.302   1.00 40.21  ? 5   ILE A HA   1 
ATOM   63   H HB   . ILE A 1 5   ? 0.368   0.390   4.975   1.00 41.77  ? 5   ILE A HB   1 
ATOM   64   H HG12 . ILE A 1 5   ? 0.965   -0.655  2.422   1.00 40.89  ? 5   ILE A HG12 1 
ATOM   65   H HG13 . ILE A 1 5   ? 0.108   -1.469  3.483   1.00 40.89  ? 5   ILE A HG13 1 
ATOM   66   H HG21 . ILE A 1 5   ? 0.938   2.001   3.360   1.00 39.39  ? 5   ILE A HG21 1 
ATOM   67   H HG22 . ILE A 1 5   ? 2.007   1.971   4.535   1.00 39.39  ? 5   ILE A HG22 1 
ATOM   68   H HG23 . ILE A 1 5   ? 2.334   1.272   3.147   1.00 39.39  ? 5   ILE A HG23 1 
ATOM   69   H HD11 . ILE A 1 5   ? -1.297  -0.460  1.949   1.00 45.42  ? 5   ILE A HD11 1 
ATOM   70   H HD12 . ILE A 1 5   ? -1.549  0.162   3.389   1.00 45.42  ? 5   ILE A HD12 1 
ATOM   71   H HD13 . ILE A 1 5   ? -0.694  0.963   2.317   1.00 45.42  ? 5   ILE A HD13 1 
ATOM   72   N N    . THR A 1 6   ? 3.985   0.493   5.937   1.00 36.67  ? 6   THR A N    1 
ATOM   73   C CA   . THR A 1 6   ? 4.710   1.298   6.911   1.00 35.81  ? 6   THR A CA   1 
ATOM   74   C C    . THR A 1 6   ? 5.133   2.601   6.243   1.00 36.33  ? 6   THR A C    1 
ATOM   75   O O    . THR A 1 6   ? 5.743   2.580   5.168   1.00 34.17  ? 6   THR A O    1 
ATOM   76   C CB   . THR A 1 6   ? 5.936   0.550   7.439   1.00 31.56  ? 6   THR A CB   1 
ATOM   77   O OG1  . THR A 1 6   ? 5.523   -0.673  8.061   1.00 33.57  ? 6   THR A OG1  1 
ATOM   78   C CG2  . THR A 1 6   ? 6.681   1.397   8.449   1.00 42.76  ? 6   THR A CG2  1 
ATOM   79   H H    . THR A 1 6   ? 4.438   0.346   5.221   1.00 44.44  ? 6   THR A H    1 
ATOM   80   H HA   . THR A 1 6   ? 4.136   1.505   7.665   1.00 43.41  ? 6   THR A HA   1 
ATOM   81   H HB   . THR A 1 6   ? 6.535   0.352   6.702   1.00 38.30  ? 6   THR A HB   1 
ATOM   82   H HG1  . THR A 1 6   ? 6.196   -1.102  8.326   1.00 40.71  ? 6   THR A HG1  1 
ATOM   83   H HG21 . THR A 1 6   ? 7.428   0.897   8.815   1.00 51.75  ? 6   THR A HG21 1 
ATOM   84   H HG22 . THR A 1 6   ? 7.018   2.201   8.024   1.00 51.75  ? 6   THR A HG22 1 
ATOM   85   H HG23 . THR A 1 6   ? 6.087   1.650   9.173   1.00 51.75  ? 6   THR A HG23 1 
ATOM   86   N N    . THR A 1 7   ? 4.813   3.728   6.877   1.00 37.31  ? 7   THR A N    1 
ATOM   87   C CA   . THR A 1 7   ? 5.080   5.029   6.279   1.00 41.80  ? 7   THR A CA   1 
ATOM   88   C C    . THR A 1 7   ? 5.424   6.033   7.368   1.00 39.49  ? 7   THR A C    1 
ATOM   89   O O    . THR A 1 7   ? 5.043   5.879   8.531   1.00 40.64  ? 7   THR A O    1 
ATOM   90   C CB   . THR A 1 7   ? 3.879   5.533   5.467   1.00 39.80  ? 7   THR A CB   1 
ATOM   91   O OG1  . THR A 1 7   ? 4.084   6.905   5.104   1.00 40.91  ? 7   THR A OG1  1 
ATOM   92   C CG2  . THR A 1 7   ? 2.594   5.417   6.278   1.00 40.17  ? 7   THR A CG2  1 
ATOM   93   H H    . THR A 1 7   ? 4.443   3.762   7.652   1.00 45.20  ? 7   THR A H    1 
ATOM   94   H HA   . THR A 1 7   ? 5.846   4.947   5.689   1.00 50.60  ? 7   THR A HA   1 
ATOM   95   H HB   . THR A 1 7   ? 3.784   4.996   4.664   1.00 48.20  ? 7   THR A HB   1 
ATOM   96   H HG1  . THR A 1 7   ? 3.407   7.199   4.704   1.00 49.52  ? 7   THR A HG1  1 
ATOM   97   H HG21 . THR A 1 7   ? 1.846   5.763   5.768   1.00 48.63  ? 7   THR A HG21 1 
ATOM   98   H HG22 . THR A 1 7   ? 2.423   4.487   6.497   1.00 48.63  ? 7   THR A HG22 1 
ATOM   99   H HG23 . THR A 1 7   ? 2.675   5.924   7.102   1.00 48.63  ? 7   THR A HG23 1 
ATOM   100  N N    . ASN A 1 8   ? 6.155   7.077   6.973   1.00 40.79  ? 8   ASN A N    1 
ATOM   101  C CA   . ASN A 1 8   ? 6.474   8.176   7.876   1.00 38.85  ? 8   ASN A CA   1 
ATOM   102  C C    . ASN A 1 8   ? 5.365   9.219   7.942   1.00 41.68  ? 8   ASN A C    1 
ATOM   103  O O    . ASN A 1 8   ? 5.479   10.174  8.719   1.00 41.12  ? 8   ASN A O    1 
ATOM   104  C CB   . ASN A 1 8   ? 7.785   8.847   7.457   1.00 36.84  ? 8   ASN A CB   1 
ATOM   105  C CG   . ASN A 1 8   ? 7.802   9.242   5.992   1.00 35.09  ? 8   ASN A CG   1 
ATOM   106  O OD1  . ASN A 1 8   ? 6.846   9.000   5.254   1.00 38.57  ? 8   ASN A OD1  1 
ATOM   107  N ND2  . ASN A 1 8   ? 8.898   9.855   5.563   1.00 34.36  ? 8   ASN A ND2  1 
ATOM   108  H H    . ASN A 1 8   ? 6.478   7.171   6.181   1.00 49.38  ? 8   ASN A H    1 
ATOM   109  H HA   . ASN A 1 8   ? 6.601   7.815   8.767   1.00 47.05  ? 8   ASN A HA   1 
ATOM   110  H HB2  . ASN A 1 8   ? 7.911   9.650   7.986   1.00 44.64  ? 8   ASN A HB2  1 
ATOM   111  H HB3  . ASN A 1 8   ? 8.518   8.230   7.610   1.00 44.64  ? 8   ASN A HB3  1 
ATOM   112  H HD21 . ASN A 1 8   ? 8.960   10.100  4.742   1.00 41.66  ? 8   ASN A HD21 1 
ATOM   113  H HD22 . ASN A 1 8   ? 9.547   10.007  6.106   1.00 41.66  ? 8   ASN A HD22 1 
ATOM   114  N N    . VAL A 1 9   ? 4.305   9.062   7.150   1.00 45.83  ? 9   VAL A N    1 
ATOM   115  C CA   . VAL A 1 9   ? 3.175   9.979   7.205   1.00 46.80  ? 9   VAL A CA   1 
ATOM   116  C C    . VAL A 1 9   ? 2.475   9.842   8.550   1.00 49.39  ? 9   VAL A C    1 
ATOM   117  O O    . VAL A 1 9   ? 2.337   8.738   9.094   1.00 41.21  ? 9   VAL A O    1 
ATOM   118  C CB   . VAL A 1 9   ? 2.217   9.697   6.035   1.00 43.59  ? 9   VAL A CB   1 
ATOM   119  C CG1  . VAL A 1 9   ? 0.869   10.350  6.272   1.00 49.36  ? 9   VAL A CG1  1 
ATOM   120  C CG2  . VAL A 1 9   ? 2.829   10.176  4.723   1.00 38.23  ? 9   VAL A CG2  1 
ATOM   121  H H    . VAL A 1 9   ? 4.217   8.430   6.572   1.00 55.43  ? 9   VAL A H    1 
ATOM   122  H HA   . VAL A 1 9   ? 3.492   10.892  7.124   1.00 56.59  ? 9   VAL A HA   1 
ATOM   123  H HB   . VAL A 1 9   ? 2.073   8.741   5.971   1.00 52.75  ? 9   VAL A HB   1 
ATOM   124  H HG11 . VAL A 1 9   ? 0.339   10.284  5.463   1.00 59.66  ? 9   VAL A HG11 1 
ATOM   125  H HG12 . VAL A 1 9   ? 0.421   9.892   7.000   1.00 59.66  ? 9   VAL A HG12 1 
ATOM   126  H HG13 . VAL A 1 9   ? 1.006   11.283  6.501   1.00 59.66  ? 9   VAL A HG13 1 
ATOM   127  H HG21 . VAL A 1 9   ? 2.217   9.977   3.997   1.00 46.31  ? 9   VAL A HG21 1 
ATOM   128  H HG22 . VAL A 1 9   ? 2.979   11.133  4.775   1.00 46.31  ? 9   VAL A HG22 1 
ATOM   129  H HG23 . VAL A 1 9   ? 3.671   9.717   4.582   1.00 46.31  ? 9   VAL A HG23 1 
ATOM   130  N N    . ASN A 1 10  ? 2.031   10.970  9.099   1.00 55.36  ? 10  ASN A N    1 
ATOM   131  C CA   . ASN A 1 10  ? 1.323   10.992  10.373  1.00 52.31  ? 10  ASN A CA   1 
ATOM   132  C C    . ASN A 1 10  ? -0.176  10.969  10.108  1.00 46.63  ? 10  ASN A C    1 
ATOM   133  O O    . ASN A 1 10  ? -0.699  11.841  9.406   1.00 54.75  ? 10  ASN A O    1 
ATOM   134  C CB   . ASN A 1 10  ? 1.713   12.228  11.182  1.00 49.24  ? 10  ASN A CB   1 
ATOM   135  C CG   . ASN A 1 10  ? 0.864   12.405  12.422  1.00 52.95  ? 10  ASN A CG   1 
ATOM   136  O OD1  . ASN A 1 10  ? 0.237   11.461  12.900  1.00 59.29  ? 10  ASN A OD1  1 
ATOM   137  N ND2  . ASN A 1 10  ? 0.843   13.621  12.954  1.00 69.31  ? 10  ASN A ND2  1 
ATOM   138  H H    . ASN A 1 10  ? 2.129   11.748  8.745   1.00 66.87  ? 10  ASN A H    1 
ATOM   139  H HA   . ASN A 1 10  ? 1.557   10.207  10.892  1.00 63.20  ? 10  ASN A HA   1 
ATOM   140  H HB2  . ASN A 1 10  ? 2.639   12.146  11.460  1.00 59.51  ? 10  ASN A HB2  1 
ATOM   141  H HB3  . ASN A 1 10  ? 1.603   13.017  10.627  1.00 59.51  ? 10  ASN A HB3  1 
ATOM   142  H HD21 . ASN A 1 10  ? 1.295   14.256  12.593  1.00 83.61  ? 10  ASN A HD21 1 
ATOM   143  H HD22 . ASN A 1 10  ? 0.376   13.773  13.659  1.00 83.61  ? 10  ASN A HD22 1 
ATOM   144  N N    . PHE A 1 11  ? -0.866  9.974   10.664  1.00 47.38  ? 11  PHE A N    1 
ATOM   145  C CA   . PHE A 1 11  ? -2.297  9.809   10.454  1.00 52.48  ? 11  PHE A CA   1 
ATOM   146  C C    . PHE A 1 11  ? -3.131  10.359  11.606  1.00 58.45  ? 11  PHE A C    1 
ATOM   147  O O    . PHE A 1 11  ? -4.324  10.051  11.696  1.00 58.48  ? 11  PHE A O    1 
ATOM   148  C CB   . PHE A 1 11  ? -2.629  8.331   10.232  1.00 46.69  ? 11  PHE A CB   1 
ATOM   149  C CG   . PHE A 1 11  ? -2.031  7.759   8.978   1.00 41.35  ? 11  PHE A CG   1 
ATOM   150  C CD1  . PHE A 1 11  ? -2.225  8.380   7.759   1.00 41.62  ? 11  PHE A CD1  1 
ATOM   151  C CD2  . PHE A 1 11  ? -1.272  6.601   9.021   1.00 43.47  ? 11  PHE A CD2  1 
ATOM   152  C CE1  . PHE A 1 11  ? -1.675  7.859   6.605   1.00 47.44  ? 11  PHE A CE1  1 
ATOM   153  C CE2  . PHE A 1 11  ? -0.720  6.076   7.869   1.00 39.91  ? 11  PHE A CE2  1 
ATOM   154  C CZ   . PHE A 1 11  ? -0.921  6.706   6.661   1.00 40.92  ? 11  PHE A CZ   1 
ATOM   155  H H    . PHE A 1 11  ? -0.518  9.375   11.173  1.00 57.28  ? 11  PHE A H    1 
ATOM   156  H HA   . PHE A 1 11  ? -2.544  10.296  9.653   1.00 63.41  ? 11  PHE A HA   1 
ATOM   157  H HB2  . PHE A 1 11  ? -2.289  7.819   10.982  1.00 56.46  ? 11  PHE A HB2  1 
ATOM   158  H HB3  . PHE A 1 11  ? -3.592  8.234   10.173  1.00 56.46  ? 11  PHE A HB3  1 
ATOM   159  H HD1  . PHE A 1 11  ? -2.732  9.158   7.715   1.00 50.38  ? 11  PHE A HD1  1 
ATOM   160  H HD2  . PHE A 1 11  ? -1.134  6.172   9.834   1.00 52.60  ? 11  PHE A HD2  1 
ATOM   161  H HE1  . PHE A 1 11  ? -1.811  8.287   5.791   1.00 57.36  ? 11  PHE A HE1  1 
ATOM   162  H HE2  . PHE A 1 11  ? -0.212  5.297   7.910   1.00 48.33  ? 11  PHE A HE2  1 
ATOM   163  H HZ   . PHE A 1 11  ? -0.550  6.354   5.884   1.00 49.54  ? 11  PHE A HZ   1 
ATOM   164  N N    . ASP A 1 12  ? -2.536  11.164  12.483  1.00 65.41  ? 12  ASP A N    1 
ATOM   165  C CA   . ASP A 1 12  ? -3.301  11.822  13.534  1.00 60.98  ? 12  ASP A CA   1 
ATOM   166  C C    . ASP A 1 12  ? -4.380  12.698  12.912  1.00 63.53  ? 12  ASP A C    1 
ATOM   167  O O    . ASP A 1 12  ? -4.085  13.582  12.101  1.00 58.01  ? 12  ASP A O    1 
ATOM   168  C CB   . ASP A 1 12  ? -2.380  12.662  14.415  1.00 65.08  ? 12  ASP A CB   1 
ATOM   169  C CG   . ASP A 1 12  ? -1.487  11.812  15.297  1.00 90.70  ? 12  ASP A CG   1 
ATOM   170  O OD1  . ASP A 1 12  ? -0.442  12.322  15.752  1.00 93.33  ? 12  ASP A OD1  1 
ATOM   171  O OD2  . ASP A 1 12  ? -1.830  10.633  15.534  1.00 88.50  ? 12  ASP A OD2  1 
ATOM   172  H H    . ASP A 1 12  ? -1.694  11.343  12.492  1.00 78.93  ? 12  ASP A H    1 
ATOM   173  H HA   . ASP A 1 12  ? -3.722  11.151  14.094  1.00 73.60  ? 12  ASP A HA   1 
ATOM   174  H HB2  . ASP A 1 12  ? -1.812  13.208  13.849  1.00 78.53  ? 12  ASP A HB2  1 
ATOM   175  H HB3  . ASP A 1 12  ? -2.919  13.227  14.989  1.00 78.53  ? 12  ASP A HB3  1 
ATOM   176  N N    . GLY A 1 13  ? -5.631  12.448  13.288  1.00 67.54  ? 13  GLY A N    1 
ATOM   177  C CA   . GLY A 1 13  ? -6.726  13.238  12.769  1.00 67.42  ? 13  GLY A CA   1 
ATOM   178  C C    . GLY A 1 13  ? -6.994  13.062  11.295  1.00 65.15  ? 13  GLY A C    1 
ATOM   179  O O    . GLY A 1 13  ? -7.573  13.954  10.669  1.00 68.40  ? 13  GLY A O    1 
ATOM   180  H H    . GLY A 1 13  ? -5.865  11.829  13.837  1.00 81.48  ? 13  GLY A H    1 
ATOM   181  H HA2  . GLY A 1 13  ? -7.535  12.998  13.246  1.00 81.34  ? 13  GLY A HA2  1 
ATOM   182  H HA3  . GLY A 1 13  ? -6.533  14.176  12.924  1.00 81.34  ? 13  GLY A HA3  1 
ATOM   183  N N    . VAL A 1 14  ? -6.589  11.934  10.717  1.00 68.15  ? 14  VAL A N    1 
ATOM   184  C CA   . VAL A 1 14  ? -6.835  11.626  9.314   1.00 64.98  ? 14  VAL A CA   1 
ATOM   185  C C    . VAL A 1 14  ? -7.856  10.500  9.245   1.00 60.80  ? 14  VAL A C    1 
ATOM   186  O O    . VAL A 1 14  ? -7.700  9.473   9.917   1.00 64.06  ? 14  VAL A O    1 
ATOM   187  C CB   . VAL A 1 14  ? -5.541  11.227  8.582   1.00 58.05  ? 14  VAL A CB   1 
ATOM   188  C CG1  . VAL A 1 14  ? -5.822  10.997  7.101   1.00 55.62  ? 14  VAL A CG1  1 
ATOM   189  C CG2  . VAL A 1 14  ? -4.468  12.284  8.774   1.00 56.00  ? 14  VAL A CG2  1 
ATOM   190  H H    . VAL A 1 14  ? -6.157  11.317  11.130  1.00 82.21  ? 14  VAL A H    1 
ATOM   191  H HA   . VAL A 1 14  ? -7.204  12.411  8.878   1.00 78.40  ? 14  VAL A HA   1 
ATOM   192  H HB   . VAL A 1 14  ? -5.208  10.397  8.959   1.00 70.10  ? 14  VAL A HB   1 
ATOM   193  H HG11 . VAL A 1 14  ? -4.992  10.775  6.653   1.00 67.18  ? 14  VAL A HG11 1 
ATOM   194  H HG12 . VAL A 1 14  ? -6.454  10.266  7.009   1.00 67.18  ? 14  VAL A HG12 1 
ATOM   195  H HG13 . VAL A 1 14  ? -6.197  11.807  6.722   1.00 67.18  ? 14  VAL A HG13 1 
ATOM   196  H HG21 . VAL A 1 14  ? -3.671  12.016  8.290   1.00 67.63  ? 14  VAL A HG21 1 
ATOM   197  H HG22 . VAL A 1 14  ? -4.793  13.131  8.431   1.00 67.63  ? 14  VAL A HG22 1 
ATOM   198  H HG23 . VAL A 1 14  ? -4.268  12.365  9.720   1.00 67.63  ? 14  VAL A HG23 1 
ATOM   199  N N    . ASN A 1 15  ? -8.895  10.690  8.436   1.00 55.15  ? 15  ASN A N    1 
ATOM   200  C CA   . ASN A 1 15  ? -9.851  9.621   8.173   1.00 62.42  ? 15  ASN A CA   1 
ATOM   201  C C    . ASN A 1 15  ? -9.248  8.702   7.118   1.00 57.91  ? 15  ASN A C    1 
ATOM   202  O O    . ASN A 1 15  ? -9.152  9.071   5.942   1.00 58.09  ? 15  ASN A O    1 
ATOM   203  C CB   . ASN A 1 15  ? -11.193 10.174  7.709   1.00 67.68  ? 15  ASN A CB   1 
ATOM   204  C CG   . ASN A 1 15  ? -12.228 9.081   7.514   1.00 69.24  ? 15  ASN A CG   1 
ATOM   205  O OD1  . ASN A 1 15  ? -12.120 7.996   8.090   1.00 70.90  ? 15  ASN A OD1  1 
ATOM   206  N ND2  . ASN A 1 15  ? -13.236 9.358   6.695   1.00 72.15  ? 15  ASN A ND2  1 
ATOM   207  H H    . ASN A 1 15  ? -9.067  11.428  8.029   1.00 66.61  ? 15  ASN A H    1 
ATOM   208  H HA   . ASN A 1 15  ? -10.009 9.123   8.989   1.00 75.33  ? 15  ASN A HA   1 
ATOM   209  H HB2  . ASN A 1 15  ? -11.529 10.792  8.378   1.00 81.65  ? 15  ASN A HB2  1 
ATOM   210  H HB3  . ASN A 1 15  ? -11.074 10.632  6.864   1.00 81.65  ? 15  ASN A HB3  1 
ATOM   211  H HD21 . ASN A 1 15  ? -13.848 8.771   6.551   1.00 87.01  ? 15  ASN A HD21 1 
ATOM   212  H HD22 . ASN A 1 15  ? -13.276 10.125  6.308   1.00 87.01  ? 15  ASN A HD22 1 
ATOM   213  N N    . THR A 1 16  ? -8.830  7.515   7.534   1.00 57.84  ? 16  THR A N    1 
ATOM   214  C CA   . THR A 1 16  ? -8.201  6.552   6.644   1.00 47.74  ? 16  THR A CA   1 
ATOM   215  C C    . THR A 1 16  ? -9.201  5.614   5.988   1.00 46.29  ? 16  THR A C    1 
ATOM   216  O O    . THR A 1 16  ? -8.808  4.802   5.145   1.00 51.56  ? 16  THR A O    1 
ATOM   217  C CB   . THR A 1 16  ? -7.161  5.743   7.419   1.00 49.42  ? 16  THR A CB   1 
ATOM   218  O OG1  . THR A 1 16  ? -7.726  5.312   8.664   1.00 49.51  ? 16  THR A OG1  1 
ATOM   219  C CG2  . THR A 1 16  ? -5.928  6.591   7.694   1.00 38.33  ? 16  THR A CG2  1 
ATOM   220  H H    . THR A 1 16  ? -8.903  7.238   8.345   1.00 69.84  ? 16  THR A H    1 
ATOM   221  H HA   . THR A 1 16  ? -7.742  7.029   5.935   1.00 57.72  ? 16  THR A HA   1 
ATOM   222  H HB   . THR A 1 16  ? -6.894  4.970   6.898   1.00 59.74  ? 16  THR A HB   1 
ATOM   223  H HG1  . THR A 1 16  ? -7.113  5.109   9.202   1.00 59.84  ? 16  THR A HG1  1 
ATOM   224  H HG21 . THR A 1 16  ? -5.334  6.124   8.302   1.00 46.43  ? 16  THR A HG21 1 
ATOM   225  H HG22 . THR A 1 16  ? -5.456  6.768   6.865   1.00 46.43  ? 16  THR A HG22 1 
ATOM   226  H HG23 . THR A 1 16  ? -6.189  7.434   8.094   1.00 46.43  ? 16  THR A HG23 1 
ATOM   227  N N    . ASP A 1 17  ? -10.481 5.709   6.342   1.00 51.27  ? 17  ASP A N    1 
ATOM   228  C CA   . ASP A 1 17  ? -11.472 4.808   5.763   1.00 50.56  ? 17  ASP A CA   1 
ATOM   229  C C    . ASP A 1 17  ? -11.634 4.980   4.259   1.00 44.24  ? 17  ASP A C    1 
ATOM   230  O O    . ASP A 1 17  ? -11.806 3.963   3.566   1.00 46.79  ? 17  ASP A O    1 
ATOM   231  C CB   . ASP A 1 17  ? -12.812 5.001   6.481   1.00 53.79  ? 17  ASP A CB   1 
ATOM   232  C CG   . ASP A 1 17  ? -12.753 4.575   7.930   1.00 62.15  ? 17  ASP A CG   1 
ATOM   233  O OD1  . ASP A 1 17  ? -12.811 3.354   8.190   1.00 66.37  ? 17  ASP A OD1  1 
ATOM   234  O OD2  . ASP A 1 17  ? -12.630 5.458   8.804   1.00 72.03  ? 17  ASP A OD2  1 
ATOM   235  H H    . ASP A 1 17  ? -10.797 6.277   6.906   1.00 61.96  ? 17  ASP A H    1 
ATOM   236  H HA   . ASP A 1 17  ? -11.169 3.899   5.913   1.00 61.11  ? 17  ASP A HA   1 
ATOM   237  H HB2  . ASP A 1 17  ? -13.055 5.940   6.452   1.00 64.98  ? 17  ASP A HB2  1 
ATOM   238  H HB3  . ASP A 1 17  ? -13.490 4.468   6.037   1.00 64.98  ? 17  ASP A HB3  1 
ATOM   239  N N    . PRO A 1 18  ? -11.607 6.195   3.696   1.00 46.42  ? 18  PRO A N    1 
ATOM   240  C CA   . PRO A 1 18  ? -11.634 6.296   2.225   1.00 46.43  ? 18  PRO A CA   1 
ATOM   241  C C    . PRO A 1 18  ? -10.517 5.505   1.575   1.00 47.77  ? 18  PRO A C    1 
ATOM   242  O O    . PRO A 1 18  ? -10.716 4.889   0.519   1.00 43.23  ? 18  PRO A O    1 
ATOM   243  C CB   . PRO A 1 18  ? -11.492 7.805   1.969   1.00 46.77  ? 18  PRO A CB   1 
ATOM   244  C CG   . PRO A 1 18  ? -11.888 8.465   3.248   1.00 50.87  ? 18  PRO A CG   1 
ATOM   245  C CD   . PRO A 1 18  ? -11.529 7.512   4.352   1.00 55.15  ? 18  PRO A CD   1 
ATOM   246  H HA   . PRO A 1 18  ? -12.493 6.001   1.883   1.00 56.15  ? 18  PRO A HA   1 
ATOM   247  H HB2  . PRO A 1 18  ? -10.572 8.014   1.742   1.00 56.56  ? 18  PRO A HB2  1 
ATOM   248  H HB3  . PRO A 1 18  ? -12.081 8.072   1.244   1.00 56.56  ? 18  PRO A HB3  1 
ATOM   249  H HG2  . PRO A 1 18  ? -11.402 9.299   3.346   1.00 61.48  ? 18  PRO A HG2  1 
ATOM   250  H HG3  . PRO A 1 18  ? -12.843 8.636   3.242   1.00 61.48  ? 18  PRO A HG3  1 
ATOM   251  H HD2  . PRO A 1 18  ? -10.632 7.684   4.679   1.00 66.61  ? 18  PRO A HD2  1 
ATOM   252  H HD3  . PRO A 1 18  ? -12.166 7.573   5.082   1.00 66.61  ? 18  PRO A HD3  1 
ATOM   253  N N    . PHE A 1 19  ? -9.336  5.504   2.197   1.00 46.10  ? 19  PHE A N    1 
ATOM   254  C CA   . PHE A 1 19  ? -8.213  4.733   1.679   1.00 43.93  ? 19  PHE A CA   1 
ATOM   255  C C    . PHE A 1 19  ? -8.468  3.236   1.807   1.00 45.24  ? 19  PHE A C    1 
ATOM   256  O O    . PHE A 1 19  ? -8.318  2.485   0.835   1.00 44.20  ? 19  PHE A O    1 
ATOM   257  C CB   . PHE A 1 19  ? -6.934  5.125   2.419   1.00 39.94  ? 19  PHE A CB   1 
ATOM   258  C CG   . PHE A 1 19  ? -5.818  4.140   2.252   1.00 41.63  ? 19  PHE A CG   1 
ATOM   259  C CD1  . PHE A 1 19  ? -5.037  4.153   1.110   1.00 41.74  ? 19  PHE A CD1  1 
ATOM   260  C CD2  . PHE A 1 19  ? -5.548  3.202   3.233   1.00 38.94  ? 19  PHE A CD2  1 
ATOM   261  C CE1  . PHE A 1 19  ? -4.006  3.247   0.948   1.00 42.06  ? 19  PHE A CE1  1 
ATOM   262  C CE2  . PHE A 1 19  ? -4.518  2.294   3.077   1.00 42.53  ? 19  PHE A CE2  1 
ATOM   263  C CZ   . PHE A 1 19  ? -3.747  2.317   1.933   1.00 39.56  ? 19  PHE A CZ   1 
ATOM   264  H H    . PHE A 1 19  ? -9.162  5.941   2.917   1.00 55.75  ? 19  PHE A H    1 
ATOM   265  H HA   . PHE A 1 19  ? -8.098  4.939   0.738   1.00 53.14  ? 19  PHE A HA   1 
ATOM   266  H HB2  . PHE A 1 19  ? -6.627  5.980   2.080   1.00 48.36  ? 19  PHE A HB2  1 
ATOM   267  H HB3  . PHE A 1 19  ? -7.130  5.193   3.366   1.00 48.36  ? 19  PHE A HB3  1 
ATOM   268  H HD1  . PHE A 1 19  ? -5.207  4.779   0.444   1.00 50.52  ? 19  PHE A HD1  1 
ATOM   269  H HD2  . PHE A 1 19  ? -6.066  3.182   4.005   1.00 47.16  ? 19  PHE A HD2  1 
ATOM   270  H HE1  . PHE A 1 19  ? -3.488  3.266   0.177   1.00 50.90  ? 19  PHE A HE1  1 
ATOM   271  H HE2  . PHE A 1 19  ? -4.344  1.668   3.744   1.00 51.47  ? 19  PHE A HE2  1 
ATOM   272  H HZ   . PHE A 1 19  ? -3.053  1.706   1.827   1.00 47.91  ? 19  PHE A HZ   1 
ATOM   273  N N    . TYR A 1 20  ? -8.846  2.781   3.006   1.00 44.60  ? 20  TYR A N    1 
ATOM   274  C CA   . TYR A 1 20  ? -9.114  1.359   3.201   1.00 38.95  ? 20  TYR A CA   1 
ATOM   275  C C    . TYR A 1 20  ? -10.164 0.861   2.216   1.00 41.29  ? 20  TYR A C    1 
ATOM   276  O O    . TYR A 1 20  ? -10.054 -0.253  1.689   1.00 42.08  ? 20  TYR A O    1 
ATOM   277  C CB   . TYR A 1 20  ? -9.581  1.098   4.631   1.00 37.29  ? 20  TYR A CB   1 
ATOM   278  C CG   . TYR A 1 20  ? -8.501  1.239   5.674   1.00 42.82  ? 20  TYR A CG   1 
ATOM   279  C CD1  . TYR A 1 20  ? -7.332  0.496   5.599   1.00 41.22  ? 20  TYR A CD1  1 
ATOM   280  C CD2  . TYR A 1 20  ? -8.653  2.115   6.738   1.00 43.54  ? 20  TYR A CD2  1 
ATOM   281  C CE1  . TYR A 1 20  ? -6.343  0.627   6.551   1.00 41.34  ? 20  TYR A CE1  1 
ATOM   282  C CE2  . TYR A 1 20  ? -7.674  2.251   7.694   1.00 43.20  ? 20  TYR A CE2  1 
ATOM   283  C CZ   . TYR A 1 20  ? -6.520  1.506   7.596   1.00 40.09  ? 20  TYR A CZ   1 
ATOM   284  O OH   . TYR A 1 20  ? -5.544  1.642   8.552   1.00 44.14  ? 20  TYR A OH   1 
ATOM   285  H H    . TYR A 1 20  ? -8.951  3.266   3.708   1.00 53.95  ? 20  TYR A H    1 
ATOM   286  H HA   . TYR A 1 20  ? -8.292  0.867   3.055   1.00 47.18  ? 20  TYR A HA   1 
ATOM   287  H HB2  . TYR A 1 20  ? -10.283 1.731   4.849   1.00 45.18  ? 20  TYR A HB2  1 
ATOM   288  H HB3  . TYR A 1 20  ? -9.924  0.192   4.685   1.00 45.18  ? 20  TYR A HB3  1 
ATOM   289  H HD1  . TYR A 1 20  ? -7.212  -0.100  4.895   1.00 49.90  ? 20  TYR A HD1  1 
ATOM   290  H HD2  . TYR A 1 20  ? -9.432  2.620   6.807   1.00 52.68  ? 20  TYR A HD2  1 
ATOM   291  H HE1  . TYR A 1 20  ? -5.562  0.126   6.489   1.00 50.04  ? 20  TYR A HE1  1 
ATOM   292  H HE2  . TYR A 1 20  ? -7.790  2.844   8.402   1.00 52.27  ? 20  TYR A HE2  1 
ATOM   293  H HH   . TYR A 1 20  ? -5.781  2.209   9.125   1.00 53.40  ? 20  TYR A HH   1 
ATOM   294  N N    . SER A 1 21  ? -11.191 1.671   1.958   1.00 49.19  ? 21  SER A N    1 
ATOM   295  C CA   . SER A 1 21  ? -12.255 1.254   1.054   1.00 46.24  ? 21  SER A CA   1 
ATOM   296  C C    . SER A 1 21  ? -11.727 1.053   -0.363  1.00 39.09  ? 21  SER A C    1 
ATOM   297  O O    . SER A 1 21  ? -12.037 0.052   -1.020  1.00 43.45  ? 21  SER A O    1 
ATOM   298  C CB   . SER A 1 21  ? -13.386 2.281   1.066   1.00 44.27  ? 21  SER A CB   1 
ATOM   299  O OG   . SER A 1 21  ? -14.223 2.127   -0.066  1.00 61.25  ? 21  SER A OG   1 
ATOM   300  H H    . SER A 1 21  ? -11.292 2.458   2.289   1.00 59.45  ? 21  SER A H    1 
ATOM   301  H HA   . SER A 1 21  ? -12.614 0.406   1.363   1.00 55.92  ? 21  SER A HA   1 
ATOM   302  H HB2  . SER A 1 21  ? -13.916 2.158   1.869   1.00 53.55  ? 21  SER A HB2  1 
ATOM   303  H HB3  . SER A 1 21  ? -13.003 3.172   1.057   1.00 53.55  ? 21  SER A HB3  1 
ATOM   304  H HG   . SER A 1 21  ? -13.877 2.504   -0.732  1.00 73.93  ? 21  SER A HG   1 
ATOM   305  N N    . GLU A 1 22  ? -10.919 2.000   -0.848  1.00 40.31  ? 22  GLU A N    1 
ATOM   306  C CA   . GLU A 1 22  ? -10.424 1.910   -2.220  1.00 41.80  ? 22  GLU A CA   1 
ATOM   307  C C    . GLU A 1 22  ? -9.358  0.833   -2.366  1.00 41.71  ? 22  GLU A C    1 
ATOM   308  O O    . GLU A 1 22  ? -9.373  0.067   -3.341  1.00 41.24  ? 22  GLU A O    1 
ATOM   309  C CB   . GLU A 1 22  ? -9.867  3.262   -2.667  1.00 49.21  ? 22  GLU A CB   1 
ATOM   310  C CG   . GLU A 1 22  ? -9.517  3.323   -4.148  1.00 56.19  ? 22  GLU A CG   1 
ATOM   311  C CD   . GLU A 1 22  ? -9.249  4.737   -4.628  1.00 61.02  ? 22  GLU A CD   1 
ATOM   312  O OE1  . GLU A 1 22  ? -9.561  5.692   -3.881  1.00 51.02  ? 22  GLU A OE1  1 
ATOM   313  O OE2  . GLU A 1 22  ? -8.722  4.894   -5.750  1.00 75.78  ? 22  GLU A OE2  1 
ATOM   314  H H    . GLU A 1 22  ? -10.647 2.689   -0.411  1.00 48.80  ? 22  GLU A H    1 
ATOM   315  H HA   . GLU A 1 22  ? -11.170 1.678   -2.795  1.00 50.60  ? 22  GLU A HA   1 
ATOM   316  H HB2  . GLU A 1 22  ? -10.531 3.946   -2.491  1.00 59.49  ? 22  GLU A HB2  1 
ATOM   317  H HB3  . GLU A 1 22  ? -9.058  3.447   -2.164  1.00 59.49  ? 22  GLU A HB3  1 
ATOM   318  H HG2  . GLU A 1 22  ? -8.719  2.795   -4.307  1.00 67.86  ? 22  GLU A HG2  1 
ATOM   319  H HG3  . GLU A 1 22  ? -10.258 2.967   -4.663  1.00 67.86  ? 22  GLU A HG3  1 
ATOM   320  N N    . VAL A 1 23  ? -8.424  0.762   -1.417  1.00 42.60  ? 23  VAL A N    1 
ATOM   321  C CA   . VAL A 1 23  ? -7.333  -0.201  -1.522  1.00 39.70  ? 23  VAL A CA   1 
ATOM   322  C C    . VAL A 1 23  ? -7.860  -1.630  -1.423  1.00 34.09  ? 23  VAL A C    1 
ATOM   323  O O    . VAL A 1 23  ? -7.453  -2.509  -2.193  1.00 36.60  ? 23  VAL A O    1 
ATOM   324  C CB   . VAL A 1 23  ? -6.257  0.093   -0.458  1.00 45.40  ? 23  VAL A CB   1 
ATOM   325  C CG1  . VAL A 1 23  ? -6.653  -0.456  0.916   1.00 43.19  ? 23  VAL A CG1  1 
ATOM   326  C CG2  . VAL A 1 23  ? -4.901  -0.467  -0.899  1.00 43.04  ? 23  VAL A CG2  1 
ATOM   327  H H    . VAL A 1 23  ? -8.401  1.253   -0.712  1.00 51.55  ? 23  VAL A H    1 
ATOM   328  H HA   . VAL A 1 23  ? -6.920  -0.104  -2.395  1.00 48.08  ? 23  VAL A HA   1 
ATOM   329  H HB   . VAL A 1 23  ? -6.177  1.054   -0.366  1.00 54.92  ? 23  VAL A HB   1 
ATOM   330  H HG11 . VAL A 1 23  ? -6.056  -0.090  1.587   1.00 52.27  ? 23  VAL A HG11 1 
ATOM   331  H HG12 . VAL A 1 23  ? -7.567  -0.197  1.109   1.00 52.27  ? 23  VAL A HG12 1 
ATOM   332  H HG13 . VAL A 1 23  ? -6.582  -1.424  0.902   1.00 52.27  ? 23  VAL A HG13 1 
ATOM   333  H HG21 . VAL A 1 23  ? -4.244  -0.279  -0.212  1.00 52.08  ? 23  VAL A HG21 1 
ATOM   334  H HG22 . VAL A 1 23  ? -4.982  -1.424  -1.028  1.00 52.08  ? 23  VAL A HG22 1 
ATOM   335  H HG23 . VAL A 1 23  ? -4.641  -0.041  -1.731  1.00 52.08  ? 23  VAL A HG23 1 
ATOM   336  N N    . THR A 1 24  ? -8.782  -1.885  -0.489  1.00 43.58  ? 24  THR A N    1 
ATOM   337  C CA   . THR A 1 24  ? -9.300  -3.240  -0.321  1.00 41.47  ? 24  THR A CA   1 
ATOM   338  C C    . THR A 1 24  ? -10.078 -3.693  -1.554  1.00 41.68  ? 24  THR A C    1 
ATOM   339  O O    . THR A 1 24  ? -9.977  -4.855  -1.970  1.00 43.71  ? 24  THR A O    1 
ATOM   340  C CB   . THR A 1 24  ? -10.186 -3.326  0.922   1.00 36.62  ? 24  THR A CB   1 
ATOM   341  O OG1  . THR A 1 24  ? -11.250 -2.371  0.818   1.00 48.02  ? 24  THR A OG1  1 
ATOM   342  C CG2  . THR A 1 24  ? -9.379  -3.052  2.184   1.00 39.87  ? 24  THR A CG2  1 
ATOM   343  H H    . THR A 1 24  ? -9.116  -1.302  0.048   1.00 52.73  ? 24  THR A H    1 
ATOM   344  H HA   . THR A 1 24  ? -8.548  -3.840  -0.195  1.00 50.19  ? 24  THR A HA   1 
ATOM   345  H HB   . THR A 1 24  ? -10.557 -4.220  0.991   1.00 44.38  ? 24  THR A HB   1 
ATOM   346  H HG1  . THR A 1 24  ? -11.254 -1.871  1.493   1.00 58.06  ? 24  THR A HG1  1 
ATOM   347  H HG21 . THR A 1 24  ? -9.973  -2.799  2.909   1.00 48.27  ? 24  THR A HG21 1 
ATOM   348  H HG22 . THR A 1 24  ? -8.888  -3.847  2.442   1.00 48.27  ? 24  THR A HG22 1 
ATOM   349  H HG23 . THR A 1 24  ? -8.751  -2.330  2.027   1.00 48.27  ? 24  THR A HG23 1 
ATOM   350  N N    . LYS A 1 25  ? -10.868 -2.795  -2.147  1.00 39.76  ? 25  LYS A N    1 
ATOM   351  C CA   . LYS A 1 25  ? -11.570 -3.149  -3.374  1.00 41.27  ? 25  LYS A CA   1 
ATOM   352  C C    . LYS A 1 25  ? -10.589 -3.340  -4.525  1.00 39.47  ? 25  LYS A C    1 
ATOM   353  O O    . LYS A 1 25  ? -10.732 -4.273  -5.326  1.00 34.98  ? 25  LYS A O    1 
ATOM   354  C CB   . LYS A 1 25  ? -12.604 -2.076  -3.722  1.00 39.84  ? 25  LYS A CB   1 
ATOM   355  H H    . LYS A 1 25  ? -11.009 -1.995  -1.864  1.00 48.14  ? 25  LYS A H    1 
ATOM   356  H HA   . LYS A 1 25  ? -12.045 -3.982  -3.236  1.00 49.95  ? 25  LYS A HA   1 
ATOM   357  N N    . ALA A 1 26  ? -9.575  -2.476  -4.611  1.00 43.85  ? 26  ALA A N    1 
ATOM   358  C CA   . ALA A 1 26  ? -8.625  -2.556  -5.715  1.00 37.53  ? 26  ALA A CA   1 
ATOM   359  C C    . ALA A 1 26  ? -7.777  -3.819  -5.627  1.00 34.97  ? 26  ALA A C    1 
ATOM   360  O O    . ALA A 1 26  ? -7.596  -4.525  -6.625  1.00 44.85  ? 26  ALA A O    1 
ATOM   361  C CB   . ALA A 1 26  ? -7.740  -1.309  -5.732  1.00 44.57  ? 26  ALA A CB   1 
ATOM   362  H H    . ALA A 1 26  ? -9.418  -1.844  -4.049  1.00 53.05  ? 26  ALA A H    1 
ATOM   363  H HA   . ALA A 1 26  ? -9.118  -2.588  -6.550  1.00 45.47  ? 26  ALA A HA   1 
ATOM   364  H HB1  . ALA A 1 26  ? -7.029  -1.435  -6.379  1.00 53.91  ? 26  ALA A HB1  1 
ATOM   365  H HB2  . ALA A 1 26  ? -8.281  -0.542  -5.979  1.00 53.91  ? 26  ALA A HB2  1 
ATOM   366  H HB3  . ALA A 1 26  ? -7.364  -1.177  -4.848  1.00 53.91  ? 26  ALA A HB3  1 
ATOM   367  N N    . VAL A 1 27  ? -7.248  -4.122  -4.439  1.00 35.66  ? 27  VAL A N    1 
ATOM   368  C CA   . VAL A 1 27  ? -6.431  -5.323  -4.280  1.00 37.96  ? 27  VAL A CA   1 
ATOM   369  C C    . VAL A 1 27  ? -7.269  -6.570  -4.532  1.00 39.53  ? 27  VAL A C    1 
ATOM   370  O O    . VAL A 1 27  ? -6.842  -7.506  -5.220  1.00 41.69  ? 27  VAL A O    1 
ATOM   371  C CB   . VAL A 1 27  ? -5.793  -5.367  -2.880  1.00 36.38  ? 27  VAL A CB   1 
ATOM   372  C CG1  . VAL A 1 27  ? -5.005  -6.660  -2.701  1.00 35.15  ? 27  VAL A CG1  1 
ATOM   373  C CG2  . VAL A 1 27  ? -4.902  -4.166  -2.662  1.00 39.58  ? 27  VAL A CG2  1 
ATOM   374  H H    . VAL A 1 27  ? -7.346  -3.656  -3.722  1.00 43.22  ? 27  VAL A H    1 
ATOM   375  H HA   . VAL A 1 27  ? -5.718  -5.292  -4.937  1.00 45.99  ? 27  VAL A HA   1 
ATOM   376  H HB   . VAL A 1 27  ? -6.496  -5.342  -2.212  1.00 44.09  ? 27  VAL A HB   1 
ATOM   377  H HG11 . VAL A 1 27  ? -4.546  -6.635  -1.847  1.00 42.61  ? 27  VAL A HG11 1 
ATOM   378  H HG12 . VAL A 1 27  ? -5.620  -7.409  -2.724  1.00 42.61  ? 27  VAL A HG12 1 
ATOM   379  H HG13 . VAL A 1 27  ? -4.360  -6.738  -3.422  1.00 42.61  ? 27  VAL A HG13 1 
ATOM   380  H HG21 . VAL A 1 27  ? -4.540  -4.200  -1.763  1.00 47.93  ? 27  VAL A HG21 1 
ATOM   381  H HG22 . VAL A 1 27  ? -4.181  -4.186  -3.311  1.00 47.93  ? 27  VAL A HG22 1 
ATOM   382  H HG23 . VAL A 1 27  ? -5.428  -3.359  -2.775  1.00 47.93  ? 27  VAL A HG23 1 
ATOM   383  N N    . ALA A 1 28  ? -8.467  -6.614  -3.944  1.00 39.38  ? 28  ALA A N    1 
ATOM   384  C CA   . ALA A 1 28  ? -9.356  -7.751  -4.146  1.00 39.51  ? 28  ALA A CA   1 
ATOM   385  C C    . ALA A 1 28  ? -9.618  -7.994  -5.628  1.00 40.51  ? 28  ALA A C    1 
ATOM   386  O O    . ALA A 1 28  ? -9.596  -9.139  -6.094  1.00 38.00  ? 28  ALA A O    1 
ATOM   387  C CB   . ALA A 1 28  ? -10.669 -7.512  -3.397  1.00 41.17  ? 28  ALA A CB   1 
ATOM   388  H H    . ALA A 1 28  ? -8.783  -6.003  -3.428  1.00 47.69  ? 28  ALA A H    1 
ATOM   389  H HA   . ALA A 1 28  ? -8.940  -8.549  -3.785  1.00 47.85  ? 28  ALA A HA   1 
ATOM   390  H HB1  . ALA A 1 28  ? -11.290 -8.226  -3.613  1.00 49.84  ? 28  ALA A HB1  1 
ATOM   391  H HB2  . ALA A 1 28  ? -10.492 -7.505  -2.443  1.00 49.84  ? 28  ALA A HB2  1 
ATOM   392  H HB3  . ALA A 1 28  ? -11.039 -6.658  -3.672  1.00 49.84  ? 28  ALA A HB3  1 
ATOM   393  N N    . SER A 1 29  ? -9.865  -6.925  -6.386  1.00 42.37  ? 29  SER A N    1 
ATOM   394  C CA   . SER A 1 29  ? -10.109 -7.079  -7.815  1.00 37.63  ? 29  SER A CA   1 
ATOM   395  C C    . SER A 1 29  ? -8.868  -7.586  -8.537  1.00 39.83  ? 29  SER A C    1 
ATOM   396  O O    . SER A 1 29  ? -8.966  -8.429  -9.438  1.00 45.05  ? 29  SER A O    1 
ATOM   397  C CB   . SER A 1 29  ? -10.563 -5.749  -8.416  1.00 46.19  ? 29  SER A CB   1 
ATOM   398  O OG   . SER A 1 29  ? -10.308 -5.712  -9.810  1.00 52.95  ? 29  SER A OG   1 
ATOM   399  H H    . SER A 1 29  ? -9.897  -6.113  -6.101  1.00 51.27  ? 29  SER A H    1 
ATOM   400  H HA   . SER A 1 29  ? -10.819 -7.729  -7.940  1.00 45.59  ? 29  SER A HA   1 
ATOM   401  H HB2  . SER A 1 29  ? -11.515 -5.643  -8.265  1.00 55.86  ? 29  SER A HB2  1 
ATOM   402  H HB3  . SER A 1 29  ? -10.076 -5.028  -7.987  1.00 55.86  ? 29  SER A HB3  1 
ATOM   403  H HG   . SER A 1 29  ? -10.459 -4.941  -10.108 1.00 63.97  ? 29  SER A HG   1 
ATOM   404  N N    . ILE A 1 30  ? -7.692  -7.086  -8.156  1.00 44.68  ? 30  ILE A N    1 
ATOM   405  C CA   . ILE A 1 30  ? -6.474  -7.443  -8.872  1.00 45.25  ? 30  ILE A CA   1 
ATOM   406  C C    . ILE A 1 30  ? -6.113  -8.900  -8.617  1.00 42.91  ? 30  ILE A C    1 
ATOM   407  O O    . ILE A 1 30  ? -5.836  -9.659  -9.551  1.00 50.18  ? 30  ILE A O    1 
ATOM   408  C CB   . ILE A 1 30  ? -5.324  -6.502  -8.475  1.00 42.39  ? 30  ILE A CB   1 
ATOM   409  C CG1  . ILE A 1 30  ? -5.557  -5.110  -9.067  1.00 40.44  ? 30  ILE A CG1  1 
ATOM   410  C CG2  . ILE A 1 30  ? -3.994  -7.063  -8.951  1.00 46.07  ? 30  ILE A CG2  1 
ATOM   411  C CD1  . ILE A 1 30  ? -4.904  -3.990  -8.287  1.00 37.35  ? 30  ILE A CD1  1 
ATOM   412  H H    . ILE A 1 30  ? -7.578  -6.545  -7.497  1.00 54.04  ? 30  ILE A H    1 
ATOM   413  H HA   . ILE A 1 30  ? -6.636  -7.338  -9.823  1.00 54.74  ? 30  ILE A HA   1 
ATOM   414  H HB   . ILE A 1 30  ? -5.302  -6.431  -7.508  1.00 51.30  ? 30  ILE A HB   1 
ATOM   415  H HG12 . ILE A 1 30  ? -5.198  -5.091  -9.967  1.00 48.96  ? 30  ILE A HG12 1 
ATOM   416  H HG13 . ILE A 1 30  ? -6.512  -4.938  -9.087  1.00 48.96  ? 30  ILE A HG13 1 
ATOM   417  H HG21 . ILE A 1 30  ? -3.351  -6.339  -9.016  1.00 55.72  ? 30  ILE A HG21 1 
ATOM   418  H HG22 . ILE A 1 30  ? -3.684  -7.725  -8.314  1.00 55.72  ? 30  ILE A HG22 1 
ATOM   419  H HG23 . ILE A 1 30  ? -4.117  -7.474  -9.822  1.00 55.72  ? 30  ILE A HG23 1 
ATOM   420  H HD11 . ILE A 1 30  ? -5.364  -3.159  -8.484  1.00 45.25  ? 30  ILE A HD11 1 
ATOM   421  H HD12 . ILE A 1 30  ? -4.966  -4.187  -7.339  1.00 45.25  ? 30  ILE A HD12 1 
ATOM   422  H HD13 . ILE A 1 30  ? -3.973  -3.924  -8.551  1.00 45.25  ? 30  ILE A HD13 1 
ATOM   423  N N    . VAL A 1 31  ? -6.105  -9.314  -7.347  1.00 47.82  ? 31  VAL A N    1 
ATOM   424  C CA   . VAL A 1 31  ? -5.684  -10.674 -7.018  1.00 50.71  ? 31  VAL A CA   1 
ATOM   425  C C    . VAL A 1 31  ? -6.803  -11.690 -7.170  1.00 45.34  ? 31  VAL A C    1 
ATOM   426  O O    . VAL A 1 31  ? -6.537  -12.898 -7.140  1.00 44.31  ? 31  VAL A O    1 
ATOM   427  C CB   . VAL A 1 31  ? -5.121  -10.753 -5.584  1.00 45.15  ? 31  VAL A CB   1 
ATOM   428  C CG1  . VAL A 1 31  ? -4.216  -9.562  -5.308  1.00 46.71  ? 31  VAL A CG1  1 
ATOM   429  C CG2  . VAL A 1 31  ? -6.244  -10.828 -4.557  1.00 49.31  ? 31  VAL A CG2  1 
ATOM   430  H H    . VAL A 1 31  ? -6.335  -8.834  -6.671  1.00 57.81  ? 31  VAL A H    1 
ATOM   431  H HA   . VAL A 1 31  ? -4.975  -10.918 -7.635  1.00 61.29  ? 31  VAL A HA   1 
ATOM   432  H HB   . VAL A 1 31  ? -4.595  -11.564 -5.501  1.00 54.61  ? 31  VAL A HB   1 
ATOM   433  H HG11 . VAL A 1 31  ? -3.862  -9.637  -4.407  1.00 56.49  ? 31  VAL A HG11 1 
ATOM   434  H HG12 . VAL A 1 31  ? -3.489  -9.562  -5.950  1.00 56.49  ? 31  VAL A HG12 1 
ATOM   435  H HG13 . VAL A 1 31  ? -4.733  -8.745  -5.393  1.00 56.49  ? 31  VAL A HG13 1 
ATOM   436  H HG21 . VAL A 1 31  ? -5.859  -10.831 -3.667  1.00 59.61  ? 31  VAL A HG21 1 
ATOM   437  H HG22 . VAL A 1 31  ? -6.822  -10.057 -4.665  1.00 59.61  ? 31  VAL A HG22 1 
ATOM   438  H HG23 . VAL A 1 31  ? -6.751  -11.643 -4.701  1.00 59.61  ? 31  VAL A HG23 1 
ATOM   439  N N    . GLY A 1 32  ? -8.046  -11.239 -7.318  1.00 46.63  ? 32  GLY A N    1 
ATOM   440  C CA   . GLY A 1 32  ? -9.161  -12.148 -7.483  1.00 43.37  ? 32  GLY A CA   1 
ATOM   441  C C    . GLY A 1 32  ? -9.556  -12.853 -6.202  1.00 48.09  ? 32  GLY A C    1 
ATOM   442  O O    . GLY A 1 32  ? -9.611  -14.086 -6.160  1.00 59.17  ? 32  GLY A O    1 
ATOM   443  H H    . GLY A 1 32  ? -8.264  -10.407 -7.325  1.00 56.39  ? 32  GLY A H    1 
ATOM   444  H HA2  . GLY A 1 32  ? -9.930  -11.652 -7.804  1.00 52.48  ? 32  GLY A HA2  1 
ATOM   445  H HA3  . GLY A 1 32  ? -8.925  -12.823 -8.138  1.00 52.48  ? 32  GLY A HA3  1 
ATOM   446  N N    . ARG A 1 33  ? -9.823  -12.084 -5.158  1.00 46.46  ? 33  ARG A N    1 
ATOM   447  C CA   . ARG A 1 33  ? -10.282 -12.601 -3.875  1.00 44.15  ? 33  ARG A CA   1 
ATOM   448  C C    . ARG A 1 33  ? -11.389 -11.688 -3.377  1.00 50.09  ? 33  ARG A C    1 
ATOM   449  O O    . ARG A 1 33  ? -11.502 -10.541 -3.814  1.00 51.43  ? 33  ARG A O    1 
ATOM   450  C CB   . ARG A 1 33  ? -9.149  -12.664 -2.843  1.00 44.06  ? 33  ARG A CB   1 
ATOM   451  C CG   . ARG A 1 33  ? -8.002  -13.593 -3.223  1.00 55.58  ? 33  ARG A CG   1 
ATOM   452  C CD   . ARG A 1 33  ? -8.050  -14.922 -2.466  1.00 63.51  ? 33  ARG A CD   1 
ATOM   453  N NE   . ARG A 1 33  ? -6.745  -15.586 -2.471  1.00 88.54  ? 33  ARG A NE   1 
ATOM   454  C CZ   . ARG A 1 33  ? -6.538  -16.855 -2.819  1.00 91.71  ? 33  ARG A CZ   1 
ATOM   455  N NH1  . ARG A 1 33  ? -7.547  -17.630 -3.195  1.00 96.01  ? 33  ARG A NH1  1 
ATOM   456  N NH2  . ARG A 1 33  ? -5.307  -17.352 -2.789  1.00 81.72  ? 33  ARG A NH2  1 
ATOM   457  H H    . ARG A 1 33  ? -9.744  -11.227 -5.167  1.00 56.18  ? 33  ARG A H    1 
ATOM   458  H HA   . ARG A 1 33  ? -10.632 -13.499 -3.983  1.00 53.41  ? 33  ARG A HA   1 
ATOM   459  H HB2  . ARG A 1 33  ? -8.781  -11.774 -2.732  1.00 53.31  ? 33  ARG A HB2  1 
ATOM   460  H HB3  . ARG A 1 33  ? -9.515  -12.978 -2.001  1.00 53.31  ? 33  ARG A HB3  1 
ATOM   461  H HG2  . ARG A 1 33  ? -8.052  -13.786 -4.172  1.00 67.13  ? 33  ARG A HG2  1 
ATOM   462  H HG3  . ARG A 1 33  ? -7.160  -13.159 -3.016  1.00 67.13  ? 33  ARG A HG3  1 
ATOM   463  H HD2  . ARG A 1 33  ? -8.306  -14.758 -1.545  1.00 76.65  ? 33  ARG A HD2  1 
ATOM   464  H HD3  . ARG A 1 33  ? -8.694  -15.511 -2.890  1.00 76.65  ? 33  ARG A HD3  1 
ATOM   465  H HE   . ARG A 1 33  ? -6.062  -15.122 -2.232  1.00 106.68 ? 33  ARG A HE   1 
ATOM   466  H HH11 . ARG A 1 33  ? -8.347  -17.316 -3.215  1.00 115.64 ? 33  ARG A HH11 1 
ATOM   467  H HH12 . ARG A 1 33  ? -7.402  -18.449 -3.417  1.00 115.64 ? 33  ARG A HH12 1 
ATOM   468  H HH21 . ARG A 1 33  ? -4.649  -16.855 -2.546  1.00 98.50  ? 33  ARG A HH21 1 
ATOM   469  H HH22 . ARG A 1 33  ? -5.169  -18.170 -3.013  1.00 98.50  ? 33  ARG A HH22 1 
ATOM   470  N N    . PRO A 1 34  ? -12.235 -12.179 -2.468  1.00 60.32  ? 34  PRO A N    1 
ATOM   471  C CA   . PRO A 1 34  ? -13.280 -11.310 -1.906  1.00 52.84  ? 34  PRO A CA   1 
ATOM   472  C C    . PRO A 1 34  ? -12.679 -10.176 -1.086  1.00 49.95  ? 34  PRO A C    1 
ATOM   473  O O    . PRO A 1 34  ? -11.699 -10.354 -0.359  1.00 47.06  ? 34  PRO A O    1 
ATOM   474  C CB   . PRO A 1 34  ? -14.116 -12.259 -1.035  1.00 44.91  ? 34  PRO A CB   1 
ATOM   475  C CG   . PRO A 1 34  ? -13.274 -13.480 -0.839  1.00 47.11  ? 34  PRO A CG   1 
ATOM   476  C CD   . PRO A 1 34  ? -12.367 -13.581 -2.030  1.00 50.50  ? 34  PRO A CD   1 
ATOM   477  H HA   . PRO A 1 34  ? -13.836 -10.943 -2.610  1.00 63.84  ? 34  PRO A HA   1 
ATOM   478  H HB2  . PRO A 1 34  ? -14.312 -11.835 -0.185  1.00 54.33  ? 34  PRO A HB2  1 
ATOM   479  H HB3  . PRO A 1 34  ? -14.942 -12.480 -1.493  1.00 54.33  ? 34  PRO A HB3  1 
ATOM   480  H HG2  . PRO A 1 34  ? -12.757 -13.388 -0.025  1.00 56.96  ? 34  PRO A HG2  1 
ATOM   481  H HG3  . PRO A 1 34  ? -13.847 -14.260 -0.782  1.00 56.96  ? 34  PRO A HG3  1 
ATOM   482  H HD2  . PRO A 1 34  ? -11.505 -13.948 -1.777  1.00 61.03  ? 34  PRO A HD2  1 
ATOM   483  H HD3  . PRO A 1 34  ? -12.768 -14.125 -2.725  1.00 61.03  ? 34  PRO A HD3  1 
ATOM   484  N N    . GLN A 1 35  ? -13.293 -8.999  -1.209  1.00 50.78  ? 35  GLN A N    1 
ATOM   485  C CA   . GLN A 1 35  ? -12.748 -7.799  -0.581  1.00 49.03  ? 35  GLN A CA   1 
ATOM   486  C C    . GLN A 1 35  ? -12.666 -7.931  0.932   1.00 47.32  ? 35  GLN A C    1 
ATOM   487  O O    . GLN A 1 35  ? -11.827 -7.276  1.564   1.00 45.59  ? 35  GLN A O    1 
ATOM   488  C CB   . GLN A 1 35  ? -13.608 -6.599  -0.974  1.00 44.53  ? 35  GLN A CB   1 
ATOM   489  C CG   . GLN A 1 35  ? -13.351 -5.336  -0.189  1.00 49.45  ? 35  GLN A CG   1 
ATOM   490  C CD   . GLN A 1 35  ? -14.241 -4.200  -0.652  1.00 55.11  ? 35  GLN A CD   1 
ATOM   491  O OE1  . GLN A 1 35  ? -14.931 -4.312  -1.665  1.00 60.32  ? 35  GLN A OE1  1 
ATOM   492  N NE2  . GLN A 1 35  ? -14.231 -3.100  0.089   1.00 62.57  ? 35  GLN A NE2  1 
ATOM   493  H H    . GLN A 1 35  ? -14.021 -8.869  -1.647  1.00 61.37  ? 35  GLN A H    1 
ATOM   494  H HA   . GLN A 1 35  ? -11.845 -7.654  -0.903  1.00 59.27  ? 35  GLN A HA   1 
ATOM   495  H HB2  . GLN A 1 35  ? -13.442 -6.397  -1.908  1.00 53.87  ? 35  GLN A HB2  1 
ATOM   496  H HB3  . GLN A 1 35  ? -14.540 -6.835  -0.845  1.00 53.87  ? 35  GLN A HB3  1 
ATOM   497  H HG2  . GLN A 1 35  ? -13.531 -5.501  0.750   1.00 59.77  ? 35  GLN A HG2  1 
ATOM   498  H HG3  . GLN A 1 35  ? -12.427 -5.068  -0.307  1.00 59.77  ? 35  GLN A HG3  1 
ATOM   499  H HE21 . GLN A 1 35  ? -13.737 -3.060  0.792   1.00 75.51  ? 35  GLN A HE21 1 
ATOM   500  H HE22 . GLN A 1 35  ? -14.719 -2.428  -0.133  1.00 75.51  ? 35  GLN A HE22 1 
ATOM   501  N N    . ASN A 1 36  ? -13.513 -8.762  1.535   1.00 51.11  ? 36  ASN A N    1 
ATOM   502  C CA   . ASN A 1 36  ? -13.506 -8.925  2.981   1.00 50.06  ? 36  ASN A CA   1 
ATOM   503  C C    . ASN A 1 36  ? -12.337 -9.758  3.486   1.00 50.56  ? 36  ASN A C    1 
ATOM   504  O O    . ASN A 1 36  ? -12.098 -9.790  4.698   1.00 47.61  ? 36  ASN A O    1 
ATOM   505  C CB   . ASN A 1 36  ? -14.809 -9.577  3.449   1.00 54.15  ? 36  ASN A CB   1 
ATOM   506  C CG   . ASN A 1 36  ? -15.770 -8.580  4.052   1.00 66.52  ? 36  ASN A CG   1 
ATOM   507  O OD1  . ASN A 1 36  ? -15.668 -7.376  3.816   1.00 63.87  ? 36  ASN A OD1  1 
ATOM   508  N ND2  . ASN A 1 36  ? -16.720 -9.079  4.835   1.00 74.44  ? 36  ASN A ND2  1 
ATOM   509  H H    . ASN A 1 36  ? -14.100 -9.242  1.127   1.00 61.76  ? 36  ASN A H    1 
ATOM   510  H HA   . ASN A 1 36  ? -13.444 -8.042  3.378   1.00 60.50  ? 36  ASN A HA   1 
ATOM   511  H HB2  . ASN A 1 36  ? -15.246 -9.994  2.690   1.00 65.42  ? 36  ASN A HB2  1 
ATOM   512  H HB3  . ASN A 1 36  ? -14.606 -10.244 4.123   1.00 65.42  ? 36  ASN A HB3  1 
ATOM   513  H HD21 . ASN A 1 36  ? -16.761 -9.927  4.974   1.00 89.76  ? 36  ASN A HD21 1 
ATOM   514  H HD22 . ASN A 1 36  ? -17.292 -8.555  5.204   1.00 89.76  ? 36  ASN A HD22 1 
ATOM   515  N N    . LEU A 1 37  ? -11.616 -10.440 2.598   1.00 47.45  ? 37  LEU A N    1 
ATOM   516  C CA   . LEU A 1 37  ? -10.480 -11.264 2.986   1.00 44.90  ? 37  LEU A CA   1 
ATOM   517  C C    . LEU A 1 37  ? -9.147  -10.582 2.707   1.00 45.57  ? 37  LEU A C    1 
ATOM   518  O O    . LEU A 1 37  ? -8.101  -11.240 2.746   1.00 43.29  ? 37  LEU A O    1 
ATOM   519  C CB   . LEU A 1 37  ? -10.544 -12.612 2.272   1.00 42.40  ? 37  LEU A CB   1 
ATOM   520  C CG   . LEU A 1 37  ? -11.792 -13.447 2.559   1.00 45.07  ? 37  LEU A CG   1 
ATOM   521  C CD1  . LEU A 1 37  ? -11.550 -14.898 2.158   1.00 47.40  ? 37  LEU A CD1  1 
ATOM   522  C CD2  . LEU A 1 37  ? -12.214 -13.367 4.018   1.00 57.44  ? 37  LEU A CD2  1 
ATOM   523  H H    . LEU A 1 37  ? -11.770 -10.440 1.753   1.00 57.37  ? 37  LEU A H    1 
ATOM   524  H HA   . LEU A 1 37  ? -10.531 -11.433 3.940   1.00 54.32  ? 37  LEU A HA   1 
ATOM   525  H HB2  . LEU A 1 37  ? -10.515 -12.451 1.316   1.00 51.31  ? 37  LEU A HB2  1 
ATOM   526  H HB3  . LEU A 1 37  ? -9.775  -13.136 2.544   1.00 51.31  ? 37  LEU A HB3  1 
ATOM   527  H HG   . LEU A 1 37  ? -12.523 -13.087 2.033   1.00 54.52  ? 37  LEU A HG   1 
ATOM   528  H HD11 . LEU A 1 37  ? -12.348 -15.416 2.351   1.00 57.31  ? 37  LEU A HD11 1 
ATOM   529  H HD12 . LEU A 1 37  ? -11.353 -14.936 1.209   1.00 57.31  ? 37  LEU A HD12 1 
ATOM   530  H HD13 . LEU A 1 37  ? -10.799 -15.245 2.666   1.00 57.31  ? 37  LEU A HD13 1 
ATOM   531  H HD21 . LEU A 1 37  ? -12.958 -13.971 4.165   1.00 69.36  ? 37  LEU A HD21 1 
ATOM   532  H HD22 . LEU A 1 37  ? -11.464 -13.624 4.578   1.00 69.36  ? 37  LEU A HD22 1 
ATOM   533  H HD23 . LEU A 1 37  ? -12.481 -12.456 4.221   1.00 69.36  ? 37  LEU A HD23 1 
ATOM   534  N N    . VAL A 1 38  ? -9.161  -9.285  2.421   1.00 45.29  ? 38  VAL A N    1 
ATOM   535  C CA   . VAL A 1 38  ? -7.948  -8.489  2.285   1.00 44.78  ? 38  VAL A CA   1 
ATOM   536  C C    . VAL A 1 38  ? -7.719  -7.811  3.630   1.00 42.62  ? 38  VAL A C    1 
ATOM   537  O O    . VAL A 1 38  ? -8.522  -6.973  4.058   1.00 43.02  ? 38  VAL A O    1 
ATOM   538  C CB   . VAL A 1 38  ? -8.067  -7.465  1.149   1.00 46.12  ? 38  VAL A CB   1 
ATOM   539  C CG1  . VAL A 1 38  ? -6.888  -6.495  1.162   1.00 42.60  ? 38  VAL A CG1  1 
ATOM   540  C CG2  . VAL A 1 38  ? -8.154  -8.174  -0.199  1.00 46.13  ? 38  VAL A CG2  1 
ATOM   541  H H    . VAL A 1 38  ? -9.881  -8.832  2.297   1.00 54.78  ? 38  VAL A H    1 
ATOM   542  H HA   . VAL A 1 38  ? -7.193  -9.065  2.090   1.00 54.17  ? 38  VAL A HA   1 
ATOM   543  H HB   . VAL A 1 38  ? -8.878  -6.951  1.281   1.00 55.78  ? 38  VAL A HB   1 
ATOM   544  H HG11 . VAL A 1 38  ? -6.964  -5.897  0.403   1.00 51.55  ? 38  VAL A HG11 1 
ATOM   545  H HG12 . VAL A 1 38  ? -6.907  -5.986  1.988   1.00 51.55  ? 38  VAL A HG12 1 
ATOM   546  H HG13 . VAL A 1 38  ? -6.063  -7.000  1.105   1.00 51.55  ? 38  VAL A HG13 1 
ATOM   547  H HG21 . VAL A 1 38  ? -8.235  -7.510  -0.900  1.00 55.79  ? 38  VAL A HG21 1 
ATOM   548  H HG22 . VAL A 1 38  ? -7.349  -8.699  -0.332  1.00 55.79  ? 38  VAL A HG22 1 
ATOM   549  H HG23 . VAL A 1 38  ? -8.932  -8.754  -0.200  1.00 55.79  ? 38  VAL A HG23 1 
ATOM   550  N N    . MET A 1 39  ? -6.642  -8.189  4.315   1.00 44.46  ? 39  MET A N    1 
ATOM   551  C CA   . MET A 1 39  ? -6.222  -7.501  5.528   1.00 38.20  ? 39  MET A CA   1 
ATOM   552  C C    . MET A 1 39  ? -5.292  -6.357  5.145   1.00 35.57  ? 39  MET A C    1 
ATOM   553  O O    . MET A 1 39  ? -4.378  -6.539  4.333   1.00 35.40  ? 39  MET A O    1 
ATOM   554  C CB   . MET A 1 39  ? -5.515  -8.448  6.498   1.00 34.57  ? 39  MET A CB   1 
ATOM   555  C CG   . MET A 1 39  ? -5.294  -7.832  7.880   1.00 35.55  ? 39  MET A CG   1 
ATOM   556  S SD   . MET A 1 39  ? -4.184  -8.751  8.968   1.00 38.12  ? 39  MET A SD   1 
ATOM   557  C CE   . MET A 1 39  ? -5.342  -9.847  9.778   1.00 32.14  ? 39  MET A CE   1 
ATOM   558  H H    . MET A 1 39  ? -6.134  -8.847  4.093   1.00 53.78  ? 39  MET A H    1 
ATOM   559  H HA   . MET A 1 39  ? -7.007  -7.159  5.985   1.00 46.27  ? 39  MET A HA   1 
ATOM   560  H HB2  . MET A 1 39  ? -6.054  -9.247  6.608   1.00 41.92  ? 39  MET A HB2  1 
ATOM   561  H HB3  . MET A 1 39  ? -4.647  -8.682  6.132   1.00 41.92  ? 39  MET A HB3  1 
ATOM   562  H HG2  . MET A 1 39  ? -4.915  -6.946  7.763   1.00 43.09  ? 39  MET A HG2  1 
ATOM   563  H HG3  . MET A 1 39  ? -6.152  -7.771  8.328   1.00 43.09  ? 39  MET A HG3  1 
ATOM   564  H HE1  . MET A 1 39  ? -4.856  -10.429 10.383  1.00 39.00  ? 39  MET A HE1  1 
ATOM   565  H HE2  . MET A 1 39  ? -5.985  -9.316  10.274  1.00 39.00  ? 39  MET A HE2  1 
ATOM   566  H HE3  . MET A 1 39  ? -5.799  -10.376 9.105   1.00 39.00  ? 39  MET A HE3  1 
ATOM   567  N N    . VAL A 1 40  ? -5.531  -5.181  5.721   1.00 39.53  ? 40  VAL A N    1 
ATOM   568  C CA   . VAL A 1 40  ? -4.665  -4.023  5.540   1.00 39.05  ? 40  VAL A CA   1 
ATOM   569  C C    . VAL A 1 40  ? -4.125  -3.614  6.903   1.00 39.18  ? 40  VAL A C    1 
ATOM   570  O O    . VAL A 1 40  ? -4.900  -3.382  7.840   1.00 37.16  ? 40  VAL A O    1 
ATOM   571  C CB   . VAL A 1 40  ? -5.401  -2.846  4.874   1.00 37.79  ? 40  VAL A CB   1 
ATOM   572  C CG1  . VAL A 1 40  ? -4.434  -1.692  4.626   1.00 33.25  ? 40  VAL A CG1  1 
ATOM   573  C CG2  . VAL A 1 40  ? -6.050  -3.291  3.574   1.00 42.91  ? 40  VAL A CG2  1 
ATOM   574  H H    . VAL A 1 40  ? -6.204  -5.028  6.234   1.00 47.87  ? 40  VAL A H    1 
ATOM   575  H HA   . VAL A 1 40  ? -3.920  -4.273  4.971   1.00 47.29  ? 40  VAL A HA   1 
ATOM   576  H HB   . VAL A 1 40  ? -6.102  -2.534  5.468   1.00 45.78  ? 40  VAL A HB   1 
ATOM   577  H HG11 . VAL A 1 40  ? -4.893  -0.996  4.132   1.00 40.33  ? 40  VAL A HG11 1 
ATOM   578  H HG12 . VAL A 1 40  ? -4.129  -1.347  5.479   1.00 40.33  ? 40  VAL A HG12 1 
ATOM   579  H HG13 . VAL A 1 40  ? -3.679  -2.019  4.112   1.00 40.33  ? 40  VAL A HG13 1 
ATOM   580  H HG21 . VAL A 1 40  ? -6.426  -2.515  3.128   1.00 51.92  ? 40  VAL A HG21 1 
ATOM   581  H HG22 . VAL A 1 40  ? -5.377  -3.703  3.010   1.00 51.92  ? 40  VAL A HG22 1 
ATOM   582  H HG23 . VAL A 1 40  ? -6.752  -3.930  3.774   1.00 51.92  ? 40  VAL A HG23 1 
ATOM   583  N N    . VAL A 1 41  ? -2.801  -3.536  7.011   1.00 40.86  ? 41  VAL A N    1 
ATOM   584  C CA   . VAL A 1 41  ? -2.120  -3.059  8.209   1.00 31.18  ? 41  VAL A CA   1 
ATOM   585  C C    . VAL A 1 41  ? -1.407  -1.766  7.840   1.00 33.23  ? 41  VAL A C    1 
ATOM   586  O O    . VAL A 1 41  ? -0.486  -1.772  7.015   1.00 37.62  ? 41  VAL A O    1 
ATOM   587  C CB   . VAL A 1 41  ? -1.129  -4.097  8.755   1.00 30.06  ? 41  VAL A CB   1 
ATOM   588  C CG1  . VAL A 1 41  ? -0.560  -3.634  10.084  1.00 33.75  ? 41  VAL A CG1  1 
ATOM   589  C CG2  . VAL A 1 41  ? -1.808  -5.448  8.896   1.00 32.46  ? 41  VAL A CG2  1 
ATOM   590  H H    . VAL A 1 41  ? -2.260  -3.761  6.382   1.00 49.47  ? 41  VAL A H    1 
ATOM   591  H HA   . VAL A 1 41  ? -2.772  -2.872  8.901   1.00 37.85  ? 41  VAL A HA   1 
ATOM   592  H HB   . VAL A 1 41  ? -0.393  -4.196  8.130   1.00 36.50  ? 41  VAL A HB   1 
ATOM   593  H HG11 . VAL A 1 41  ? 0.061   -4.303  10.412  1.00 40.94  ? 41  VAL A HG11 1 
ATOM   594  H HG12 . VAL A 1 41  ? -0.098  -2.791  9.953   1.00 40.94  ? 41  VAL A HG12 1 
ATOM   595  H HG13 . VAL A 1 41  ? -1.287  -3.518  10.716  1.00 40.94  ? 41  VAL A HG13 1 
ATOM   596  H HG21 . VAL A 1 41  ? -1.206  -6.058  9.350   1.00 39.39  ? 41  VAL A HG21 1 
ATOM   597  H HG22 . VAL A 1 41  ? -2.622  -5.340  9.413   1.00 39.39  ? 41  VAL A HG22 1 
ATOM   598  H HG23 . VAL A 1 41  ? -2.021  -5.789  8.013   1.00 39.39  ? 41  VAL A HG23 1 
ATOM   599  N N    . LEU A 1 42  ? -1.828  -0.662  8.450   1.00 34.21  ? 42  LEU A N    1 
ATOM   600  C CA   . LEU A 1 42  ? -1.327  0.666   8.111   1.00 35.05  ? 42  LEU A CA   1 
ATOM   601  C C    . LEU A 1 42  ? -0.681  1.277   9.347   1.00 35.39  ? 42  LEU A C    1 
ATOM   602  O O    . LEU A 1 42  ? -1.377  1.656   10.295  1.00 37.07  ? 42  LEU A O    1 
ATOM   603  C CB   . LEU A 1 42  ? -2.456  1.549   7.584   1.00 36.55  ? 42  LEU A CB   1 
ATOM   604  C CG   . LEU A 1 42  ? -2.080  2.964   7.149   1.00 37.83  ? 42  LEU A CG   1 
ATOM   605  C CD1  . LEU A 1 42  ? -1.108  2.931   5.983   1.00 37.80  ? 42  LEU A CD1  1 
ATOM   606  C CD2  . LEU A 1 42  ? -3.332  3.753   6.786   1.00 42.48  ? 42  LEU A CD2  1 
ATOM   607  H H    . LEU A 1 42  ? -2.416  -0.658  9.077   1.00 41.49  ? 42  LEU A H    1 
ATOM   608  H HA   . LEU A 1 42  ? -0.645  0.590   7.425   1.00 42.49  ? 42  LEU A HA   1 
ATOM   609  H HB2  . LEU A 1 42  ? -2.844  1.109   6.812   1.00 44.30  ? 42  LEU A HB2  1 
ATOM   610  H HB3  . LEU A 1 42  ? -3.120  1.636   8.286   1.00 44.30  ? 42  LEU A HB3  1 
ATOM   611  H HG   . LEU A 1 42  ? -1.638  3.416   7.885   1.00 45.83  ? 42  LEU A HG   1 
ATOM   612  H HD11 . LEU A 1 42  ? -0.904  3.840   5.715   1.00 45.80  ? 42  LEU A HD11 1 
ATOM   613  H HD12 . LEU A 1 42  ? -0.297  2.478   6.261   1.00 45.80  ? 42  LEU A HD12 1 
ATOM   614  H HD13 . LEU A 1 42  ? -1.517  2.452   5.245   1.00 45.80  ? 42  LEU A HD13 1 
ATOM   615  H HD21 . LEU A 1 42  ? -3.073  4.640   6.492   1.00 51.41  ? 42  LEU A HD21 1 
ATOM   616  H HD22 . LEU A 1 42  ? -3.801  3.292   6.073   1.00 51.41  ? 42  LEU A HD22 1 
ATOM   617  H HD23 . LEU A 1 42  ? -3.902  3.818   7.568   1.00 51.41  ? 42  LEU A HD23 1 
ATOM   618  N N    . LYS A 1 43  ? 0.646   1.375   9.331   1.00 39.45  ? 43  LYS A N    1 
ATOM   619  C CA   . LYS A 1 43  ? 1.416   1.891   10.458  1.00 38.34  ? 43  LYS A CA   1 
ATOM   620  C C    . LYS A 1 43  ? 2.090   3.187   10.033  1.00 38.26  ? 43  LYS A C    1 
ATOM   621  O O    . LYS A 1 43  ? 3.030   3.172   9.230   1.00 38.82  ? 43  LYS A O    1 
ATOM   622  C CB   . LYS A 1 43  ? 2.449   0.870   10.930  1.00 49.99  ? 43  LYS A CB   1 
ATOM   623  C CG   . LYS A 1 43  ? 3.330   1.365   12.076  1.00 55.94  ? 43  LYS A CG   1 
ATOM   624  C CD   . LYS A 1 43  ? 2.506   2.079   13.145  1.00 62.10  ? 43  LYS A CD   1 
ATOM   625  C CE   . LYS A 1 43  ? 3.273   2.239   14.449  1.00 71.33  ? 43  LYS A CE   1 
ATOM   626  N NZ   . LYS A 1 43  ? 2.368   2.170   15.634  1.00 79.06  ? 43  LYS A NZ   1 
ATOM   627  H H    . LYS A 1 43  ? 1.134   1.144   8.662   1.00 47.77  ? 43  LYS A H    1 
ATOM   628  H HA   . LYS A 1 43  ? 0.811   2.082   11.192  1.00 46.44  ? 43  LYS A HA   1 
ATOM   629  H HB2  . LYS A 1 43  ? 1.984   0.076   11.237  1.00 60.42  ? 43  LYS A HB2  1 
ATOM   630  H HB3  . LYS A 1 43  ? 3.030   0.648   10.186  1.00 60.42  ? 43  LYS A HB3  1 
ATOM   631  H HG2  . LYS A 1 43  ? 3.774   0.608   12.489  1.00 67.57  ? 43  LYS A HG2  1 
ATOM   632  H HG3  . LYS A 1 43  ? 3.987   1.988   11.730  1.00 67.57  ? 43  LYS A HG3  1 
ATOM   633  H HD2  . LYS A 1 43  ? 2.267   2.963   12.824  1.00 74.95  ? 43  LYS A HD2  1 
ATOM   634  H HD3  . LYS A 1 43  ? 1.705   1.564   13.327  1.00 74.95  ? 43  LYS A HD3  1 
ATOM   635  H HE2  . LYS A 1 43  ? 3.928   1.527   14.524  1.00 86.03  ? 43  LYS A HE2  1 
ATOM   636  H HE3  . LYS A 1 43  ? 3.719   3.101   14.455  1.00 86.03  ? 43  LYS A HE3  1 
ATOM   637  H HZ1  . LYS A 1 43  ? 2.833   2.301   16.381  1.00 95.31  ? 43  LYS A HZ1  1 
ATOM   638  H HZ2  . LYS A 1 43  ? 1.738   2.796   15.573  1.00 95.31  ? 43  LYS A HZ2  1 
ATOM   639  H HZ3  . LYS A 1 43  ? 1.977   1.371   15.673  1.00 95.31  ? 43  LYS A HZ3  1 
ATOM   640  N N    . GLY A 1 44  ? 1.614   4.306   10.580  1.00 41.62  ? 44  GLY A N    1 
ATOM   641  C CA   . GLY A 1 44  ? 2.181   5.603   10.298  1.00 38.59  ? 44  GLY A CA   1 
ATOM   642  C C    . GLY A 1 44  ? 3.142   6.070   11.382  1.00 41.58  ? 44  GLY A C    1 
ATOM   643  O O    . GLY A 1 44  ? 3.406   5.391   12.370  1.00 45.52  ? 44  GLY A O    1 
ATOM   644  H H    . GLY A 1 44  ? 0.952   4.330   11.128  1.00 50.38  ? 44  GLY A H    1 
ATOM   645  H HA2  . GLY A 1 44  ? 2.663   5.566   9.457   1.00 46.74  ? 44  GLY A HA2  1 
ATOM   646  H HA3  . GLY A 1 44  ? 1.466   6.254   10.223  1.00 46.74  ? 44  GLY A HA3  1 
ATOM   647  N N    . SER A 1 45  ? 3.682   7.266   11.158  1.00 42.87  ? 45  SER A N    1 
ATOM   648  C CA   . SER A 1 45  ? 4.575   7.917   12.115  1.00 38.87  ? 45  SER A CA   1 
ATOM   649  C C    . SER A 1 45  ? 5.806   7.065   12.416  1.00 40.43  ? 45  SER A C    1 
ATOM   650  O O    . SER A 1 45  ? 6.302   7.035   13.540  1.00 49.30  ? 45  SER A O    1 
ATOM   651  C CB   . SER A 1 45  ? 3.835   8.252   13.413  1.00 41.63  ? 45  SER A CB   1 
ATOM   652  O OG   . SER A 1 45  ? 2.671   9.011   13.154  1.00 47.78  ? 45  SER A OG   1 
ATOM   653  H H    . SER A 1 45  ? 3.545   7.729   10.445  1.00 51.87  ? 45  SER A H    1 
ATOM   654  H HA   . SER A 1 45  ? 4.886   8.743   11.713  1.00 47.07  ? 45  SER A HA   1 
ATOM   655  H HB2  . SER A 1 45  ? 3.581   7.426   13.852  1.00 50.38  ? 45  SER A HB2  1 
ATOM   656  H HB3  . SER A 1 45  ? 4.424   8.766   13.986  1.00 50.38  ? 45  SER A HB3  1 
ATOM   657  H HG   . SER A 1 45  ? 2.261   9.160   13.872  1.00 57.77  ? 45  SER A HG   1 
ATOM   658  N N    . VAL A 1 46  ? 6.305   6.368   11.398  1.00 41.33  ? 46  VAL A N    1 
ATOM   659  C CA   . VAL A 1 46  ? 7.542   5.598   11.497  1.00 41.37  ? 46  VAL A CA   1 
ATOM   660  C C    . VAL A 1 46  ? 8.603   6.340   10.700  1.00 36.47  ? 46  VAL A C    1 
ATOM   661  O O    . VAL A 1 46  ? 8.388   6.668   9.527   1.00 38.02  ? 46  VAL A O    1 
ATOM   662  C CB   . VAL A 1 46  ? 7.363   4.160   10.979  1.00 37.38  ? 46  VAL A CB   1 
ATOM   663  C CG1  . VAL A 1 46  ? 8.704   3.449   10.888  1.00 33.22  ? 46  VAL A CG1  1 
ATOM   664  C CG2  . VAL A 1 46  ? 6.413   3.386   11.881  1.00 45.46  ? 46  VAL A CG2  1 
ATOM   665  H H    . VAL A 1 46  ? 5.935   6.324   10.623  1.00 50.03  ? 46  VAL A H    1 
ATOM   666  H HA   . VAL A 1 46  ? 7.824   5.544   12.424  1.00 50.08  ? 46  VAL A HA   1 
ATOM   667  H HB   . VAL A 1 46  ? 6.979   4.197   10.089  1.00 45.29  ? 46  VAL A HB   1 
ATOM   668  H HG11 . VAL A 1 46  ? 8.555   2.490   10.919  1.00 40.30  ? 46  VAL A HG11 1 
ATOM   669  H HG12 . VAL A 1 46  ? 9.134   3.691   10.052  1.00 40.30  ? 46  VAL A HG12 1 
ATOM   670  H HG13 . VAL A 1 46  ? 9.258   3.723   11.635  1.00 40.30  ? 46  VAL A HG13 1 
ATOM   671  H HG21 . VAL A 1 46  ? 6.332   2.478   11.548  1.00 54.98  ? 46  VAL A HG21 1 
ATOM   672  H HG22 . VAL A 1 46  ? 6.772   3.377   12.783  1.00 54.98  ? 46  VAL A HG22 1 
ATOM   673  H HG23 . VAL A 1 46  ? 5.546   3.819   11.873  1.00 54.98  ? 46  VAL A HG23 1 
ATOM   674  N N    . GLU A 1 47  ? 9.738   6.620   11.332  1.00 37.66  ? 47  GLU A N    1 
ATOM   675  C CA   . GLU A 1 47  ? 10.770  7.401   10.667  1.00 37.41  ? 47  GLU A CA   1 
ATOM   676  C C    . GLU A 1 47  ? 11.350  6.615   9.499   1.00 37.27  ? 47  GLU A C    1 
ATOM   677  O O    . GLU A 1 47  ? 11.709  5.440   9.641   1.00 36.51  ? 47  GLU A O    1 
ATOM   678  C CB   . GLU A 1 47  ? 11.872  7.786   11.651  1.00 39.12  ? 47  GLU A CB   1 
ATOM   679  C CG   . GLU A 1 47  ? 12.815  8.851   11.107  1.00 44.42  ? 47  GLU A CG   1 
ATOM   680  C CD   . GLU A 1 47  ? 13.632  9.530   12.189  1.00 52.82  ? 47  GLU A CD   1 
ATOM   681  O OE1  . GLU A 1 47  ? 14.405  8.831   12.881  1.00 54.55  ? 47  GLU A OE1  1 
ATOM   682  O OE2  . GLU A 1 47  ? 13.506  10.764  12.343  1.00 60.16  ? 47  GLU A OE2  1 
ATOM   683  H H    . GLU A 1 47  ? 9.930   6.373   12.133  1.00 45.63  ? 47  GLU A H    1 
ATOM   684  H HA   . GLU A 1 47  ? 10.380  8.220   10.323  1.00 45.33  ? 47  GLU A HA   1 
ATOM   685  H HB2  . GLU A 1 47  ? 11.464  8.133   12.460  1.00 47.38  ? 47  GLU A HB2  1 
ATOM   686  H HB3  . GLU A 1 47  ? 12.398  6.998   11.857  1.00 47.38  ? 47  GLU A HB3  1 
ATOM   687  H HG2  . GLU A 1 47  ? 13.432  8.437   10.483  1.00 53.73  ? 47  GLU A HG2  1 
ATOM   688  H HG3  . GLU A 1 47  ? 12.294  9.533   10.655  1.00 53.73  ? 47  GLU A HG3  1 
ATOM   689  N N    . ILE A 1 48  ? 11.432  7.267   8.339   1.00 38.22  ? 48  ILE A N    1 
ATOM   690  C CA   . ILE A 1 48  ? 11.993  6.679   7.131   1.00 38.77  ? 48  ILE A CA   1 
ATOM   691  C C    . ILE A 1 48  ? 12.978  7.670   6.531   1.00 33.23  ? 48  ILE A C    1 
ATOM   692  O O    . ILE A 1 48  ? 12.795  8.888   6.619   1.00 36.63  ? 48  ILE A O    1 
ATOM   693  C CB   . ILE A 1 48  ? 10.900  6.306   6.100   1.00 38.44  ? 48  ILE A CB   1 
ATOM   694  C CG1  . ILE A 1 48  ? 9.906   5.323   6.725   1.00 34.99  ? 48  ILE A CG1  1 
ATOM   695  C CG2  . ILE A 1 48  ? 11.537  5.733   4.841   1.00 36.14  ? 48  ILE A CG2  1 
ATOM   696  C CD1  . ILE A 1 48  ? 8.849   4.803   5.769   1.00 33.70  ? 48  ILE A CD1  1 
ATOM   697  H H    . ILE A 1 48  ? 11.159  8.074   8.227   1.00 46.29  ? 48  ILE A H    1 
ATOM   698  H HA   . ILE A 1 48  ? 12.471  5.868   7.364   1.00 46.96  ? 48  ILE A HA   1 
ATOM   699  H HB   . ILE A 1 48  ? 10.414  7.106   5.848   1.00 46.56  ? 48  ILE A HB   1 
ATOM   700  H HG12 . ILE A 1 48  ? 10.398  4.557   7.060   1.00 42.42  ? 48  ILE A HG12 1 
ATOM   701  H HG13 . ILE A 1 48  ? 9.447   5.769   7.453   1.00 42.42  ? 48  ILE A HG13 1 
ATOM   702  H HG21 . ILE A 1 48  ? 10.837  5.517   4.204   1.00 43.81  ? 48  ILE A HG21 1 
ATOM   703  H HG22 . ILE A 1 48  ? 12.137  6.394   4.462   1.00 43.81  ? 48  ILE A HG22 1 
ATOM   704  H HG23 . ILE A 1 48  ? 12.031  4.932   5.074   1.00 43.81  ? 48  ILE A HG23 1 
ATOM   705  H HD11 . ILE A 1 48  ? 8.229   4.240   6.259   1.00 40.87  ? 48  ILE A HD11 1 
ATOM   706  H HD12 . ILE A 1 48  ? 8.374   5.556   5.382   1.00 40.87  ? 48  ILE A HD12 1 
ATOM   707  H HD13 . ILE A 1 48  ? 9.280   4.289   5.069   1.00 40.87  ? 48  ILE A HD13 1 
ATOM   708  N N    . VAL A 1 49  ? 14.031  7.137   5.917   1.00 41.69  ? 49  VAL A N    1 
ATOM   709  C CA   . VAL A 1 49  ? 15.015  7.927   5.186   1.00 41.20  ? 49  VAL A CA   1 
ATOM   710  C C    . VAL A 1 49  ? 15.189  7.292   3.814   1.00 35.99  ? 49  VAL A C    1 
ATOM   711  O O    . VAL A 1 49  ? 15.426  6.084   3.710   1.00 35.59  ? 49  VAL A O    1 
ATOM   712  C CB   . VAL A 1 49  ? 16.361  8.000   5.934   1.00 47.88  ? 49  VAL A CB   1 
ATOM   713  C CG1  . VAL A 1 49  ? 17.492  8.328   4.968   1.00 48.25  ? 49  VAL A CG1  1 
ATOM   714  C CG2  . VAL A 1 49  ? 16.290  9.032   7.057   1.00 42.95  ? 49  VAL A CG2  1 
ATOM   715  H H    . VAL A 1 49  ? 14.200  6.295   5.910   1.00 50.45  ? 49  VAL A H    1 
ATOM   716  H HA   . VAL A 1 49  ? 14.690  8.833   5.070   1.00 49.87  ? 49  VAL A HA   1 
ATOM   717  H HB   . VAL A 1 49  ? 16.549  7.135   6.330   1.00 57.89  ? 49  VAL A HB   1 
ATOM   718  H HG11 . VAL A 1 49  ? 18.246  8.673   5.470   1.00 58.33  ? 49  VAL A HG11 1 
ATOM   719  H HG12 . VAL A 1 49  ? 17.749  7.519   4.498   1.00 58.33  ? 49  VAL A HG12 1 
ATOM   720  H HG13 . VAL A 1 49  ? 17.183  8.994   4.334   1.00 58.33  ? 49  VAL A HG13 1 
ATOM   721  H HG21 . VAL A 1 49  ? 16.968  8.824   7.719   1.00 51.97  ? 49  VAL A HG21 1 
ATOM   722  H HG22 . VAL A 1 49  ? 16.448  9.913   6.687   1.00 51.97  ? 49  VAL A HG22 1 
ATOM   723  H HG23 . VAL A 1 49  ? 15.409  8.996   7.462   1.00 51.97  ? 49  VAL A HG23 1 
ATOM   724  N N    . PHE A 1 50  ? 15.062  8.101   2.765   1.00 34.27  ? 50  PHE A N    1 
ATOM   725  C CA   . PHE A 1 50  ? 15.184  7.609   1.400   1.00 36.75  ? 50  PHE A CA   1 
ATOM   726  C C    . PHE A 1 50  ? 15.484  8.789   0.490   1.00 39.11  ? 50  PHE A C    1 
ATOM   727  O O    . PHE A 1 50  ? 14.920  9.872   0.662   1.00 39.30  ? 50  PHE A O    1 
ATOM   728  C CB   . PHE A 1 50  ? 13.908  6.893   0.951   1.00 35.42  ? 50  PHE A CB   1 
ATOM   729  C CG   . PHE A 1 50  ? 14.042  6.182   -0.366  1.00 35.05  ? 50  PHE A CG   1 
ATOM   730  C CD1  . PHE A 1 50  ? 13.152  6.439   -1.395  1.00 39.37  ? 50  PHE A CD1  1 
ATOM   731  C CD2  . PHE A 1 50  ? 15.047  5.251   -0.573  1.00 34.34  ? 50  PHE A CD2  1 
ATOM   732  C CE1  . PHE A 1 50  ? 13.264  5.784   -2.607  1.00 43.58  ? 50  PHE A CE1  1 
ATOM   733  C CE2  . PHE A 1 50  ? 15.166  4.595   -1.782  1.00 32.40  ? 50  PHE A CE2  1 
ATOM   734  C CZ   . PHE A 1 50  ? 14.273  4.862   -2.800  1.00 36.80  ? 50  PHE A CZ   1 
ATOM   735  H H    . PHE A 1 50  ? 14.904  8.945   2.820   1.00 41.56  ? 50  PHE A H    1 
ATOM   736  H HA   . PHE A 1 50  ? 15.919  6.980   1.339   1.00 44.54  ? 50  PHE A HA   1 
ATOM   737  H HB2  . PHE A 1 50  ? 13.670  6.232   1.621   1.00 42.93  ? 50  PHE A HB2  1 
ATOM   738  H HB3  . PHE A 1 50  ? 13.197  7.546   0.863   1.00 42.93  ? 50  PHE A HB3  1 
ATOM   739  H HD1  . PHE A 1 50  ? 12.470  7.059   -1.270  1.00 47.67  ? 50  PHE A HD1  1 
ATOM   740  H HD2  . PHE A 1 50  ? 15.649  5.066   0.112   1.00 41.64  ? 50  PHE A HD2  1 
ATOM   741  H HE1  . PHE A 1 50  ? 12.662  5.965   -3.292  1.00 52.73  ? 50  PHE A HE1  1 
ATOM   742  H HE2  . PHE A 1 50  ? 15.846  3.974   -1.910  1.00 39.31  ? 50  PHE A HE2  1 
ATOM   743  H HZ   . PHE A 1 50  ? 14.350  4.420   -3.615  1.00 44.59  ? 50  PHE A HZ   1 
ATOM   744  N N    . GLY A 1 51  ? 16.369  8.571   -0.479  1.00 42.36  ? 51  GLY A N    1 
ATOM   745  C CA   . GLY A 1 51  ? 16.824  9.668   -1.306  1.00 46.55  ? 51  GLY A CA   1 
ATOM   746  C C    . GLY A 1 51  ? 17.575  10.727  -0.541  1.00 46.94  ? 51  GLY A C    1 
ATOM   747  O O    . GLY A 1 51  ? 17.680  11.865  -1.007  1.00 54.63  ? 51  GLY A O    1 
ATOM   748  H H    . GLY A 1 51  ? 16.712  7.805   -0.671  1.00 51.26  ? 51  GLY A H    1 
ATOM   749  H HA2  . GLY A 1 51  ? 17.412  9.321   -1.995  1.00 56.29  ? 51  GLY A HA2  1 
ATOM   750  H HA3  . GLY A 1 51  ? 16.056  10.086  -1.725  1.00 56.29  ? 51  GLY A HA3  1 
ATOM   751  N N    . GLY A 1 52  ? 18.095  10.386  0.635   1.00 45.21  ? 52  GLY A N    1 
ATOM   752  C CA   . GLY A 1 52  ? 18.821  11.333  1.448   1.00 46.00  ? 52  GLY A CA   1 
ATOM   753  C C    . GLY A 1 52  ? 17.970  12.311  2.223   1.00 47.22  ? 52  GLY A C    1 
ATOM   754  O O    . GLY A 1 52  ? 18.514  13.268  2.786   1.00 51.77  ? 52  GLY A O    1 
ATOM   755  H H    . GLY A 1 52  ? 18.036  9.601   0.981   1.00 54.69  ? 52  GLY A H    1 
ATOM   756  H HA2  . GLY A 1 52  ? 19.359  10.841  2.088   1.00 55.63  ? 52  GLY A HA2  1 
ATOM   757  H HA3  . GLY A 1 52  ? 19.407  11.848  0.872   1.00 55.63  ? 52  GLY A HA3  1 
ATOM   758  N N    . ASN A 1 53  ? 16.657  12.114  2.278   1.00 41.50  ? 53  ASN A N    1 
ATOM   759  C CA   . ASN A 1 53  ? 15.785  13.007  3.020   1.00 36.00  ? 53  ASN A CA   1 
ATOM   760  C C    . ASN A 1 53  ? 14.663  12.199  3.652   1.00 41.46  ? 53  ASN A C    1 
ATOM   761  O O    . ASN A 1 53  ? 14.572  10.976  3.483   1.00 41.10  ? 53  ASN A O    1 
ATOM   762  C CB   . ASN A 1 53  ? 15.239  14.124  2.116   1.00 44.97  ? 53  ASN A CB   1 
ATOM   763  C CG   . ASN A 1 53  ? 14.419  13.597  0.957   1.00 44.46  ? 53  ASN A CG   1 
ATOM   764  O OD1  . ASN A 1 53  ? 13.631  12.666  1.110   1.00 49.68  ? 53  ASN A OD1  1 
ATOM   765  N ND2  . ASN A 1 53  ? 14.593  14.202  -0.214  1.00 59.57  ? 53  ASN A ND2  1 
ATOM   766  H H    . ASN A 1 53  ? 16.249  11.464  1.891   1.00 50.23  ? 53  ASN A H    1 
ATOM   767  H HA   . ASN A 1 53  ? 16.293  13.419  3.737   1.00 43.64  ? 53  ASN A HA   1 
ATOM   768  H HB2  . ASN A 1 53  ? 14.672  14.708  2.644   1.00 54.40  ? 53  ASN A HB2  1 
ATOM   769  H HB3  . ASN A 1 53  ? 15.984  14.628  1.752   1.00 54.40  ? 53  ASN A HB3  1 
ATOM   770  H HD21 . ASN A 1 53  ? 15.148  14.856  -0.282  1.00 71.92  ? 53  ASN A HD21 1 
ATOM   771  H HD22 . ASN A 1 53  ? 14.150  13.940  -0.903  1.00 71.92  ? 53  ASN A HD22 1 
ATOM   772  N N    . LYS A 1 54  ? 13.800  12.891  4.394   1.00 39.42  ? 54  LYS A N    1 
ATOM   773  C CA   . LYS A 1 54  ? 12.706  12.266  5.124   1.00 31.80  ? 54  LYS A CA   1 
ATOM   774  C C    . LYS A 1 54  ? 11.346  12.675  4.568   1.00 33.18  ? 54  LYS A C    1 
ATOM   775  O O    . LYS A 1 54  ? 10.357  12.723  5.303   1.00 42.12  ? 54  LYS A O    1 
ATOM   776  C CB   . LYS A 1 54  ? 12.795  12.611  6.611   1.00 33.58  ? 54  LYS A CB   1 
ATOM   777  C CG   . LYS A 1 54  ? 14.150  12.310  7.238   1.00 35.75  ? 54  LYS A CG   1 
ATOM   778  C CD   . LYS A 1 54  ? 14.169  12.638  8.726   1.00 38.78  ? 54  LYS A CD   1 
ATOM   779  C CE   . LYS A 1 54  ? 15.277  11.884  9.446   1.00 46.77  ? 54  LYS A CE   1 
ATOM   780  N NZ   . LYS A 1 54  ? 16.621  12.463  9.165   1.00 59.33  ? 54  LYS A NZ   1 
ATOM   781  H H    . LYS A 1 54  ? 13.832  13.744  4.492   1.00 47.74  ? 54  LYS A H    1 
ATOM   782  H HA   . LYS A 1 54  ? 12.785  11.305  5.031   1.00 38.59  ? 54  LYS A HA   1 
ATOM   783  H HB2  . LYS A 1 54  ? 12.623  13.559  6.720   1.00 40.73  ? 54  LYS A HB2  1 
ATOM   784  H HB3  . LYS A 1 54  ? 12.128  12.095  7.089   1.00 40.73  ? 54  LYS A HB3  1 
ATOM   785  H HG2  . LYS A 1 54  ? 14.350  11.367  7.132   1.00 43.34  ? 54  LYS A HG2  1 
ATOM   786  H HG3  . LYS A 1 54  ? 14.831  12.845  6.800   1.00 43.34  ? 54  LYS A HG3  1 
ATOM   787  H HD2  . LYS A 1 54  ? 14.320  13.589  8.845   1.00 46.97  ? 54  LYS A HD2  1 
ATOM   788  H HD3  . LYS A 1 54  ? 13.320  12.385  9.122   1.00 46.97  ? 54  LYS A HD3  1 
ATOM   789  H HE2  . LYS A 1 54  ? 15.123  11.928  10.404  1.00 56.55  ? 54  LYS A HE2  1 
ATOM   790  H HE3  . LYS A 1 54  ? 15.277  10.960  9.153   1.00 56.55  ? 54  LYS A HE3  1 
ATOM   791  H HZ1  . LYS A 1 54  ? 17.252  11.969  9.552   1.00 71.63  ? 54  LYS A HZ1  1 
ATOM   792  H HZ2  . LYS A 1 54  ? 16.766  12.480  8.287   1.00 71.63  ? 54  LYS A HZ2  1 
ATOM   793  H HZ3  . LYS A 1 54  ? 16.668  13.292  9.482   1.00 71.63  ? 54  LYS A HZ3  1 
ATOM   794  N N    . GLU A 1 55  ? 11.282  12.977  3.275   1.00 38.72  ? 55  GLU A N    1 
ATOM   795  C CA   . GLU A 1 55  ? 10.000  13.250  2.645   1.00 38.42  ? 55  GLU A CA   1 
ATOM   796  C C    . GLU A 1 55  ? 9.080   12.041  2.791   1.00 39.19  ? 55  GLU A C    1 
ATOM   797  O O    . GLU A 1 55  ? 9.517   10.926  3.094   1.00 40.99  ? 55  GLU A O    1 
ATOM   798  C CB   . GLU A 1 55  ? 10.193  13.596  1.171   1.00 45.45  ? 55  GLU A CB   1 
ATOM   799  C CG   . GLU A 1 55  ? 10.764  14.985  0.928   1.00 51.87  ? 55  GLU A CG   1 
ATOM   800  C CD   . GLU A 1 55  ? 10.745  15.368  -0.538  1.00 58.01  ? 55  GLU A CD   1 
ATOM   801  O OE1  . GLU A 1 55  ? 9.649   15.672  -1.056  1.00 56.83  ? 55  GLU A OE1  1 
ATOM   802  O OE2  . GLU A 1 55  ? 11.824  15.356  -1.171  1.00 62.16  ? 55  GLU A OE2  1 
ATOM   803  H H    . GLU A 1 55  ? 11.960  13.027  2.747   1.00 46.89  ? 55  GLU A H    1 
ATOM   804  H HA   . GLU A 1 55  ? 9.576   14.011  3.073   1.00 46.53  ? 55  GLU A HA   1 
ATOM   805  H HB2  . GLU A 1 55  ? 10.806  12.954  0.779   1.00 54.98  ? 55  GLU A HB2  1 
ATOM   806  H HB3  . GLU A 1 55  ? 9.334   13.549  0.726   1.00 54.98  ? 55  GLU A HB3  1 
ATOM   807  H HG2  . GLU A 1 55  ? 10.235  15.635  1.417   1.00 62.68  ? 55  GLU A HG2  1 
ATOM   808  H HG3  . GLU A 1 55  ? 11.684  15.008  1.234   1.00 62.68  ? 55  GLU A HG3  1 
ATOM   809  N N    . ALA A 1 56  ? 7.786   12.273  2.578   1.00 39.56  ? 56  ALA A N    1 
ATOM   810  C CA   . ALA A 1 56  ? 6.808   11.197  2.659   1.00 36.36  ? 56  ALA A CA   1 
ATOM   811  C C    . ALA A 1 56  ? 7.274   9.992   1.851   1.00 37.58  ? 56  ALA A C    1 
ATOM   812  O O    . ALA A 1 56  ? 7.640   10.113  0.679   1.00 35.82  ? 56  ALA A O    1 
ATOM   813  C CB   . ALA A 1 56  ? 5.449   11.685  2.154   1.00 36.40  ? 56  ALA A CB   1 
ATOM   814  H H    . ALA A 1 56  ? 7.453   13.042  2.385   1.00 47.91  ? 56  ALA A H    1 
ATOM   815  H HA   . ALA A 1 56  ? 6.704   10.924  3.584   1.00 44.06  ? 56  ALA A HA   1 
ATOM   816  H HB1  . ALA A 1 56  ? 4.856   10.922  2.059   1.00 44.12  ? 56  ALA A HB1  1 
ATOM   817  H HB2  . ALA A 1 56  ? 5.081   12.313  2.795   1.00 44.12  ? 56  ALA A HB2  1 
ATOM   818  H HB3  . ALA A 1 56  ? 5.568   12.119  1.295   1.00 44.12  ? 56  ALA A HB3  1 
ATOM   819  N N    . ALA A 1 57  ? 7.275   8.828   2.497   1.00 40.56  ? 57  ALA A N    1 
ATOM   820  C CA   . ALA A 1 57  ? 7.726   7.594   1.874   1.00 34.72  ? 57  ALA A CA   1 
ATOM   821  C C    . ALA A 1 57  ? 7.015   6.431   2.548   1.00 32.03  ? 57  ALA A C    1 
ATOM   822  O O    . ALA A 1 57  ? 6.435   6.575   3.628   1.00 35.58  ? 57  ALA A O    1 
ATOM   823  C CB   . ALA A 1 57  ? 9.246   7.432   1.975   1.00 33.48  ? 57  ALA A CB   1 
ATOM   824  H H    . ALA A 1 57  ? 7.014   8.729   3.310   1.00 49.11  ? 57  ALA A H    1 
ATOM   825  H HA   . ALA A 1 57  ? 7.490   7.597   0.933   1.00 42.10  ? 57  ALA A HA   1 
ATOM   826  H HB1  . ALA A 1 57  ? 9.510   6.627   1.502   1.00 40.61  ? 57  ALA A HB1  1 
ATOM   827  H HB2  . ALA A 1 57  ? 9.674   8.205   1.576   1.00 40.61  ? 57  ALA A HB2  1 
ATOM   828  H HB3  . ALA A 1 57  ? 9.494   7.362   2.910   1.00 40.61  ? 57  ALA A HB3  1 
ATOM   829  N N    . ALA A 1 58  ? 7.067   5.270   1.897   1.00 35.01  ? 58  ALA A N    1 
ATOM   830  C CA   . ALA A 1 58  ? 6.404   4.091   2.426   1.00 33.40  ? 58  ALA A CA   1 
ATOM   831  C C    . ALA A 1 58  ? 7.117   2.833   1.956   1.00 32.08  ? 58  ALA A C    1 
ATOM   832  O O    . ALA A 1 58  ? 7.656   2.779   0.847   1.00 33.13  ? 58  ALA A O    1 
ATOM   833  C CB   . ALA A 1 58  ? 4.930   4.036   2.001   1.00 37.09  ? 58  ALA A CB   1 
ATOM   834  H H    . ALA A 1 58  ? 7.478   5.146   1.153   1.00 42.45  ? 58  ALA A H    1 
ATOM   835  H HA   . ALA A 1 58  ? 6.455   4.116   3.393   1.00 40.51  ? 58  ALA A HA   1 
ATOM   836  H HB1  . ALA A 1 58  ? 4.559   3.177   2.255   1.00 44.94  ? 58  ALA A HB1  1 
ATOM   837  H HB2  . ALA A 1 58  ? 4.446   4.750   2.446   1.00 44.94  ? 58  ALA A HB2  1 
ATOM   838  H HB3  . ALA A 1 58  ? 4.874   4.149   1.038   1.00 44.94  ? 58  ALA A HB3  1 
ATOM   839  N N    . TYR A 1 59  ? 7.123   1.829   2.828   1.00 39.11  ? 59  TYR A N    1 
ATOM   840  C CA   . TYR A 1 59  ? 7.500   0.468   2.478   1.00 34.43  ? 59  TYR A CA   1 
ATOM   841  C C    . TYR A 1 59  ? 6.284   -0.414  2.714   1.00 32.72  ? 59  TYR A C    1 
ATOM   842  O O    . TYR A 1 59  ? 5.622   -0.295  3.752   1.00 33.91  ? 59  TYR A O    1 
ATOM   843  C CB   . TYR A 1 59  ? 8.678   -0.031  3.302   1.00 33.60  ? 59  TYR A CB   1 
ATOM   844  C CG   . TYR A 1 59  ? 8.958   -1.505  3.124   1.00 32.92  ? 59  TYR A CG   1 
ATOM   845  C CD1  . TYR A 1 59  ? 8.629   -2.417  4.114   1.00 38.87  ? 59  TYR A CD1  1 
ATOM   846  C CD2  . TYR A 1 59  ? 9.528   -1.988  1.951   1.00 37.29  ? 59  TYR A CD2  1 
ATOM   847  C CE1  . TYR A 1 59  ? 8.871   -3.769  3.949   1.00 47.51  ? 59  TYR A CE1  1 
ATOM   848  C CE2  . TYR A 1 59  ? 9.772   -3.333  1.779   1.00 39.01  ? 59  TYR A CE2  1 
ATOM   849  C CZ   . TYR A 1 59  ? 9.444   -4.219  2.780   1.00 40.31  ? 59  TYR A CZ   1 
ATOM   850  O OH   . TYR A 1 59  ? 9.685   -5.561  2.612   1.00 52.64  ? 59  TYR A OH   1 
ATOM   851  H H    . TYR A 1 59  ? 6.904   1.917   3.655   1.00 47.36  ? 59  TYR A H    1 
ATOM   852  H HA   . TYR A 1 59  ? 7.766   0.425   1.546   1.00 41.75  ? 59  TYR A HA   1 
ATOM   853  H HB2  . TYR A 1 59  ? 9.474   0.456   3.038   1.00 40.75  ? 59  TYR A HB2  1 
ATOM   854  H HB3  . TYR A 1 59  ? 8.491   0.125   4.242   1.00 40.75  ? 59  TYR A HB3  1 
ATOM   855  H HD1  . TYR A 1 59  ? 8.238   -2.116  4.903   1.00 47.08  ? 59  TYR A HD1  1 
ATOM   856  H HD2  . TYR A 1 59  ? 9.747   -1.392  1.271   1.00 45.18  ? 59  TYR A HD2  1 
ATOM   857  H HE1  . TYR A 1 59  ? 8.647   -4.370  4.622   1.00 57.44  ? 59  TYR A HE1  1 
ATOM   858  H HE2  . TYR A 1 59  ? 10.156  -3.640  0.990   1.00 47.25  ? 59  TYR A HE2  1 
ATOM   859  H HH   . TYR A 1 59  ? 10.495  -5.687  2.428   1.00 63.60  ? 59  TYR A HH   1 
ATOM   860  N N    . ALA A 1 60  ? 5.980   -1.277  1.751   1.00 36.50  ? 60  ALA A N    1 
ATOM   861  C CA   . ALA A 1 60  ? 4.838   -2.168  1.853   1.00 36.69  ? 60  ALA A CA   1 
ATOM   862  C C    . ALA A 1 60  ? 5.239   -3.575  1.441   1.00 36.23  ? 60  ALA A C    1 
ATOM   863  O O    . ALA A 1 60  ? 6.141   -3.775  0.623   1.00 35.78  ? 60  ALA A O    1 
ATOM   864  C CB   . ALA A 1 60  ? 3.665   -1.697  0.981   1.00 36.40  ? 60  ALA A CB   1 
ATOM   865  H H    . ALA A 1 60  ? 6.429   -1.364  1.023   1.00 44.23  ? 60  ALA A H    1 
ATOM   866  H HA   . ALA A 1 60  ? 4.540   -2.192  2.775   1.00 44.46  ? 60  ALA A HA   1 
ATOM   867  H HB1  . ALA A 1 60  ? 2.924   -2.314  1.087   1.00 44.11  ? 60  ALA A HB1  1 
ATOM   868  H HB2  . ALA A 1 60  ? 3.398   -0.808  1.264   1.00 44.11  ? 60  ALA A HB2  1 
ATOM   869  H HB3  . ALA A 1 60  ? 3.948   -1.677  0.054   1.00 44.11  ? 60  ALA A HB3  1 
ATOM   870  N N    . GLU A 1 61  ? 4.557   -4.545  2.035   1.00 40.69  ? 61  GLU A N    1 
ATOM   871  C CA   . GLU A 1 61  ? 4.687   -5.957  1.712   1.00 36.83  ? 61  GLU A CA   1 
ATOM   872  C C    . GLU A 1 61  ? 3.280   -6.517  1.582   1.00 36.76  ? 61  GLU A C    1 
ATOM   873  O O    . GLU A 1 61  ? 2.402   -6.186  2.381   1.00 37.05  ? 61  GLU A O    1 
ATOM   874  C CB   . GLU A 1 61  ? 5.477   -6.694  2.797   1.00 39.75  ? 61  GLU A CB   1 
ATOM   875  C CG   . GLU A 1 61  ? 5.685   -8.182  2.549   1.00 68.74  ? 61  GLU A CG   1 
ATOM   876  C CD   . GLU A 1 61  ? 6.557   -8.831  3.615   1.00 81.19  ? 61  GLU A CD   1 
ATOM   877  O OE1  . GLU A 1 61  ? 7.034   -9.964  3.395   1.00 74.63  ? 61  GLU A OE1  1 
ATOM   878  O OE2  . GLU A 1 61  ? 6.765   -8.204  4.676   1.00 83.31  ? 61  GLU A OE2  1 
ATOM   879  H H    . GLU A 1 61  ? 3.984   -4.402  2.661   1.00 49.26  ? 61  GLU A H    1 
ATOM   880  H HA   . GLU A 1 61  ? 5.160   -6.094  0.876   1.00 44.63  ? 61  GLU A HA   1 
ATOM   881  N N    . ILE A 1 62  ? 3.055   -7.334  0.558   1.00 38.04  ? 62  ILE A N    1 
ATOM   882  C CA   . ILE A 1 62  ? 1.802   -8.061  0.402   1.00 40.64  ? 62  ILE A CA   1 
ATOM   883  C C    . ILE A 1 62  ? 2.112   -9.553  0.425   1.00 41.27  ? 62  ILE A C    1 
ATOM   884  O O    . ILE A 1 62  ? 3.018   -10.016 -0.281  1.00 40.18  ? 62  ILE A O    1 
ATOM   885  C CB   . ILE A 1 62  ? 1.058   -7.671  -0.889  1.00 43.06  ? 62  ILE A CB   1 
ATOM   886  C CG1  . ILE A 1 62  ? -0.218  -8.509  -1.019  1.00 48.97  ? 62  ILE A CG1  1 
ATOM   887  C CG2  . ILE A 1 62  ? 1.943   -7.855  -2.113  1.00 44.27  ? 62  ILE A CG2  1 
ATOM   888  C CD1  . ILE A 1 62  ? -1.397  -7.760  -1.594  1.00 42.14  ? 62  ILE A CD1  1 
ATOM   889  H H    . ILE A 1 62  ? 3.625   -7.486  -0.068  1.00 46.08  ? 62  ILE A H    1 
ATOM   890  H HA   . ILE A 1 62  ? 1.220   -7.855  1.150   1.00 49.20  ? 62  ILE A HA   1 
ATOM   891  H HB   . ILE A 1 62  ? 0.822   -6.732  -0.835  1.00 52.10  ? 62  ILE A HB   1 
ATOM   892  H HG12 . ILE A 1 62  ? -0.037  -9.263  -1.601  1.00 59.20  ? 62  ILE A HG12 1 
ATOM   893  H HG13 . ILE A 1 62  ? -0.473  -8.825  -0.137  1.00 59.20  ? 62  ILE A HG13 1 
ATOM   894  H HG21 . ILE A 1 62  ? 1.449   -7.589  -2.903  1.00 53.56  ? 62  ILE A HG21 1 
ATOM   895  H HG22 . ILE A 1 62  ? 2.734   -7.301  -2.016  1.00 53.56  ? 62  ILE A HG22 1 
ATOM   896  H HG23 . ILE A 1 62  ? 2.198   -8.787  -2.180  1.00 53.56  ? 62  ILE A HG23 1 
ATOM   897  H HD11 . ILE A 1 62  ? -2.160  -8.357  -1.638  1.00 51.00  ? 62  ILE A HD11 1 
ATOM   898  H HD12 . ILE A 1 62  ? -1.599  -7.003  -1.022  1.00 51.00  ? 62  ILE A HD12 1 
ATOM   899  H HD13 . ILE A 1 62  ? -1.168  -7.450  -2.485  1.00 51.00  ? 62  ILE A HD13 1 
ATOM   900  N N    . VAL A 1 63  ? 1.366   -10.296 1.240   1.00 44.71  ? 63  VAL A N    1 
ATOM   901  C CA   . VAL A 1 63  ? 1.525   -11.739 1.381   1.00 48.39  ? 63  VAL A CA   1 
ATOM   902  C C    . VAL A 1 63  ? 0.256   -12.391 0.847   1.00 51.43  ? 63  VAL A C    1 
ATOM   903  O O    . VAL A 1 63  ? -0.812  -12.280 1.462   1.00 53.75  ? 63  VAL A O    1 
ATOM   904  C CB   . VAL A 1 63  ? 1.781   -12.147 2.838   1.00 48.95  ? 63  VAL A CB   1 
ATOM   905  C CG1  . VAL A 1 63  ? 2.322   -13.569 2.903   1.00 57.17  ? 63  VAL A CG1  1 
ATOM   906  C CG2  . VAL A 1 63  ? 2.743   -11.175 3.505   1.00 55.41  ? 63  VAL A CG2  1 
ATOM   907  H H    . VAL A 1 63  ? 0.742   -9.975  1.736   1.00 54.09  ? 63  VAL A H    1 
ATOM   908  H HA   . VAL A 1 63  ? 2.276   -12.032 0.842   1.00 58.50  ? 63  VAL A HA   1 
ATOM   909  H HB   . VAL A 1 63  ? 0.943   -12.120 3.325   1.00 59.17  ? 63  VAL A HB   1 
ATOM   910  H HG11 . VAL A 1 63  ? 2.478   -13.806 3.830   1.00 69.04  ? 63  VAL A HG11 1 
ATOM   911  H HG12 . VAL A 1 63  ? 1.669   -14.172 2.513   1.00 69.04  ? 63  VAL A HG12 1 
ATOM   912  H HG13 . VAL A 1 63  ? 3.153   -13.615 2.406   1.00 69.04  ? 63  VAL A HG13 1 
ATOM   913  H HG21 . VAL A 1 63  ? 2.923   -11.477 4.408   1.00 66.93  ? 63  VAL A HG21 1 
ATOM   914  H HG22 . VAL A 1 63  ? 3.569   -11.147 2.995   1.00 66.93  ? 63  VAL A HG22 1 
ATOM   915  H HG23 . VAL A 1 63  ? 2.338   -10.294 3.525   1.00 66.93  ? 63  VAL A HG23 1 
ATOM   916  N N    . SER A 1 64  ? 0.370   -13.074 -0.290  1.00 66.79  ? 64  SER A N    1 
ATOM   917  C CA   . SER A 1 64  ? -0.756  -13.738 -0.935  1.00 64.36  ? 64  SER A CA   1 
ATOM   918  C C    . SER A 1 64  ? -0.629  -15.245 -0.760  1.00 61.48  ? 64  SER A C    1 
ATOM   919  O O    . SER A 1 64  ? 0.411   -15.826 -1.087  1.00 65.72  ? 64  SER A O    1 
ATOM   920  C CB   . SER A 1 64  ? -0.821  -13.397 -2.427  1.00 58.69  ? 64  SER A CB   1 
ATOM   921  O OG   . SER A 1 64  ? -0.977  -12.005 -2.633  1.00 65.56  ? 64  SER A OG   1 
ATOM   922  H H    . SER A 1 64  ? 1.110   -13.168 -0.718  1.00 80.58  ? 64  SER A H    1 
ATOM   923  H HA   . SER A 1 64  ? -1.579  -13.444 -0.515  1.00 77.66  ? 64  SER A HA   1 
ATOM   924  H HB2  . SER A 1 64  ? 0.002   -13.687 -2.851  1.00 70.86  ? 64  SER A HB2  1 
ATOM   925  H HB3  . SER A 1 64  ? -1.578  -13.858 -2.822  1.00 70.86  ? 64  SER A HB3  1 
ATOM   926  H HG   . SER A 1 64  ? -0.988  -11.836 -3.456  1.00 79.11  ? 64  SER A HG   1 
ATOM   927  N N    . MET A 1 65  ? -1.693  -15.875 -0.259  1.00 76.82  ? 65  MET A N    1 
ATOM   928  C CA   . MET A 1 65  ? -1.710  -17.322 -0.041  1.00 84.61  ? 65  MET A CA   1 
ATOM   929  C C    . MET A 1 65  ? -1.887  -18.056 -1.372  1.00 78.20  ? 65  MET A C    1 
ATOM   930  O O    . MET A 1 65  ? -2.839  -18.805 -1.591  1.00 83.68  ? 65  MET A O    1 
ATOM   931  C CB   . MET A 1 65  ? -2.810  -17.694 0.945   1.00 75.99  ? 65  MET A CB   1 
ATOM   932  H H    . MET A 1 65  ? -2.425  -15.482 -0.036  1.00 92.61  ? 65  MET A H    1 
ATOM   933  H HA   . MET A 1 65  ? -0.861  -17.582 0.351   1.00 101.96 ? 65  MET A HA   1 
ATOM   934  N N    . GLY A 1 66  ? -0.942  -17.819 -2.268  1.00 70.34  ? 66  GLY A N    1 
ATOM   935  C CA   . GLY A 1 66  ? -0.975  -18.407 -3.590  1.00 69.59  ? 66  GLY A CA   1 
ATOM   936  C C    . GLY A 1 66  ? -0.117  -17.630 -4.556  1.00 66.87  ? 66  GLY A C    1 
ATOM   937  O O    . GLY A 1 66  ? 0.161   -16.442 -4.379  1.00 60.49  ? 66  GLY A O    1 
ATOM   938  H H    . GLY A 1 66  ? -0.260  -17.312 -2.129  1.00 84.84  ? 66  GLY A H    1 
ATOM   939  H HA2  . GLY A 1 66  ? -0.647  -19.319 -3.548  1.00 83.94  ? 66  GLY A HA2  1 
ATOM   940  H HA3  . GLY A 1 66  ? -1.886  -18.414 -3.920  1.00 83.94  ? 66  GLY A HA3  1 
ATOM   941  N N    . GLY A 1 67  ? 0.312   -18.325 -5.606  1.00 59.49  ? 67  GLY A N    1 
ATOM   942  C CA   . GLY A 1 67  ? 1.126   -17.688 -6.619  1.00 51.37  ? 67  GLY A CA   1 
ATOM   943  C C    . GLY A 1 67  ? 0.399   -16.548 -7.304  1.00 53.65  ? 67  GLY A C    1 
ATOM   944  O O    . GLY A 1 67  ? -0.821  -16.408 -7.234  1.00 54.51  ? 67  GLY A O    1 
ATOM   945  H H    . GLY A 1 67  ? 0.145   -19.156 -5.749  1.00 71.82  ? 67  GLY A H    1 
ATOM   946  H HA2  . GLY A 1 67  ? 1.932   -17.335 -6.210  1.00 62.07  ? 67  GLY A HA2  1 
ATOM   947  H HA3  . GLY A 1 67  ? 1.374   -18.342 -7.291  1.00 62.07  ? 67  GLY A HA3  1 
ATOM   948  N N    . ILE A 1 68  ? 1.181   -15.704 -7.968  1.00 53.67  ? 68  ILE A N    1 
ATOM   949  C CA   . ILE A 1 68  ? 0.626   -14.634 -8.789  1.00 50.62  ? 68  ILE A CA   1 
ATOM   950  C C    . ILE A 1 68  ? 1.444   -14.566 -10.071 1.00 45.80  ? 68  ILE A C    1 
ATOM   951  O O    . ILE A 1 68  ? 2.297   -15.428 -10.316 1.00 60.38  ? 68  ILE A O    1 
ATOM   952  C CB   . ILE A 1 68  ? 0.613   -13.292 -8.044  1.00 49.58  ? 68  ILE A CB   1 
ATOM   953  C CG1  . ILE A 1 68  ? 1.948   -13.019 -7.363  1.00 50.09  ? 68  ILE A CG1  1 
ATOM   954  C CG2  . ILE A 1 68  ? -0.502  -13.279 -6.997  1.00 48.19  ? 68  ILE A CG2  1 
ATOM   955  C CD1  . ILE A 1 68  ? 2.351   -11.556 -7.408  1.00 60.34  ? 68  ILE A CD1  1 
ATOM   956  H H    . ILE A 1 68  ? 2.040   -15.730 -7.961  1.00 64.84  ? 68  ILE A H    1 
ATOM   957  H HA   . ILE A 1 68  ? -0.297  -14.833 -9.012  1.00 61.17  ? 68  ILE A HA   1 
ATOM   958  H HB   . ILE A 1 68  ? 0.454   -12.596 -8.702  1.00 59.93  ? 68  ILE A HB   1 
ATOM   959  H HG12 . ILE A 1 68  ? 1.886   -13.285 -6.432  1.00 60.53  ? 68  ILE A HG12 1 
ATOM   960  H HG13 . ILE A 1 68  ? 2.639   -13.534 -7.809  1.00 60.53  ? 68  ILE A HG13 1 
ATOM   961  H HG21 . ILE A 1 68  ? -0.500  -12.422 -6.544  1.00 58.26  ? 68  ILE A HG21 1 
ATOM   962  H HG22 . ILE A 1 68  ? -1.353  -13.419 -7.440  1.00 58.26  ? 68  ILE A HG22 1 
ATOM   963  H HG23 . ILE A 1 68  ? -0.341  -13.991 -6.357  1.00 58.26  ? 68  ILE A HG23 1 
ATOM   964  H HD11 . ILE A 1 68  ? 3.219   -11.454 -6.986  1.00 72.84  ? 68  ILE A HD11 1 
ATOM   965  H HD12 . ILE A 1 68  ? 2.397   -11.269 -8.334  1.00 72.84  ? 68  ILE A HD12 1 
ATOM   966  H HD13 . ILE A 1 68  ? 1.689   -11.031 -6.932  1.00 72.84  ? 68  ILE A HD13 1 
ATOM   967  N N    . THR A 1 69  ? 1.193   -13.558 -10.898 1.00 44.26  ? 69  THR A N    1 
ATOM   968  C CA   . THR A 1 69  ? 1.871   -13.417 -12.176 1.00 43.67  ? 69  THR A CA   1 
ATOM   969  C C    . THR A 1 69  ? 2.577   -12.068 -12.246 1.00 38.87  ? 69  THR A C    1 
ATOM   970  O O    . THR A 1 69  ? 2.339   -11.170 -11.436 1.00 41.74  ? 69  THR A O    1 
ATOM   971  C CB   . THR A 1 69  ? 0.883   -13.550 -13.344 1.00 44.01  ? 69  THR A CB   1 
ATOM   972  O OG1  . THR A 1 69  ? 0.046   -12.389 -13.394 1.00 45.47  ? 69  THR A OG1  1 
ATOM   973  C CG2  . THR A 1 69  ? 0.021   -14.794 -13.179 1.00 43.52  ? 69  THR A CG2  1 
ATOM   974  H H    . THR A 1 69  ? 0.623   -12.935 -10.736 1.00 53.54  ? 69  THR A H    1 
ATOM   975  H HA   . THR A 1 69  ? 2.538   -14.115 -12.257 1.00 52.84  ? 69  THR A HA   1 
ATOM   976  H HB   . THR A 1 69  ? 1.374   -13.633 -14.177 1.00 53.25  ? 69  THR A HB   1 
ATOM   977  H HG1  . THR A 1 69  ? 0.140   -11.997 -14.131 1.00 55.00  ? 69  THR A HG1  1 
ATOM   978  H HG21 . THR A 1 69  ? -0.451  -14.982 -14.005 1.00 52.66  ? 69  THR A HG21 1 
ATOM   979  H HG22 . THR A 1 69  ? 0.576   -15.555 -12.951 1.00 52.66  ? 69  THR A HG22 1 
ATOM   980  H HG23 . THR A 1 69  ? -0.628  -14.654 -12.471 1.00 52.66  ? 69  THR A HG23 1 
ATOM   981  N N    . LYS A 1 70  ? 3.458   -11.937 -13.240 1.00 39.35  ? 70  LYS A N    1 
ATOM   982  C CA   . LYS A 1 70  ? 4.169   -10.678 -13.434 1.00 39.85  ? 70  LYS A CA   1 
ATOM   983  C C    . LYS A 1 70  ? 3.196   -9.527  -13.665 1.00 40.84  ? 70  LYS A C    1 
ATOM   984  O O    . LYS A 1 70  ? 3.415   -8.413  -13.175 1.00 43.71  ? 70  LYS A O    1 
ATOM   985  C CB   . LYS A 1 70  ? 5.143   -10.803 -14.606 1.00 39.00  ? 70  LYS A CB   1 
ATOM   986  C CG   . LYS A 1 70  ? 6.344   -11.697 -14.333 1.00 34.79  ? 70  LYS A CG   1 
ATOM   987  H H    . LYS A 1 70  ? 3.659   -12.554 -13.805 1.00 47.65  ? 70  LYS A H    1 
ATOM   988  H HA   . LYS A 1 70  ? 4.683   -10.481 -12.635 1.00 48.25  ? 70  LYS A HA   1 
ATOM   989  N N    . GLN A 1 71  ? 2.114   -9.776  -14.407 1.00 40.70  ? 71  GLN A N    1 
ATOM   990  C CA   . GLN A 1 71  ? 1.134   -8.723  -14.662 1.00 38.53  ? 71  GLN A CA   1 
ATOM   991  C C    . GLN A 1 71  ? 0.393   -8.338  -13.388 1.00 36.25  ? 71  GLN A C    1 
ATOM   992  O O    . GLN A 1 71  ? 0.143   -7.152  -13.144 1.00 40.17  ? 71  GLN A O    1 
ATOM   993  C CB   . GLN A 1 71  ? 0.152   -9.177  -15.745 1.00 41.52  ? 71  GLN A CB   1 
ATOM   994  C CG   . GLN A 1 71  ? -0.993  -8.204  -16.032 1.00 54.60  ? 71  GLN A CG   1 
ATOM   995  C CD   . GLN A 1 71  ? -0.528  -6.906  -16.673 1.00 67.88  ? 71  GLN A CD   1 
ATOM   996  O OE1  . GLN A 1 71  ? 0.543   -6.846  -17.277 1.00 71.24  ? 71  GLN A OE1  1 
ATOM   997  N NE2  . GLN A 1 71  ? -1.336  -5.857  -16.543 1.00 54.98  ? 71  GLN A NE2  1 
ATOM   998  H H    . GLN A 1 71  ? 1.927   -10.534 -14.767 1.00 49.27  ? 71  GLN A H    1 
ATOM   999  H HA   . GLN A 1 71  ? 1.596   -7.935  -14.989 1.00 46.66  ? 71  GLN A HA   1 
ATOM   1000 H HB2  . GLN A 1 71  ? 0.643   -9.300  -16.573 1.00 50.26  ? 71  GLN A HB2  1 
ATOM   1001 H HB3  . GLN A 1 71  ? -0.245  -10.018 -15.468 1.00 50.26  ? 71  GLN A HB3  1 
ATOM   1002 H HG2  . GLN A 1 71  ? -1.623  -8.627  -16.636 1.00 65.95  ? 71  GLN A HG2  1 
ATOM   1003 H HG3  . GLN A 1 71  ? -1.434  -7.983  -15.196 1.00 65.95  ? 71  GLN A HG3  1 
ATOM   1004 H HE21 . GLN A 1 71  ? -2.077  -5.935  -16.113 1.00 66.41  ? 71  GLN A HE21 1 
ATOM   1005 H HE22 . GLN A 1 71  ? -1.118  -5.100  -16.888 1.00 66.41  ? 71  GLN A HE22 1 
ATOM   1006 N N    . VAL A 1 72  ? 0.029   -9.324  -12.566 1.00 43.59  ? 72  VAL A N    1 
ATOM   1007 C CA   . VAL A 1 72  ? -0.635  -9.024  -11.300 1.00 43.04  ? 72  VAL A CA   1 
ATOM   1008 C C    . VAL A 1 72  ? 0.281   -8.193  -10.409 1.00 40.19  ? 72  VAL A C    1 
ATOM   1009 O O    . VAL A 1 72  ? -0.163  -7.252  -9.740  1.00 38.73  ? 72  VAL A O    1 
ATOM   1010 C CB   . VAL A 1 72  ? -1.075  -10.328 -10.608 1.00 45.55  ? 72  VAL A CB   1 
ATOM   1011 C CG1  . VAL A 1 72  ? -1.605  -10.046 -9.205  1.00 50.34  ? 72  VAL A CG1  1 
ATOM   1012 C CG2  . VAL A 1 72  ? -2.124  -11.043 -11.449 1.00 45.93  ? 72  VAL A CG2  1 
ATOM   1013 H H    . VAL A 1 72  ? 0.152   -10.162 -12.716 1.00 52.74  ? 72  VAL A H    1 
ATOM   1014 H HA   . VAL A 1 72  ? -1.430  -8.498  -11.482 1.00 52.08  ? 72  VAL A HA   1 
ATOM   1015 H HB   . VAL A 1 72  ? -0.305  -10.911 -10.519 1.00 55.09  ? 72  VAL A HB   1 
ATOM   1016 H HG11 . VAL A 1 72  ? -1.927  -10.874 -8.817  1.00 60.84  ? 72  VAL A HG11 1 
ATOM   1017 H HG12 . VAL A 1 72  ? -0.888  -9.683  -8.663  1.00 60.84  ? 72  VAL A HG12 1 
ATOM   1018 H HG13 . VAL A 1 72  ? -2.330  -9.404  -9.264  1.00 60.84  ? 72  VAL A HG13 1 
ATOM   1019 H HG21 . VAL A 1 72  ? -2.376  -11.869 -11.005 1.00 55.54  ? 72  VAL A HG21 1 
ATOM   1020 H HG22 . VAL A 1 72  ? -2.900  -10.469 -11.544 1.00 55.54  ? 72  VAL A HG22 1 
ATOM   1021 H HG23 . VAL A 1 72  ? -1.749  -11.239 -12.322 1.00 55.54  ? 72  VAL A HG23 1 
ATOM   1022 N N    . LYS A 1 73  ? 1.573   -8.531  -10.384 1.00 44.91  ? 73  LYS A N    1 
ATOM   1023 C CA   . LYS A 1 73  ? 2.527   -7.755  -9.599  1.00 40.42  ? 73  LYS A CA   1 
ATOM   1024 C C    . LYS A 1 73  ? 2.614   -6.322  -10.109 1.00 39.73  ? 73  LYS A C    1 
ATOM   1025 O O    . LYS A 1 73  ? 2.612   -5.372  -9.318  1.00 44.55  ? 73  LYS A O    1 
ATOM   1026 C CB   . LYS A 1 73  ? 3.898   -8.431  -9.636  1.00 36.11  ? 73  LYS A CB   1 
ATOM   1027 C CG   . LYS A 1 73  ? 4.991   -7.678  -8.893  1.00 48.78  ? 73  LYS A CG   1 
ATOM   1028 C CD   . LYS A 1 73  ? 6.261   -8.515  -8.778  1.00 62.91  ? 73  LYS A CD   1 
ATOM   1029 C CE   . LYS A 1 73  ? 7.492   -7.640  -8.575  1.00 79.58  ? 73  LYS A CE   1 
ATOM   1030 N NZ   . LYS A 1 73  ? 7.916   -6.958  -9.832  1.00 76.04  ? 73  LYS A NZ   1 
ATOM   1031 H H    . LYS A 1 73  ? 1.916   -9.197  -10.808 1.00 54.32  ? 73  LYS A H    1 
ATOM   1032 H HA   . LYS A 1 73  ? 2.232   -7.725  -8.676  1.00 48.94  ? 73  LYS A HA   1 
ATOM   1033 H HB2  . LYS A 1 73  ? 3.821   -9.309  -9.232  1.00 43.77  ? 73  LYS A HB2  1 
ATOM   1034 H HB3  . LYS A 1 73  ? 4.176   -8.515  -10.561 1.00 43.77  ? 73  LYS A HB3  1 
ATOM   1035 H HG2  . LYS A 1 73  ? 5.204   -6.864  -9.374  1.00 58.97  ? 73  LYS A HG2  1 
ATOM   1036 H HG3  . LYS A 1 73  ? 4.684   -7.465  -7.998  1.00 58.97  ? 73  LYS A HG3  1 
ATOM   1037 H HD2  . LYS A 1 73  ? 6.184   -9.112  -8.019  1.00 75.92  ? 73  LYS A HD2  1 
ATOM   1038 H HD3  . LYS A 1 73  ? 6.383   -9.026  -9.593  1.00 75.92  ? 73  LYS A HD3  1 
ATOM   1039 H HE2  . LYS A 1 73  ? 7.293   -6.958  -7.914  1.00 95.93  ? 73  LYS A HE2  1 
ATOM   1040 H HE3  . LYS A 1 73  ? 8.228   -8.193  -8.269  1.00 95.93  ? 73  LYS A HE3  1 
ATOM   1041 H HZ1  . LYS A 1 73  ? 8.686   -6.531  -9.703  1.00 91.68  ? 73  LYS A HZ1  1 
ATOM   1042 H HZ2  . LYS A 1 73  ? 8.024   -7.558  -10.481 1.00 91.68  ? 73  LYS A HZ2  1 
ATOM   1043 H HZ3  . LYS A 1 73  ? 7.298   -6.369  -10.083 1.00 91.68  ? 73  LYS A HZ3  1 
ATOM   1044 N N    . ARG A 1 74  ? 2.682   -6.145  -11.432 1.00 43.16  ? 74  ARG A N    1 
ATOM   1045 C CA   . ARG A 1 74  ? 2.711   -4.801  -11.998 1.00 38.71  ? 74  ARG A CA   1 
ATOM   1046 C C    . ARG A 1 74  ? 1.460   -4.020  -11.623 1.00 38.06  ? 74  ARG A C    1 
ATOM   1047 O O    . ARG A 1 74  ? 1.542   -2.844  -11.245 1.00 40.87  ? 74  ARG A O    1 
ATOM   1048 C CB   . ARG A 1 74  ? 2.852   -4.878  -13.520 1.00 43.28  ? 74  ARG A CB   1 
ATOM   1049 C CG   . ARG A 1 74  ? 4.287   -4.933  -14.022 1.00 53.18  ? 74  ARG A CG   1 
ATOM   1050 C CD   . ARG A 1 74  ? 4.355   -4.641  -15.514 1.00 53.48  ? 74  ARG A CD   1 
ATOM   1051 N NE   . ARG A 1 74  ? 3.536   -5.571  -16.287 1.00 58.90  ? 74  ARG A NE   1 
ATOM   1052 C CZ   . ARG A 1 74  ? 3.918   -6.800  -16.623 1.00 61.42  ? 74  ARG A CZ   1 
ATOM   1053 N NH1  . ARG A 1 74  ? 5.112   -7.249  -16.256 1.00 59.33  ? 74  ARG A NH1  1 
ATOM   1054 N NH2  . ARG A 1 74  ? 3.107   -7.579  -17.326 1.00 60.94  ? 74  ARG A NH2  1 
ATOM   1055 H H    . ARG A 1 74  ? 2.712   -6.779  -12.011 1.00 52.23  ? 74  ARG A H    1 
ATOM   1056 H HA   . ARG A 1 74  ? 3.483   -4.330  -11.646 1.00 46.89  ? 74  ARG A HA   1 
ATOM   1057 N N    . GLU A 1 75  ? 0.290   -4.659  -11.719 1.00 40.37  ? 75  GLU A N    1 
ATOM   1058 C CA   . GLU A 1 75  ? -0.958  -3.972  -11.406 1.00 42.93  ? 75  GLU A CA   1 
ATOM   1059 C C    . GLU A 1 75  ? -1.033  -3.601  -9.928  1.00 41.74  ? 75  GLU A C    1 
ATOM   1060 O O    . GLU A 1 75  ? -1.526  -2.520  -9.580  1.00 39.32  ? 75  GLU A O    1 
ATOM   1061 C CB   . GLU A 1 75  ? -2.149  -4.848  -11.802 1.00 41.20  ? 75  GLU A CB   1 
ATOM   1062 C CG   . GLU A 1 75  ? -2.418  -4.886  -13.303 1.00 55.26  ? 75  GLU A CG   1 
ATOM   1063 C CD   . GLU A 1 75  ? -3.514  -5.868  -13.692 1.00 63.20  ? 75  GLU A CD   1 
ATOM   1064 O OE1  . GLU A 1 75  ? -4.070  -6.538  -12.795 1.00 56.59  ? 75  GLU A OE1  1 
ATOM   1065 O OE2  . GLU A 1 75  ? -3.817  -5.969  -14.900 1.00 74.63  ? 75  GLU A OE2  1 
ATOM   1066 H H    . GLU A 1 75  ? 0.196   -5.480  -11.958 1.00 48.88  ? 75  GLU A H    1 
ATOM   1067 H HA   . GLU A 1 75  ? -1.001  -3.152  -11.922 1.00 51.95  ? 75  GLU A HA   1 
ATOM   1068 H HB2  . GLU A 1 75  ? -1.978  -5.756  -11.510 1.00 49.87  ? 75  GLU A HB2  1 
ATOM   1069 H HB3  . GLU A 1 75  ? -2.946  -4.504  -11.368 1.00 49.87  ? 75  GLU A HB3  1 
ATOM   1070 H HG2  . GLU A 1 75  ? -2.692  -4.002  -13.596 1.00 66.74  ? 75  GLU A HG2  1 
ATOM   1071 H HG3  . GLU A 1 75  ? -1.604  -5.150  -13.761 1.00 66.74  ? 75  GLU A HG3  1 
ATOM   1072 N N    . LEU A 1 76  ? -0.549  -4.479  -9.046  1.00 41.29  ? 76  LEU A N    1 
ATOM   1073 C CA   . LEU A 1 76  ? -0.572  -4.179  -7.618  1.00 37.65  ? 76  LEU A CA   1 
ATOM   1074 C C    . LEU A 1 76  ? 0.327   -2.988  -7.299  1.00 34.80  ? 76  LEU A C    1 
ATOM   1075 O O    . LEU A 1 76  ? -0.079  -2.057  -6.592  1.00 34.96  ? 76  LEU A O    1 
ATOM   1076 C CB   . LEU A 1 76  ? -0.139  -5.404  -6.816  1.00 38.02  ? 76  LEU A CB   1 
ATOM   1077 C CG   . LEU A 1 76  ? -1.183  -6.491  -6.567  1.00 39.60  ? 76  LEU A CG   1 
ATOM   1078 C CD1  . LEU A 1 76  ? -0.541  -7.689  -5.867  1.00 45.50  ? 76  LEU A CD1  1 
ATOM   1079 C CD2  . LEU A 1 76  ? -2.354  -5.969  -5.751  1.00 36.69  ? 76  LEU A CD2  1 
ATOM   1080 H H    . LEU A 1 76  ? -0.210  -5.244  -9.248  1.00 49.98  ? 76  LEU A H    1 
ATOM   1081 H HA   . LEU A 1 76  ? -1.479  -3.955  -7.361  1.00 45.61  ? 76  LEU A HA   1 
ATOM   1082 H HB2  . LEU A 1 76  ? 0.596   -5.824  -7.291  1.00 46.05  ? 76  LEU A HB2  1 
ATOM   1083 H HB3  . LEU A 1 76  ? 0.162   -5.098  -5.946  1.00 46.05  ? 76  LEU A HB3  1 
ATOM   1084 H HG   . LEU A 1 76  ? -1.534  -6.780  -7.423  1.00 47.96  ? 76  LEU A HG   1 
ATOM   1085 H HD11 . LEU A 1 76  ? -1.217  -8.368  -5.718  1.00 55.03  ? 76  LEU A HD11 1 
ATOM   1086 H HD12 . LEU A 1 76  ? 0.165   -8.043  -6.431  1.00 55.03  ? 76  LEU A HD12 1 
ATOM   1087 H HD13 . LEU A 1 76  ? -0.171  -7.398  -5.019  1.00 55.03  ? 76  LEU A HD13 1 
ATOM   1088 H HD21 . LEU A 1 76  ? -2.966  -6.701  -5.573  1.00 44.46  ? 76  LEU A HD21 1 
ATOM   1089 H HD22 . LEU A 1 76  ? -2.020  -5.606  -4.916  1.00 44.46  ? 76  LEU A HD22 1 
ATOM   1090 H HD23 . LEU A 1 76  ? -2.806  -5.275  -6.257  1.00 44.46  ? 76  LEU A HD23 1 
ATOM   1091 N N    . ILE A 1 77  ? 1.558   -3.002  -7.814  1.00 42.18  ? 77  ILE A N    1 
ATOM   1092 C CA   . ILE A 1 77  ? 2.491   -1.912  -7.543  1.00 41.42  ? 77  ILE A CA   1 
ATOM   1093 C C    . ILE A 1 77  ? 1.937   -0.597  -8.075  1.00 37.51  ? 77  ILE A C    1 
ATOM   1094 O O    . ILE A 1 77  ? 1.962   0.434   -7.392  1.00 39.17  ? 77  ILE A O    1 
ATOM   1095 C CB   . ILE A 1 77  ? 3.871   -2.226  -8.148  1.00 41.59  ? 77  ILE A CB   1 
ATOM   1096 C CG1  . ILE A 1 77  ? 4.466   -3.470  -7.487  1.00 41.18  ? 77  ILE A CG1  1 
ATOM   1097 C CG2  . ILE A 1 77  ? 4.804   -1.036  -7.988  1.00 45.64  ? 77  ILE A CG2  1 
ATOM   1098 C CD1  . ILE A 1 77  ? 5.683   -4.025  -8.198  1.00 48.10  ? 77  ILE A CD1  1 
ATOM   1099 H H    . ILE A 1 77  ? 1.873   -3.624  -8.318  1.00 51.05  ? 77  ILE A H    1 
ATOM   1100 H HA   . ILE A 1 77  ? 2.595   -1.827  -6.582  1.00 50.14  ? 77  ILE A HA   1 
ATOM   1101 H HB   . ILE A 1 77  ? 3.760   -2.402  -9.096  1.00 50.35  ? 77  ILE A HB   1 
ATOM   1102 H HG12 . ILE A 1 77  ? 4.732   -3.243  -6.582  1.00 49.85  ? 77  ILE A HG12 1 
ATOM   1103 H HG13 . ILE A 1 77  ? 3.791   -4.166  -7.470  1.00 49.85  ? 77  ILE A HG13 1 
ATOM   1104 H HG21 . ILE A 1 77  ? 5.696   -1.293  -8.270  1.00 55.21  ? 77  ILE A HG21 1 
ATOM   1105 H HG22 . ILE A 1 77  ? 4.481   -0.305  -8.537  1.00 55.21  ? 77  ILE A HG22 1 
ATOM   1106 H HG23 . ILE A 1 77  ? 4.816   -0.768  -7.055  1.00 55.21  ? 77  ILE A HG23 1 
ATOM   1107 H HD11 . ILE A 1 77  ? 5.939   -4.861  -7.779  1.00 58.15  ? 77  ILE A HD11 1 
ATOM   1108 H HD12 . ILE A 1 77  ? 5.463   -4.176  -9.130  1.00 58.15  ? 77  ILE A HD12 1 
ATOM   1109 H HD13 . ILE A 1 77  ? 6.409   -3.386  -8.128  1.00 58.15  ? 77  ILE A HD13 1 
ATOM   1110 N N    . ALA A 1 78  ? 1.429   -0.613  -9.306  1.00 37.98  ? 78  ALA A N    1 
ATOM   1111 C CA   . ALA A 1 78  ? 0.889   0.605   -9.899  1.00 37.16  ? 78  ALA A CA   1 
ATOM   1112 C C    . ALA A 1 78  ? -0.338  1.093   -9.133  1.00 38.98  ? 78  ALA A C    1 
ATOM   1113 O O    . ALA A 1 78  ? -0.465  2.286   -8.832  1.00 38.18  ? 78  ALA A O    1 
ATOM   1114 C CB   . ALA A 1 78  ? 0.547   0.358   -11.369 1.00 40.60  ? 78  ALA A CB   1 
ATOM   1115 H H    . ALA A 1 78  ? 1.385   -1.307  -9.813  1.00 46.00  ? 78  ALA A H    1 
ATOM   1116 H HA   . ALA A 1 78  ? 1.564   1.301   -9.856  1.00 45.02  ? 78  ALA A HA   1 
ATOM   1117 H HB1  . ALA A 1 78  ? 0.158   1.165   -11.742 1.00 49.15  ? 78  ALA A HB1  1 
ATOM   1118 H HB2  . ALA A 1 78  ? 1.359   0.131   -11.848 1.00 49.15  ? 78  ALA A HB2  1 
ATOM   1119 H HB3  . ALA A 1 78  ? -0.088  -0.372  -11.427 1.00 49.15  ? 78  ALA A HB3  1 
ATOM   1120 N N    . THR A 1 79  ? -1.249  0.179   -8.799  1.00 41.91  ? 79  THR A N    1 
ATOM   1121 C CA   . THR A 1 79  ? -2.519  0.588   -8.210  1.00 31.46  ? 79  THR A CA   1 
ATOM   1122 C C    . THR A 1 79  ? -2.347  1.039   -6.765  1.00 35.98  ? 79  THR A C    1 
ATOM   1123 O O    . THR A 1 79  ? -2.856  2.095   -6.370  1.00 41.39  ? 79  THR A O    1 
ATOM   1124 C CB   . THR A 1 79  ? -3.524  -0.558  -8.292  1.00 38.29  ? 79  THR A CB   1 
ATOM   1125 O OG1  . THR A 1 79  ? -3.645  -0.988  -9.653  1.00 50.65  ? 79  THR A OG1  1 
ATOM   1126 C CG2  . THR A 1 79  ? -4.879  -0.109  -7.774  1.00 40.65  ? 79  THR A CG2  1 
ATOM   1127 H H    . THR A 1 79  ? -1.157  -0.671  -8.900  1.00 50.72  ? 79  THR A H    1 
ATOM   1128 H HA   . THR A 1 79  ? -2.866  1.338   -8.718  1.00 38.19  ? 79  THR A HA   1 
ATOM   1129 H HB   . THR A 1 79  ? -3.224  -1.302  -7.747  1.00 46.38  ? 79  THR A HB   1 
ATOM   1130 H HG1  . THR A 1 79  ? -2.896  -1.237  -9.942  1.00 61.21  ? 79  THR A HG1  1 
ATOM   1131 H HG21 . THR A 1 79  ? -5.584  -0.625  -8.198  1.00 49.22  ? 79  THR A HG21 1 
ATOM   1132 H HG22 . THR A 1 79  ? -4.928  -0.240  -6.814  1.00 49.22  ? 79  THR A HG22 1 
ATOM   1133 H HG23 . THR A 1 79  ? -5.014  0.831   -7.971  1.00 49.22  ? 79  THR A HG23 1 
ATOM   1134 N N    . VAL A 1 80  ? -1.646  0.245   -5.955  1.00 41.32  ? 80  VAL A N    1 
ATOM   1135 C CA   . VAL A 1 80  ? -1.431  0.628   -4.562  1.00 37.63  ? 80  VAL A CA   1 
ATOM   1136 C C    . VAL A 1 80  ? -0.615  1.911   -4.491  1.00 36.42  ? 80  VAL A C    1 
ATOM   1137 O O    . VAL A 1 80  ? -0.891  2.797   -3.670  1.00 37.36  ? 80  VAL A O    1 
ATOM   1138 C CB   . VAL A 1 80  ? -0.751  -0.515  -3.787  1.00 35.33  ? 80  VAL A CB   1 
ATOM   1139 C CG1  . VAL A 1 80  ? -0.400  -0.065  -2.378  1.00 36.53  ? 80  VAL A CG1  1 
ATOM   1140 C CG2  . VAL A 1 80  ? -1.651  -1.732  -3.745  1.00 35.92  ? 80  VAL A CG2  1 
ATOM   1141 H H    . VAL A 1 80  ? -1.293  -0.506  -6.181  1.00 50.02  ? 80  VAL A H    1 
ATOM   1142 H HA   . VAL A 1 80  ? -2.295  0.794   -4.152  1.00 45.59  ? 80  VAL A HA   1 
ATOM   1143 H HB   . VAL A 1 80  ? 0.070   -0.757  -4.242  1.00 42.83  ? 80  VAL A HB   1 
ATOM   1144 H HG11 . VAL A 1 80  ? -0.206  -0.846  -1.836  1.00 44.27  ? 80  VAL A HG11 1 
ATOM   1145 H HG12 . VAL A 1 80  ? 0.377   0.514   -2.415  1.00 44.27  ? 80  VAL A HG12 1 
ATOM   1146 H HG13 . VAL A 1 80  ? -1.155  0.418   -2.003  1.00 44.27  ? 80  VAL A HG13 1 
ATOM   1147 H HG21 . VAL A 1 80  ? -1.212  -2.431  -3.235  1.00 43.53  ? 80  VAL A HG21 1 
ATOM   1148 H HG22 . VAL A 1 80  ? -2.489  -1.490  -3.319  1.00 43.53  ? 80  VAL A HG22 1 
ATOM   1149 H HG23 . VAL A 1 80  ? -1.815  -2.035  -4.650  1.00 43.53  ? 80  VAL A HG23 1 
ATOM   1150 N N    . GLY A 1 81  ? 0.404   2.031   -5.345  1.00 38.21  ? 81  GLY A N    1 
ATOM   1151 C CA   . GLY A 1 81  ? 1.192   3.251   -5.370  1.00 35.49  ? 81  GLY A CA   1 
ATOM   1152 C C    . GLY A 1 81  ? 0.362   4.472   -5.711  1.00 35.76  ? 81  GLY A C    1 
ATOM   1153 O O    . GLY A 1 81  ? 0.569   5.552   -5.152  1.00 39.04  ? 81  GLY A O    1 
ATOM   1154 H H    . GLY A 1 81  ? 0.652   1.430   -5.908  1.00 46.28  ? 81  GLY A H    1 
ATOM   1155 H HA2  . GLY A 1 81  ? 1.596   3.391   -4.499  1.00 43.02  ? 81  GLY A HA2  1 
ATOM   1156 H HA3  . GLY A 1 81  ? 1.895   3.166   -6.033  1.00 43.02  ? 81  GLY A HA3  1 
ATOM   1157 N N    . SER A 1 82  ? -0.594  4.317   -6.628  1.00 35.77  ? 82  SER A N    1 
ATOM   1158 C CA   . SER A 1 82  ? -1.469  5.429   -6.979  1.00 37.69  ? 82  SER A CA   1 
ATOM   1159 C C    . SER A 1 82  ? -2.383  5.794   -5.817  1.00 42.82  ? 82  SER A C    1 
ATOM   1160 O O    . SER A 1 82  ? -2.559  6.974   -5.493  1.00 43.38  ? 82  SER A O    1 
ATOM   1161 C CB   . SER A 1 82  ? -2.290  5.079   -8.220  1.00 38.05  ? 82  SER A CB   1 
ATOM   1162 O OG   . SER A 1 82  ? -3.277  6.064   -8.467  1.00 48.62  ? 82  SER A OG   1 
ATOM   1163 H H    . SER A 1 82  ? -0.753  3.587   -7.054  1.00 43.36  ? 82  SER A H    1 
ATOM   1164 H HA   . SER A 1 82  ? -0.922  6.202   -7.189  1.00 45.66  ? 82  SER A HA   1 
ATOM   1165 H HB2  . SER A 1 82  ? -1.698  5.026   -8.986  1.00 46.09  ? 82  SER A HB2  1 
ATOM   1166 H HB3  . SER A 1 82  ? -2.727  4.224   -8.078  1.00 46.09  ? 82  SER A HB3  1 
ATOM   1167 H HG   . SER A 1 82  ? -3.686  5.889   -9.180  1.00 58.77  ? 82  SER A HG   1 
ATOM   1168 N N    . ILE A 1 83  ? -2.981  4.785   -5.172  1.00 44.37  ? 83  ILE A N    1 
ATOM   1169 C CA   . ILE A 1 83  ? -3.913  5.051   -4.078  1.00 40.89  ? 83  ILE A CA   1 
ATOM   1170 C C    . ILE A 1 83  ? -3.187  5.699   -2.904  1.00 40.00  ? 83  ILE A C    1 
ATOM   1171 O O    . ILE A 1 83  ? -3.710  6.623   -2.267  1.00 40.47  ? 83  ILE A O    1 
ATOM   1172 C CB   . ILE A 1 83  ? -4.629  3.752   -3.658  1.00 39.16  ? 83  ILE A CB   1 
ATOM   1173 C CG1  . ILE A 1 83  ? -5.472  3.218   -4.820  1.00 39.12  ? 83  ILE A CG1  1 
ATOM   1174 C CG2  . ILE A 1 83  ? -5.512  3.993   -2.442  1.00 46.34  ? 83  ILE A CG2  1 
ATOM   1175 C CD1  . ILE A 1 83  ? -5.985  1.804   -4.621  1.00 38.91  ? 83  ILE A CD1  1 
ATOM   1176 H H    . ILE A 1 83  ? -2.864  3.952   -5.349  1.00 53.67  ? 83  ILE A H    1 
ATOM   1177 H HA   . ILE A 1 83  ? -4.587  5.675   -4.391  1.00 49.50  ? 83  ILE A HA   1 
ATOM   1178 H HB   . ILE A 1 83  ? -3.955  3.095   -3.425  1.00 47.42  ? 83  ILE A HB   1 
ATOM   1179 H HG12 . ILE A 1 83  ? -6.241  3.796   -4.936  1.00 47.37  ? 83  ILE A HG12 1 
ATOM   1180 H HG13 . ILE A 1 83  ? -4.929  3.223   -5.625  1.00 47.37  ? 83  ILE A HG13 1 
ATOM   1181 H HG21 . ILE A 1 83  ? -6.018  3.187   -2.254  1.00 56.04  ? 83  ILE A HG21 1 
ATOM   1182 H HG22 . ILE A 1 83  ? -4.949  4.215   -1.683  1.00 56.04  ? 83  ILE A HG22 1 
ATOM   1183 H HG23 . ILE A 1 83  ? -6.117  4.728   -2.631  1.00 56.04  ? 83  ILE A HG23 1 
ATOM   1184 H HD11 . ILE A 1 83  ? -6.492  1.540   -5.403  1.00 47.13  ? 83  ILE A HD11 1 
ATOM   1185 H HD12 . ILE A 1 83  ? -5.229  1.208   -4.500  1.00 47.13  ? 83  ILE A HD12 1 
ATOM   1186 H HD13 . ILE A 1 83  ? -6.552  1.783   -3.835  1.00 47.13  ? 83  ILE A HD13 1 
ATOM   1187 N N    . LEU A 1 84  ? -1.977  5.225   -2.594  1.00 38.64  ? 84  LEU A N    1 
ATOM   1188 C CA   . LEU A 1 84  ? -1.173  5.891   -1.574  1.00 40.69  ? 84  LEU A CA   1 
ATOM   1189 C C    . LEU A 1 84  ? -0.860  7.326   -1.984  1.00 40.30  ? 84  LEU A C    1 
ATOM   1190 O O    . LEU A 1 84  ? -0.904  8.243   -1.156  1.00 38.73  ? 84  LEU A O    1 
ATOM   1191 C CB   . LEU A 1 84  ? 0.124   5.123   -1.337  1.00 35.88  ? 84  LEU A CB   1 
ATOM   1192 C CG   . LEU A 1 84  ? 0.079   3.929   -0.386  1.00 43.10  ? 84  LEU A CG   1 
ATOM   1193 C CD1  . LEU A 1 84  ? 1.464   3.292   -0.317  1.00 46.24  ? 84  LEU A CD1  1 
ATOM   1194 C CD2  . LEU A 1 84  ? -0.399  4.318   1.001   1.00 44.52  ? 84  LEU A CD2  1 
ATOM   1195 H H    . LEU A 1 84  ? -1.609  4.535   -2.952  1.00 46.81  ? 84  LEU A H    1 
ATOM   1196 H HA   . LEU A 1 84  ? -1.673  5.904   -0.743  1.00 49.27  ? 84  LEU A HA   1 
ATOM   1197 H HB2  . LEU A 1 84  ? 0.430   4.787   -2.193  1.00 43.49  ? 84  LEU A HB2  1 
ATOM   1198 H HB3  . LEU A 1 84  ? 0.774   5.745   -0.973  1.00 43.49  ? 84  LEU A HB3  1 
ATOM   1199 H HG   . LEU A 1 84  ? -0.561  3.283   -0.725  1.00 52.15  ? 84  LEU A HG   1 
ATOM   1200 H HD11 . LEU A 1 84  ? 1.433   2.534   0.288   1.00 55.92  ? 84  LEU A HD11 1 
ATOM   1201 H HD12 . LEU A 1 84  ? 1.719   2.995   -1.205  1.00 55.92  ? 84  LEU A HD12 1 
ATOM   1202 H HD13 . LEU A 1 84  ? 2.099   3.948   0.008   1.00 55.92  ? 84  LEU A HD13 1 
ATOM   1203 H HD21 . LEU A 1 84  ? -0.367  3.538   1.576   1.00 53.86  ? 84  LEU A HD21 1 
ATOM   1204 H HD22 . LEU A 1 84  ? 0.182   5.012   1.352   1.00 53.86  ? 84  LEU A HD22 1 
ATOM   1205 H HD23 . LEU A 1 84  ? -1.308  4.648   0.940   1.00 53.86  ? 84  LEU A HD23 1 
ATOM   1206 N N    . HIS A 1 85  ? -0.532  7.535   -3.261  1.00 45.11  ? 85  HIS A N    1 
ATOM   1207 C CA   . HIS A 1 85  ? -0.259  8.882   -3.750  1.00 41.23  ? 85  HIS A CA   1 
ATOM   1208 C C    . HIS A 1 85  ? -1.495  9.762   -3.634  1.00 42.01  ? 85  HIS A C    1 
ATOM   1209 O O    . HIS A 1 85  ? -1.430  10.882  -3.114  1.00 45.94  ? 85  HIS A O    1 
ATOM   1210 C CB   . HIS A 1 85  ? 0.217   8.816   -5.200  1.00 41.69  ? 85  HIS A CB   1 
ATOM   1211 C CG   . HIS A 1 85  ? 0.585   10.146  -5.777  1.00 50.48  ? 85  HIS A CG   1 
ATOM   1212 N ND1  . HIS A 1 85  ? 1.253   11.111  -5.054  1.00 48.08  ? 85  HIS A ND1  1 
ATOM   1213 C CD2  . HIS A 1 85  ? 0.382   10.671  -7.008  1.00 50.12  ? 85  HIS A CD2  1 
ATOM   1214 C CE1  . HIS A 1 85  ? 1.444   12.174  -5.814  1.00 46.35  ? 85  HIS A CE1  1 
ATOM   1215 N NE2  . HIS A 1 85  ? 0.926   11.933  -7.005  1.00 49.60  ? 85  HIS A NE2  1 
ATOM   1216 H H    . HIS A 1 85  ? -0.461  6.919   -3.857  1.00 54.57  ? 85  HIS A H    1 
ATOM   1217 H HA   . HIS A 1 85  ? 0.446   9.278   -3.213  1.00 49.90  ? 85  HIS A HA   1 
ATOM   1218 H HB2  . HIS A 1 85  ? 1.002   8.247   -5.245  1.00 50.46  ? 85  HIS A HB2  1 
ATOM   1219 H HB3  . HIS A 1 85  ? -0.494  8.444   -5.745  1.00 50.46  ? 85  HIS A HB3  1 
ATOM   1220 H HD2  . HIS A 1 85  ? -0.046  10.257  -7.722  1.00 60.58  ? 85  HIS A HD2  1 
ATOM   1221 H HE1  . HIS A 1 85  ? 1.871   12.959  -5.556  1.00 56.05  ? 85  HIS A HE1  1 
ATOM   1222 H HE2  . HIS A 1 85  ? 0.928   12.478  -7.670  1.00 59.95  ? 85  HIS A HE2  1 
ATOM   1223 N N    . THR A 1 86  ? -2.638  9.258   -4.099  1.00 47.29  ? 86  THR A N    1 
ATOM   1224 C CA   . THR A 1 86  ? -3.854  10.061  -4.124  1.00 44.87  ? 86  THR A CA   1 
ATOM   1225 C C    . THR A 1 86  ? -4.301  10.454  -2.722  1.00 41.43  ? 86  THR A C    1 
ATOM   1226 O O    . THR A 1 86  ? -4.769  11.577  -2.506  1.00 50.22  ? 86  THR A O    1 
ATOM   1227 C CB   . THR A 1 86  ? -4.972  9.289   -4.830  1.00 45.98  ? 86  THR A CB   1 
ATOM   1228 O OG1  . THR A 1 86  ? -4.693  9.218   -6.234  1.00 53.46  ? 86  THR A OG1  1 
ATOM   1229 C CG2  . THR A 1 86  ? -6.319  9.961   -4.601  1.00 52.44  ? 86  THR A CG2  1 
ATOM   1230 H H    . THR A 1 86  ? -2.734  8.459   -4.405  1.00 57.18  ? 86  THR A H    1 
ATOM   1231 H HA   . THR A 1 86  ? -3.673  10.874  -4.619  1.00 54.27  ? 86  THR A HA   1 
ATOM   1232 H HB   . THR A 1 86  ? -5.023  8.390   -4.470  1.00 55.61  ? 86  THR A HB   1 
ATOM   1233 H HG1  . THR A 1 86  ? -5.152  8.607   -6.587  1.00 64.58  ? 86  THR A HG1  1 
ATOM   1234 H HG21 . THR A 1 86  ? -6.959  9.658   -5.263  1.00 63.36  ? 86  THR A HG21 1 
ATOM   1235 H HG22 . THR A 1 86  ? -6.654  9.741   -3.717  1.00 63.36  ? 86  THR A HG22 1 
ATOM   1236 H HG23 . THR A 1 86  ? -6.226  10.924  -4.670  1.00 63.36  ? 86  THR A HG23 1 
ATOM   1237 N N    . HIS A 1 87  ? -4.175  9.545   -1.758  1.00 41.34  ? 87  HIS A N    1 
ATOM   1238 C CA   . HIS A 1 87  ? -4.771  9.769   -0.448  1.00 41.45  ? 87  HIS A CA   1 
ATOM   1239 C C    . HIS A 1 87  ? -3.806  10.392  0.553   1.00 43.61  ? 87  HIS A C    1 
ATOM   1240 O O    . HIS A 1 87  ? -4.225  11.216  1.374   1.00 46.47  ? 87  HIS A O    1 
ATOM   1241 C CB   . HIS A 1 87  ? -5.308  8.448   0.116   1.00 45.49  ? 87  HIS A CB   1 
ATOM   1242 C CG   . HIS A 1 87  ? -6.585  7.994   -0.519  1.00 46.09  ? 87  HIS A CG   1 
ATOM   1243 N ND1  . HIS A 1 87  ? -7.816  8.181   0.073   1.00 42.31  ? 87  HIS A ND1  1 
ATOM   1244 C CD2  . HIS A 1 87  ? -6.823  7.358   -1.691  1.00 46.38  ? 87  HIS A CD2  1 
ATOM   1245 C CE1  . HIS A 1 87  ? -8.757  7.681   -0.709  1.00 52.08  ? 87  HIS A CE1  1 
ATOM   1246 N NE2  . HIS A 1 87  ? -8.181  7.176   -1.786  1.00 44.51  ? 87  HIS A NE2  1 
ATOM   1247 H H    . HIS A 1 87  ? -3.755  8.799   -1.839  1.00 50.04  ? 87  HIS A H    1 
ATOM   1248 H HA   . HIS A 1 87  ? -5.513  10.384  -0.557  1.00 50.18  ? 87  HIS A HA   1 
ATOM   1249 H HB2  . HIS A 1 87  ? -4.644  7.755   -0.028  1.00 55.02  ? 87  HIS A HB2  1 
ATOM   1250 H HB3  . HIS A 1 87  ? -5.473  8.558   1.065   1.00 55.02  ? 87  HIS A HB3  1 
ATOM   1251 H HD2  . HIS A 1 87  ? -6.186  7.094   -2.315  1.00 56.08  ? 87  HIS A HD2  1 
ATOM   1252 H HE1  . HIS A 1 87  ? -9.670  7.684   -0.531  1.00 62.93  ? 87  HIS A HE1  1 
ATOM   1253 H HE2  . HIS A 1 87  ? -8.590  6.796   -2.439  1.00 53.84  ? 87  HIS A HE2  1 
ATOM   1254 N N    . PHE A 1 88  ? -2.523  10.021  0.512   1.00 44.72  ? 88  PHE A N    1 
ATOM   1255 C CA   . PHE A 1 88  ? -1.559  10.460  1.515   1.00 38.63  ? 88  PHE A CA   1 
ATOM   1256 C C    . PHE A 1 88  ? -0.373  11.212  0.923   1.00 41.13  ? 88  PHE A C    1 
ATOM   1257 O O    . PHE A 1 88  ? 0.574   11.533  1.654   1.00 45.67  ? 88  PHE A O    1 
ATOM   1258 C CB   . PHE A 1 88  ? -1.054  9.256   2.322   1.00 37.92  ? 88  PHE A CB   1 
ATOM   1259 C CG   . PHE A 1 88  ? -2.152  8.369   2.840   1.00 46.08  ? 88  PHE A CG   1 
ATOM   1260 C CD1  . PHE A 1 88  ? -3.265  8.913   3.453   1.00 46.71  ? 88  PHE A CD1  1 
ATOM   1261 C CD2  . PHE A 1 88  ? -2.067  6.989   2.715   1.00 46.89  ? 88  PHE A CD2  1 
ATOM   1262 C CE1  . PHE A 1 88  ? -4.277  8.099   3.933   1.00 48.66  ? 88  PHE A CE1  1 
ATOM   1263 C CE2  . PHE A 1 88  ? -3.075  6.172   3.192   1.00 42.20  ? 88  PHE A CE2  1 
ATOM   1264 C CZ   . PHE A 1 88  ? -4.180  6.727   3.801   1.00 41.61  ? 88  PHE A CZ   1 
ATOM   1265 H H    . PHE A 1 88  ? -2.187  9.512   -0.094  1.00 54.09  ? 88  PHE A H    1 
ATOM   1266 H HA   . PHE A 1 88  ? -2.012  11.068  2.119   1.00 46.78  ? 88  PHE A HA   1 
ATOM   1267 H HB2  . PHE A 1 88  ? -0.482  8.718   1.752   1.00 45.93  ? 88  PHE A HB2  1 
ATOM   1268 H HB3  . PHE A 1 88  ? -0.551  9.581   3.086   1.00 45.93  ? 88  PHE A HB3  1 
ATOM   1269 H HD1  . PHE A 1 88  ? -3.336  9.835   3.545   1.00 56.49  ? 88  PHE A HD1  1 
ATOM   1270 H HD2  . PHE A 1 88  ? -1.323  6.610   2.306   1.00 56.70  ? 88  PHE A HD2  1 
ATOM   1271 H HE1  . PHE A 1 88  ? -5.022  8.475   4.344   1.00 58.82  ? 88  PHE A HE1  1 
ATOM   1272 H HE2  . PHE A 1 88  ? -3.007  5.250   3.101   1.00 51.07  ? 88  PHE A HE2  1 
ATOM   1273 H HZ   . PHE A 1 88  ? -4.859  6.179   4.123   1.00 50.37  ? 88  PHE A HZ   1 
ATOM   1274 N N    . SER A 1 89  ? -0.396  11.503  -0.376  1.00 39.88  ? 89  SER A N    1 
ATOM   1275 C CA   . SER A 1 89  ? 0.664   12.264  -1.039  1.00 45.74  ? 89  SER A CA   1 
ATOM   1276 C C    . SER A 1 89  ? 2.032   11.607  -0.880  1.00 45.35  ? 89  SER A C    1 
ATOM   1277 O O    . SER A 1 89  ? 3.063   12.284  -0.841  1.00 49.01  ? 89  SER A O    1 
ATOM   1278 C CB   . SER A 1 89  ? 0.709   13.707  -0.531  1.00 47.84  ? 89  SER A CB   1 
ATOM   1279 O OG   . SER A 1 89  ? -0.366  14.456  -1.070  1.00 66.56  ? 89  SER A OG   1 
ATOM   1280 H H    . SER A 1 89  ? -1.029  11.266  -0.908  1.00 48.29  ? 89  SER A H    1 
ATOM   1281 H HA   . SER A 1 89  ? 0.466   12.281  -1.989  1.00 55.32  ? 89  SER A HA   1 
ATOM   1282 H HB2  . SER A 1 89  ? 0.641   13.705  0.436   1.00 57.84  ? 89  SER A HB2  1 
ATOM   1283 H HB3  . SER A 1 89  ? 1.547   14.113  -0.803  1.00 57.84  ? 89  SER A HB3  1 
ATOM   1284 H HG   . SER A 1 89  ? -0.355  15.236  -0.761  1.00 80.30  ? 89  SER A HG   1 
ATOM   1285 N N    . ILE A 1 90  ? 2.055   10.280  -0.789  1.00 41.12  ? 90  ILE A N    1 
ATOM   1286 C CA   . ILE A 1 90  ? 3.296   9.521   -0.885  1.00 35.31  ? 90  ILE A CA   1 
ATOM   1287 C C    . ILE A 1 90  ? 3.557   9.307   -2.378  1.00 33.75  ? 90  ILE A C    1 
ATOM   1288 O O    . ILE A 1 90  ? 2.796   8.617   -3.053  1.00 41.89  ? 90  ILE A O    1 
ATOM   1289 C CB   . ILE A 1 90  ? 3.216   8.193   -0.139  1.00 38.96  ? 90  ILE A CB   1 
ATOM   1290 C CG1  . ILE A 1 90  ? 2.945   8.417   1.351   1.00 39.06  ? 90  ILE A CG1  1 
ATOM   1291 C CG2  . ILE A 1 90  ? 4.501   7.392   -0.321  1.00 32.95  ? 90  ILE A CG2  1 
ATOM   1292 C CD1  . ILE A 1 90  ? 2.212   7.252   2.018   1.00 38.35  ? 90  ILE A CD1  1 
ATOM   1293 H H    . ILE A 1 90  ? 1.357   9.792   -0.672  1.00 49.78  ? 90  ILE A H    1 
ATOM   1294 H HA   . ILE A 1 90  ? 4.026   10.027  -0.495  1.00 42.81  ? 90  ILE A HA   1 
ATOM   1295 H HB   . ILE A 1 90  ? 2.477   7.690   -0.515  1.00 47.18  ? 90  ILE A HB   1 
ATOM   1296 H HG12 . ILE A 1 90  ? 3.791   8.536   1.809   1.00 47.30  ? 90  ILE A HG12 1 
ATOM   1297 H HG13 . ILE A 1 90  ? 2.397   9.211   1.454   1.00 47.30  ? 90  ILE A HG13 1 
ATOM   1298 H HG21 . ILE A 1 90  ? 4.449   6.586   0.216   1.00 39.97  ? 90  ILE A HG21 1 
ATOM   1299 H HG22 . ILE A 1 90  ? 4.597   7.160   -1.258  1.00 39.97  ? 90  ILE A HG22 1 
ATOM   1300 H HG23 . ILE A 1 90  ? 5.253   7.933   -0.035  1.00 39.97  ? 90  ILE A HG23 1 
ATOM   1301 H HD11 . ILE A 1 90  ? 2.083   7.456   2.957   1.00 46.45  ? 90  ILE A HD11 1 
ATOM   1302 H HD12 . ILE A 1 90  ? 1.352   7.131   1.584   1.00 46.45  ? 90  ILE A HD12 1 
ATOM   1303 H HD13 . ILE A 1 90  ? 2.746   6.447   1.923   1.00 46.45  ? 90  ILE A HD13 1 
ATOM   1304 N N    . HIS A 1 91  ? 4.627   9.897   -2.893  1.00 42.31  ? 91  HIS A N    1 
ATOM   1305 C CA   . HIS A 1 91  ? 4.889   9.793   -4.319  1.00 42.74  ? 91  HIS A CA   1 
ATOM   1306 C C    . HIS A 1 91  ? 5.394   8.393   -4.666  1.00 40.14  ? 91  HIS A C    1 
ATOM   1307 O O    . HIS A 1 91  ? 6.231   7.840   -3.950  1.00 38.79  ? 91  HIS A O    1 
ATOM   1308 C CB   . HIS A 1 91  ? 5.917   10.825  -4.767  1.00 46.85  ? 91  HIS A CB   1 
ATOM   1309 C CG   . HIS A 1 91  ? 5.949   11.017  -6.248  1.00 47.30  ? 91  HIS A CG   1 
ATOM   1310 N ND1  . HIS A 1 91  ? 6.845   10.360  -7.065  1.00 41.82  ? 91  HIS A ND1  1 
ATOM   1311 C CD2  . HIS A 1 91  ? 5.176   11.770  -7.065  1.00 41.99  ? 91  HIS A CD2  1 
ATOM   1312 C CE1  . HIS A 1 91  ? 6.631   10.713  -8.320  1.00 40.47  ? 91  HIS A CE1  1 
ATOM   1313 N NE2  . HIS A 1 91  ? 5.626   11.568  -8.347  1.00 42.16  ? 91  HIS A NE2  1 
ATOM   1314 H H    . HIS A 1 91  ? 5.206   10.353  -2.447  1.00 51.20  ? 91  HIS A H    1 
ATOM   1315 H HA   . HIS A 1 91  ? 4.063   9.958   -4.800  1.00 51.73  ? 91  HIS A HA   1 
ATOM   1316 H HB2  . HIS A 1 91  ? 5.702   11.680  -4.360  1.00 56.65  ? 91  HIS A HB2  1 
ATOM   1317 H HB3  . HIS A 1 91  ? 6.798   10.536  -4.484  1.00 56.65  ? 91  HIS A HB3  1 
ATOM   1318 H HD2  . HIS A 1 91  ? 4.472   12.321  -6.806  1.00 50.82  ? 91  HIS A HD2  1 
ATOM   1319 H HE1  . HIS A 1 91  ? 7.108   10.409  -9.058  1.00 49.00  ? 91  HIS A HE1  1 
ATOM   1320 H HE2  . HIS A 1 91  ? 5.305   11.939  -9.053  1.00 51.03  ? 91  HIS A HE2  1 
ATOM   1321 N N    . PRO A 1 92  ? 4.910   7.805   -5.765  1.00 37.97  ? 92  PRO A N    1 
ATOM   1322 C CA   . PRO A 1 92  ? 5.339   6.437   -6.105  1.00 34.71  ? 92  PRO A CA   1 
ATOM   1323 C C    . PRO A 1 92  ? 6.843   6.266   -6.203  1.00 33.46  ? 92  PRO A C    1 
ATOM   1324 O O    . PRO A 1 92  ? 7.328   5.136   -6.064  1.00 38.00  ? 92  PRO A O    1 
ATOM   1325 C CB   . PRO A 1 92  ? 4.654   6.183   -7.456  1.00 37.32  ? 92  PRO A CB   1 
ATOM   1326 C CG   . PRO A 1 92  ? 3.429   7.050   -7.414  1.00 33.48  ? 92  PRO A CG   1 
ATOM   1327 C CD   . PRO A 1 92  ? 3.859   8.300   -6.679  1.00 37.59  ? 92  PRO A CD   1 
ATOM   1328 H HA   . PRO A 1 92  ? 4.997   5.813   -5.446  1.00 42.08  ? 92  PRO A HA   1 
ATOM   1329 H HB2  . PRO A 1 92  ? 5.242   6.441   -8.183  1.00 45.21  ? 92  PRO A HB2  1 
ATOM   1330 H HB3  . PRO A 1 92  ? 4.416   5.246   -7.539  1.00 45.21  ? 92  PRO A HB3  1 
ATOM   1331 H HG2  . PRO A 1 92  ? 3.143   7.261   -8.317  1.00 40.61  ? 92  PRO A HG2  1 
ATOM   1332 H HG3  . PRO A 1 92  ? 2.718   6.595   -6.938  1.00 40.61  ? 92  PRO A HG3  1 
ATOM   1333 H HD2  . PRO A 1 92  ? 4.219   8.958   -7.295  1.00 45.55  ? 92  PRO A HD2  1 
ATOM   1334 H HD3  . PRO A 1 92  ? 3.119   8.680   -6.181  1.00 45.55  ? 92  PRO A HD3  1 
ATOM   1335 N N    . THR A 1 93  ? 7.601   7.337   -6.445  1.00 36.23  ? 93  THR A N    1 
ATOM   1336 C CA   . THR A 1 93  ? 9.052   7.204   -6.495  1.00 35.89  ? 93  THR A CA   1 
ATOM   1337 C C    . THR A 1 93  ? 9.642   6.928   -5.121  1.00 32.99  ? 93  THR A C    1 
ATOM   1338 O O    . THR A 1 93  ? 10.800  6.508   -5.029  1.00 37.58  ? 93  THR A O    1 
ATOM   1339 C CB   . THR A 1 93  ? 9.693   8.467   -7.070  1.00 37.48  ? 93  THR A CB   1 
ATOM   1340 O OG1  . THR A 1 93  ? 9.152   9.620   -6.414  1.00 41.75  ? 93  THR A OG1  1 
ATOM   1341 C CG2  . THR A 1 93  ? 9.439   8.560   -8.568  1.00 44.85  ? 93  THR A CG2  1 
ATOM   1342 H H    . THR A 1 93  ? 7.304   8.133   -6.581  1.00 43.90  ? 93  THR A H    1 
ATOM   1343 H HA   . THR A 1 93  ? 9.268   6.465   -7.085  1.00 43.50  ? 93  THR A HA   1 
ATOM   1344 H HB   . THR A 1 93  ? 10.652  8.440   -6.930  1.00 45.41  ? 93  THR A HB   1 
ATOM   1345 H HG1  . THR A 1 93  ? 9.551   10.311  -6.674  1.00 50.53  ? 93  THR A HG1  1 
ATOM   1346 H HG21 . THR A 1 93  ? 9.630   9.456   -8.882  1.00 54.25  ? 93  THR A HG21 1 
ATOM   1347 H HG22 . THR A 1 93  ? 10.010  7.933   -9.040  1.00 54.25  ? 93  THR A HG22 1 
ATOM   1348 H HG23 . THR A 1 93  ? 8.513   8.349   -8.761  1.00 54.25  ? 93  THR A HG23 1 
ATOM   1349 N N    . ARG A 1 94  ? 8.877   7.167   -4.058  1.00 34.26  ? 94  ARG A N    1 
ATOM   1350 C CA   . ARG A 1 94  ? 9.309   6.918   -2.688  1.00 39.89  ? 94  ARG A CA   1 
ATOM   1351 C C    . ARG A 1 94  ? 8.504   5.790   -2.047  1.00 31.43  ? 94  ARG A C    1 
ATOM   1352 O O    . ARG A 1 94  ? 8.336   5.751   -0.827  1.00 34.43  ? 94  ARG A O    1 
ATOM   1353 C CB   . ARG A 1 94  ? 9.207   8.202   -1.865  1.00 35.78  ? 94  ARG A CB   1 
ATOM   1354 C CG   . ARG A 1 94  ? 10.129  9.307   -2.365  1.00 37.43  ? 94  ARG A CG   1 
ATOM   1355 C CD   . ARG A 1 94  ? 9.949   10.593  -1.581  1.00 40.37  ? 94  ARG A CD   1 
ATOM   1356 N NE   . ARG A 1 94  ? 10.387  10.464  -0.194  1.00 33.12  ? 94  ARG A NE   1 
ATOM   1357 C CZ   . ARG A 1 94  ? 11.658  10.393  0.188   1.00 33.62  ? 94  ARG A CZ   1 
ATOM   1358 N NH1  . ARG A 1 94  ? 12.631  10.438  -0.712  1.00 40.87  ? 94  ARG A NH1  1 
ATOM   1359 N NH2  . ARG A 1 94  ? 11.957  10.279  1.474   1.00 36.76  ? 94  ARG A NH2  1 
ATOM   1360 H H    . ARG A 1 94  ? 8.078   7.483   -4.108  1.00 41.54  ? 94  ARG A H    1 
ATOM   1361 H HA   . ARG A 1 94  ? 10.239  6.645   -2.690  1.00 48.30  ? 94  ARG A HA   1 
ATOM   1362 H HB2  . ARG A 1 94  ? 8.296   8.530   -1.907  1.00 43.37  ? 94  ARG A HB2  1 
ATOM   1363 H HB3  . ARG A 1 94  ? 9.447   8.005   -0.946  1.00 43.37  ? 94  ARG A HB3  1 
ATOM   1364 H HG2  . ARG A 1 94  ? 11.051  9.021   -2.271  1.00 45.35  ? 94  ARG A HG2  1 
ATOM   1365 H HG3  . ARG A 1 94  ? 9.932   9.491   -3.297  1.00 45.35  ? 94  ARG A HG3  1 
ATOM   1366 H HD2  . ARG A 1 94  ? 10.472  11.296  -1.998  1.00 48.87  ? 94  ARG A HD2  1 
ATOM   1367 H HD3  . ARG A 1 94  ? 9.010   10.836  -1.578  1.00 48.87  ? 94  ARG A HD3  1 
ATOM   1368 H HE   . ARG A 1 94  ? 9.783   10.431  0.417   1.00 40.18  ? 94  ARG A HE   1 
ATOM   1369 H HH11 . ARG A 1 94  ? 12.440  10.512  -1.548  1.00 49.47  ? 94  ARG A HH11 1 
ATOM   1370 H HH12 . ARG A 1 94  ? 13.452  10.392  -0.460  1.00 49.47  ? 94  ARG A HH12 1 
ATOM   1371 H HH21 . ARG A 1 94  ? 11.329  10.250  2.061   1.00 44.54  ? 94  ARG A HH21 1 
ATOM   1372 H HH22 . ARG A 1 94  ? 12.779  10.233  1.723   1.00 44.54  ? 94  ARG A HH22 1 
ATOM   1373 N N    . PHE A 1 95  ? 8.011   4.867   -2.868  1.00 35.39  ? 95  PHE A N    1 
ATOM   1374 C CA   . PHE A 1 95  ? 7.206   3.733   -2.428  1.00 33.07  ? 95  PHE A CA   1 
ATOM   1375 C C    . PHE A 1 95  ? 7.935   2.459   -2.836  1.00 32.32  ? 95  PHE A C    1 
ATOM   1376 O O    . PHE A 1 95  ? 8.101   2.192   -4.032  1.00 34.82  ? 95  PHE A O    1 
ATOM   1377 C CB   . PHE A 1 95  ? 5.808   3.799   -3.042  1.00 35.98  ? 95  PHE A CB   1 
ATOM   1378 C CG   . PHE A 1 95  ? 4.910   2.661   -2.650  1.00 35.94  ? 95  PHE A CG   1 
ATOM   1379 C CD1  . PHE A 1 95  ? 4.843   2.232   -1.334  1.00 46.78  ? 95  PHE A CD1  1 
ATOM   1380 C CD2  . PHE A 1 95  ? 4.127   2.027   -3.598  1.00 38.73  ? 95  PHE A CD2  1 
ATOM   1381 C CE1  . PHE A 1 95  ? 4.014   1.184   -0.974  1.00 37.73  ? 95  PHE A CE1  1 
ATOM   1382 C CE2  . PHE A 1 95  ? 3.297   0.981   -3.244  1.00 38.42  ? 95  PHE A CE2  1 
ATOM   1383 C CZ   . PHE A 1 95  ? 3.241   0.559   -1.931  1.00 38.04  ? 95  PHE A CZ   1 
ATOM   1384 H H    . PHE A 1 95  ? 8.134   4.878   -3.720  1.00 42.90  ? 95  PHE A H    1 
ATOM   1385 H HA   . PHE A 1 95  ? 7.116   3.737   -1.462  1.00 40.12  ? 95  PHE A HA   1 
ATOM   1386 H HB2  . PHE A 1 95  ? 5.382   4.623   -2.756  1.00 43.61  ? 95  PHE A HB2  1 
ATOM   1387 H HB3  . PHE A 1 95  ? 5.892   3.788   -4.009  1.00 43.61  ? 95  PHE A HB3  1 
ATOM   1388 H HD1  . PHE A 1 95  ? 5.360   2.653   -0.686  1.00 56.57  ? 95  PHE A HD1  1 
ATOM   1389 H HD2  . PHE A 1 95  ? 4.159   2.308   -4.484  1.00 46.91  ? 95  PHE A HD2  1 
ATOM   1390 H HE1  . PHE A 1 95  ? 3.978   0.901   -0.089  1.00 45.71  ? 95  PHE A HE1  1 
ATOM   1391 H HE2  . PHE A 1 95  ? 2.776   0.561   -3.891  1.00 46.53  ? 95  PHE A HE2  1 
ATOM   1392 H HZ   . PHE A 1 95  ? 2.681   -0.145  -1.692  1.00 46.08  ? 95  PHE A HZ   1 
ATOM   1393 N N    . ILE A 1 96  ? 8.383   1.686   -1.849  1.00 36.15  ? 96  ILE A N    1 
ATOM   1394 C CA   . ILE A 1 96  ? 9.027   0.394   -2.075  1.00 32.72  ? 96  ILE A CA   1 
ATOM   1395 C C    . ILE A 1 96  ? 8.027   -0.689  -1.685  1.00 33.08  ? 96  ILE A C    1 
ATOM   1396 O O    . ILE A 1 96  ? 7.537   -0.714  -0.549  1.00 33.79  ? 96  ILE A O    1 
ATOM   1397 C CB   . ILE A 1 96  ? 10.336  0.255   -1.287  1.00 30.29  ? 96  ILE A CB   1 
ATOM   1398 C CG1  . ILE A 1 96  ? 11.370  1.246   -1.828  1.00 29.06  ? 96  ILE A CG1  1 
ATOM   1399 C CG2  . ILE A 1 96  ? 10.853  -1.172  -1.371  1.00 31.67  ? 96  ILE A CG2  1 
ATOM   1400 C CD1  . ILE A 1 96  ? 12.743  1.143   -1.192  1.00 28.98  ? 96  ILE A CD1  1 
ATOM   1401 H H    . ILE A 1 96  ? 8.322   1.893   -1.017  1.00 43.81  ? 96  ILE A H    1 
ATOM   1402 H HA   . ILE A 1 96  ? 9.238   0.298   -3.017  1.00 39.70  ? 96  ILE A HA   1 
ATOM   1403 H HB   . ILE A 1 96  ? 10.169  0.460   -0.354  1.00 36.78  ? 96  ILE A HB   1 
ATOM   1404 H HG12 . ILE A 1 96  ? 11.476  1.092   -2.779  1.00 35.31  ? 96  ILE A HG12 1 
ATOM   1405 H HG13 . ILE A 1 96  ? 11.043  2.146   -1.672  1.00 35.31  ? 96  ILE A HG13 1 
ATOM   1406 H HG21 . ILE A 1 96  ? 11.736  -1.211  -0.972  1.00 38.44  ? 96  ILE A HG21 1 
ATOM   1407 H HG22 . ILE A 1 96  ? 10.246  -1.756  -0.890  1.00 38.44  ? 96  ILE A HG22 1 
ATOM   1408 H HG23 . ILE A 1 96  ? 10.898  -1.437  -2.303  1.00 38.44  ? 96  ILE A HG23 1 
ATOM   1409 H HD11 . ILE A 1 96  ? 13.202  1.992   -1.292  1.00 35.21  ? 96  ILE A HD11 1 
ATOM   1410 H HD12 . ILE A 1 96  ? 12.641  0.930   -0.252  1.00 35.21  ? 96  ILE A HD12 1 
ATOM   1411 H HD13 . ILE A 1 96  ? 13.244  0.442   -1.637  1.00 35.21  ? 96  ILE A HD13 1 
ATOM   1412 N N    . PHE A 1 97  ? 7.740   -1.599  -2.618  1.00 35.67  ? 97  PHE A N    1 
ATOM   1413 C CA   . PHE A 1 97  ? 6.665   -2.577  -2.466  1.00 34.92  ? 97  PHE A CA   1 
ATOM   1414 C C    . PHE A 1 97  ? 7.196   -3.972  -2.758  1.00 37.46  ? 97  PHE A C    1 
ATOM   1415 O O    . PHE A 1 97  ? 7.439   -4.318  -3.919  1.00 42.38  ? 97  PHE A O    1 
ATOM   1416 C CB   . PHE A 1 97  ? 5.501   -2.232  -3.399  1.00 39.35  ? 97  PHE A CB   1 
ATOM   1417 C CG   . PHE A 1 97  ? 4.214   -2.937  -3.071  1.00 40.26  ? 97  PHE A CG   1 
ATOM   1418 C CD1  . PHE A 1 97  ? 4.129   -3.837  -2.022  1.00 40.14  ? 97  PHE A CD1  1 
ATOM   1419 C CD2  . PHE A 1 97  ? 3.079   -2.691  -3.824  1.00 37.60  ? 97  PHE A CD2  1 
ATOM   1420 C CE1  . PHE A 1 97  ? 2.938   -4.477  -1.733  1.00 40.84  ? 97  PHE A CE1  1 
ATOM   1421 C CE2  . PHE A 1 97  ? 1.888   -3.326  -3.540  1.00 42.41  ? 97  PHE A CE2  1 
ATOM   1422 C CZ   . PHE A 1 97  ? 1.818   -4.221  -2.494  1.00 44.39  ? 97  PHE A CZ   1 
ATOM   1423 H H    . PHE A 1 97  ? 8.164   -1.669  -3.362  1.00 43.23  ? 97  PHE A H    1 
ATOM   1424 H HA   . PHE A 1 97  ? 6.359   -2.571  -1.545  1.00 42.33  ? 97  PHE A HA   1 
ATOM   1425 H HB2  . PHE A 1 97  ? 5.336   -1.277  -3.346  1.00 47.65  ? 97  PHE A HB2  1 
ATOM   1426 H HB3  . PHE A 1 97  ? 5.749   -2.476  -4.304  1.00 47.65  ? 97  PHE A HB3  1 
ATOM   1427 H HD1  . PHE A 1 97  ? 4.882   -4.013  -1.505  1.00 48.60  ? 97  PHE A HD1  1 
ATOM   1428 H HD2  . PHE A 1 97  ? 3.121   -2.089  -4.532  1.00 45.55  ? 97  PHE A HD2  1 
ATOM   1429 H HE1  . PHE A 1 97  ? 2.894   -5.080  -1.026  1.00 49.44  ? 97  PHE A HE1  1 
ATOM   1430 H HE2  . PHE A 1 97  ? 1.133   -3.150  -4.053  1.00 51.33  ? 97  PHE A HE2  1 
ATOM   1431 H HZ   . PHE A 1 97  ? 1.016   -4.651  -2.303  1.00 53.70  ? 97  PHE A HZ   1 
ATOM   1432 N N    . LYS A 1 98  ? 7.355   -4.776  -1.708  1.00 42.59  ? 98  LYS A N    1 
ATOM   1433 C CA   . LYS A 1 98  ? 7.745   -6.174  -1.846  1.00 43.22  ? 98  LYS A CA   1 
ATOM   1434 C C    . LYS A 1 98  ? 6.488   -7.020  -2.030  1.00 40.10  ? 98  LYS A C    1 
ATOM   1435 O O    . LYS A 1 98  ? 5.581   -6.985  -1.192  1.00 39.58  ? 98  LYS A O    1 
ATOM   1436 C CB   . LYS A 1 98  ? 8.532   -6.647  -0.623  1.00 43.15  ? 98  LYS A CB   1 
ATOM   1437 C CG   . LYS A 1 98  ? 8.464   -8.155  -0.383  1.00 53.07  ? 98  LYS A CG   1 
ATOM   1438 C CD   . LYS A 1 98  ? 9.382   -8.597  0.754   1.00 55.53  ? 98  LYS A CD   1 
ATOM   1439 C CE   . LYS A 1 98  ? 9.013   -9.986  1.263   1.00 57.10  ? 98  LYS A CE   1 
ATOM   1440 N NZ   . LYS A 1 98  ? 9.648   -10.297 2.581   1.00 64.39  ? 98  LYS A NZ   1 
ATOM   1441 H H    . LYS A 1 98  ? 7.240   -4.528  -0.892  1.00 51.53  ? 98  LYS A H    1 
ATOM   1442 H HA   . LYS A 1 98  ? 8.310   -6.274  -2.627  1.00 52.30  ? 98  LYS A HA   1 
ATOM   1443 H HB2  . LYS A 1 98  ? 9.466   -6.409  -0.744  1.00 52.21  ? 98  LYS A HB2  1 
ATOM   1444 H HB3  . LYS A 1 98  ? 8.178   -6.206  0.165   1.00 52.21  ? 98  LYS A HB3  1 
ATOM   1445 H HG2  . LYS A 1 98  ? 7.555   -8.401  -0.152  1.00 64.12  ? 98  LYS A HG2  1 
ATOM   1446 H HG3  . LYS A 1 98  ? 8.737   -8.620  -1.190  1.00 64.12  ? 98  LYS A HG3  1 
ATOM   1447 H HD2  . LYS A 1 98  ? 10.298  -8.621  0.438   1.00 67.07  ? 98  LYS A HD2  1 
ATOM   1448 H HD3  . LYS A 1 98  ? 9.303   -7.970  1.492   1.00 67.07  ? 98  LYS A HD3  1 
ATOM   1449 H HE2  . LYS A 1 98  ? 8.051   -10.039 1.373   1.00 68.96  ? 98  LYS A HE2  1 
ATOM   1450 H HE3  . LYS A 1 98  ? 9.311   -10.648 0.622   1.00 68.96  ? 98  LYS A HE3  1 
ATOM   1451 H HZ1  . LYS A 1 98  ? 9.365   -11.086 2.875   1.00 77.70  ? 98  LYS A HZ1  1 
ATOM   1452 H HZ2  . LYS A 1 98  ? 10.534  -10.321 2.493   1.00 77.70  ? 98  LYS A HZ2  1 
ATOM   1453 H HZ3  . LYS A 1 98  ? 9.434   -9.671  3.176   1.00 77.70  ? 98  LYS A HZ3  1 
ATOM   1454 N N    . VAL A 1 99  ? 6.439   -7.784  -3.114  1.00 40.24  ? 99  VAL A N    1 
ATOM   1455 C CA   . VAL A 1 99  ? 5.314   -8.662  -3.412  1.00 47.42  ? 99  VAL A CA   1 
ATOM   1456 C C    . VAL A 1 99  ? 5.778   -10.089 -3.144  1.00 47.51  ? 99  VAL A C    1 
ATOM   1457 O O    . VAL A 1 99  ? 6.552   -10.658 -3.924  1.00 51.72  ? 99  VAL A O    1 
ATOM   1458 C CB   . VAL A 1 99  ? 4.826   -8.484  -4.854  1.00 45.94  ? 99  VAL A CB   1 
ATOM   1459 C CG1  . VAL A 1 99  ? 3.852   -9.580  -5.233  1.00 50.98  ? 99  VAL A CG1  1 
ATOM   1460 C CG2  . VAL A 1 99  ? 4.172   -7.117  -5.025  1.00 43.55  ? 99  VAL A CG2  1 
ATOM   1461 H H    . VAL A 1 99  ? 7.062   -7.811  -3.706  1.00 48.72  ? 99  VAL A H    1 
ATOM   1462 H HA   . VAL A 1 99  ? 4.575   -8.467  -2.816  1.00 57.34  ? 99  VAL A HA   1 
ATOM   1463 H HB   . VAL A 1 99  ? 5.589   -8.540  -5.449  1.00 55.56  ? 99  VAL A HB   1 
ATOM   1464 H HG11 . VAL A 1 99  ? 3.461   -9.372  -6.096  1.00 61.61  ? 99  VAL A HG11 1 
ATOM   1465 H HG12 . VAL A 1 99  ? 4.328   -10.424 -5.280  1.00 61.61  ? 99  VAL A HG12 1 
ATOM   1466 H HG13 . VAL A 1 99  ? 3.156   -9.631  -4.559  1.00 61.61  ? 99  VAL A HG13 1 
ATOM   1467 H HG21 . VAL A 1 99  ? 3.864   -7.026  -5.941  1.00 52.69  ? 99  VAL A HG21 1 
ATOM   1468 H HG22 . VAL A 1 99  ? 3.421   -7.048  -4.416  1.00 52.69  ? 99  VAL A HG22 1 
ATOM   1469 H HG23 . VAL A 1 99  ? 4.824   -6.428  -4.826  1.00 52.69  ? 99  VAL A HG23 1 
ATOM   1470 N N    . PHE A 1 100 ? 5.316   -10.665 -2.038  1.00 50.49  ? 100 PHE A N    1 
ATOM   1471 C CA   . PHE A 1 100 ? 5.732   -12.009 -1.643  1.00 52.33  ? 100 PHE A CA   1 
ATOM   1472 C C    . PHE A 1 100 ? 4.842   -13.064 -2.291  1.00 49.29  ? 100 PHE A C    1 
ATOM   1473 O O    . PHE A 1 100 ? 3.781   -13.400 -1.765  1.00 60.94  ? 100 PHE A O    1 
ATOM   1474 C CB   . PHE A 1 100 ? 5.699   -12.155 -0.119  1.00 46.84  ? 100 PHE A CB   1 
ATOM   1475 H H    . PHE A 1 100 ? 4.758   -10.296 -1.497  1.00 61.02  ? 100 PHE A H    1 
ATOM   1476 H HA   . PHE A 1 100 ? 6.642   -12.158 -1.939  1.00 63.22  ? 100 PHE A HA   1 
HETATM 1477 O O    . HOH B 2 .   ? 0.351   7.951   12.665  1.00 40.26  ? 201 HOH A O    1 
HETATM 1478 O O    . HOH B 2 .   ? -1.995  -12.279 -15.034 1.00 39.74  ? 202 HOH A O    1 
HETATM 1479 O O    . HOH B 2 .   ? 5.509   -2.467  6.123   1.00 38.13  ? 203 HOH A O    1 
HETATM 1480 O O    . HOH B 2 .   ? 6.428   11.404  -1.295  1.00 37.59  ? 204 HOH A O    1 
HETATM 1481 O O    . HOH B 2 .   ? 6.465   2.683   -6.801  1.00 45.45  ? 205 HOH A O    1 
HETATM 1482 O O    . HOH B 2 .   ? 2.953   5.851   -3.854  1.00 36.02  ? 206 HOH A O    1 
HETATM 1483 O O    . HOH B 2 .   ? 6.743   14.831  2.393   1.00 46.86  ? 207 HOH A O    1 
HETATM 1484 O O    . HOH B 2 .   ? -5.594  -8.880  -12.327 1.00 52.63  ? 208 HOH A O    1 
HETATM 1485 O O    . HOH B 2 .   ? -13.025 5.555   -0.998  1.00 51.50  ? 209 HOH A O    1 
HETATM 1486 O O    . HOH B 2 .   ? -8.107  10.424  1.798   1.00 47.99  ? 210 HOH A O    1 
HETATM 1487 O O    . HOH B 2 .   ? -1.913  2.831   12.830  1.00 46.01  ? 211 HOH A O    1 
HETATM 1488 O O    . HOH B 2 .   ? -4.342  -14.056 -2.079  1.00 53.03  ? 212 HOH A O    1 
HETATM 1489 O O    . HOH B 2 .   ? -15.606 -8.742  -2.902  1.00 44.06  ? 213 HOH A O    1 
HETATM 1490 O O    . HOH B 2 .   ? 4.015   -1.447  -12.058 1.00 41.88  ? 214 HOH A O    1 
HETATM 1491 O O    . HOH B 2 .   ? -11.346 -6.167  4.424   1.00 44.65  ? 215 HOH A O    1 
HETATM 1492 O O    . HOH B 2 .   ? 12.925  11.188  -3.571  1.00 40.63  ? 216 HOH A O    1 
HETATM 1493 O O    . HOH B 2 .   ? -0.159  5.144   12.818  1.00 46.89  ? 217 HOH A O    1 
HETATM 1494 O O    . HOH B 2 .   ? -10.648 1.038   -5.850  1.00 51.62  ? 218 HOH A O    1 
HETATM 1495 O O    . HOH B 2 .   ? -16.199 -9.514  0.482   1.00 49.45  ? 219 HOH A O    1 
HETATM 1496 O O    . HOH B 2 .   ? 2.139   -17.820 -12.138 1.00 53.50  ? 220 HOH A O    1 
HETATM 1497 O O    . HOH B 2 .   ? 8.858   -8.031  -4.968  1.00 42.57  ? 221 HOH A O    1 
HETATM 1498 O O    . HOH B 2 .   ? 2.576   13.733  7.861   1.00 45.40  ? 222 HOH A O    1 
HETATM 1499 O O    . HOH B 2 .   ? -6.665  7.258   11.908  1.00 55.13  ? 223 HOH A O    1 
HETATM 1500 O O    . HOH B 2 .   ? 10.012  -13.449 2.711   0.33 35.10  ? 224 HOH A O    1 
HETATM 1501 O O    . HOH B 2 .   ? -17.806 -7.680  0.718   1.00 54.62  ? 225 HOH A O    1 
HETATM 1502 O O    . HOH B 2 .   ? 6.322   -5.022  6.969   1.00 43.71  ? 226 HOH A O    1 
HETATM 1503 O O    . HOH B 2 .   ? 8.096   10.587  11.649  1.00 45.65  ? 227 HOH A O    1 
HETATM 1504 O O    . HOH B 2 .   ? 10.429  12.045  10.079  1.00 43.84  ? 228 HOH A O    1 
HETATM 1505 O O    . HOH B 2 .   ? -3.542  -10.024 -15.880 1.00 49.90  ? 229 HOH A O    1 
HETATM 1506 O O    . HOH B 2 .   ? 4.667   1.209   -11.622 1.00 48.33  ? 230 HOH A O    1 
HETATM 1507 O O    . HOH B 2 .   ? -10.909 11.529  1.008   1.00 50.95  ? 231 HOH A O    1 
HETATM 1508 O O    . HOH B 2 .   ? 6.186   -2.357  -11.718 1.00 53.64  ? 232 HOH A O    1 
# 
